data_1MEO
# 
_entry.id   1MEO 
# 
_audit_conform.dict_name       mmcif_pdbx.dic 
_audit_conform.dict_version    5.386 
_audit_conform.dict_location   http://mmcif.pdb.org/dictionaries/ascii/mmcif_pdbx.dic 
# 
loop_
_database_2.database_id 
_database_2.database_code 
_database_2.pdbx_database_accession 
_database_2.pdbx_DOI 
PDB   1MEO         pdb_00001meo 10.2210/pdb1meo/pdb 
RCSB  RCSB016856   ?            ?                   
WWPDB D_1000016856 ?            ?                   
# 
loop_
_pdbx_audit_revision_history.ordinal 
_pdbx_audit_revision_history.data_content_type 
_pdbx_audit_revision_history.major_revision 
_pdbx_audit_revision_history.minor_revision 
_pdbx_audit_revision_history.revision_date 
1 'Structure model' 1 0 2002-12-18 
2 'Structure model' 1 1 2008-04-28 
3 'Structure model' 1 2 2011-07-13 
4 'Structure model' 2 0 2024-02-14 
# 
_pdbx_audit_revision_details.ordinal             1 
_pdbx_audit_revision_details.revision_ordinal    1 
_pdbx_audit_revision_details.data_content_type   'Structure model' 
_pdbx_audit_revision_details.provider            repository 
_pdbx_audit_revision_details.type                'Initial release' 
_pdbx_audit_revision_details.description         ? 
_pdbx_audit_revision_details.details             ? 
# 
loop_
_pdbx_audit_revision_group.ordinal 
_pdbx_audit_revision_group.revision_ordinal 
_pdbx_audit_revision_group.data_content_type 
_pdbx_audit_revision_group.group 
1 2 'Structure model' 'Version format compliance' 
2 3 'Structure model' 'Version format compliance' 
3 4 'Structure model' 'Atomic model'              
4 4 'Structure model' 'Data collection'           
5 4 'Structure model' 'Database references'       
6 4 'Structure model' 'Derived calculations'      
7 4 'Structure model' 'Refinement description'    
# 
loop_
_pdbx_audit_revision_category.ordinal 
_pdbx_audit_revision_category.revision_ordinal 
_pdbx_audit_revision_category.data_content_type 
_pdbx_audit_revision_category.category 
1 4 'Structure model' atom_site                     
2 4 'Structure model' chem_comp_atom                
3 4 'Structure model' chem_comp_bond                
4 4 'Structure model' database_2                    
5 4 'Structure model' pdbx_initial_refinement_model 
6 4 'Structure model' struct_ref_seq_dif            
7 4 'Structure model' struct_site                   
# 
loop_
_pdbx_audit_revision_item.ordinal 
_pdbx_audit_revision_item.revision_ordinal 
_pdbx_audit_revision_item.data_content_type 
_pdbx_audit_revision_item.item 
1 4 'Structure model' '_atom_site.occupancy'                
2 4 'Structure model' '_database_2.pdbx_DOI'                
3 4 'Structure model' '_database_2.pdbx_database_accession' 
4 4 'Structure model' '_struct_ref_seq_dif.details'         
5 4 'Structure model' '_struct_site.pdbx_auth_asym_id'      
6 4 'Structure model' '_struct_site.pdbx_auth_comp_id'      
7 4 'Structure model' '_struct_site.pdbx_auth_seq_id'       
# 
_pdbx_database_status.status_code                     REL 
_pdbx_database_status.entry_id                        1MEO 
_pdbx_database_status.recvd_initial_deposition_date   2002-08-08 
_pdbx_database_status.deposit_site                    RCSB 
_pdbx_database_status.process_site                    RCSB 
_pdbx_database_status.status_code_sf                  REL 
_pdbx_database_status.SG_entry                        . 
_pdbx_database_status.pdb_format_compatible           Y 
_pdbx_database_status.status_code_mr                  ? 
_pdbx_database_status.status_code_cs                  ? 
_pdbx_database_status.status_code_nmr_data            ? 
_pdbx_database_status.methods_development_category    ? 
# 
loop_
_pdbx_database_related.db_name 
_pdbx_database_related.db_id 
_pdbx_database_related.details 
_pdbx_database_related.content_type 
PDB 1MEJ 'unliganded human GAR Tfase at pH 8.5'              unspecified 
PDB 1MEN 'HUMAN GAR TFASE COMPLEXED WITH SUBSTRATE BETA-GAR' unspecified 
# 
loop_
_audit_author.name 
_audit_author.pdbx_ordinal 
'Zhang, Y.'       1 
'Desharnais, J.'  2 
'Greasley, S.E.'  3 
'Beardsley, G.P.' 4 
'Boger, D.L.'     5 
'Wilson, I.A.'    6 
# 
_citation.id                        primary 
_citation.title                     'Crystal structures of human GAR Tfase of low and high pH and with substrate beta-GAR' 
_citation.journal_abbrev            Biochemistry 
_citation.journal_volume            41 
_citation.page_first                14206 
_citation.page_last                 14215 
_citation.year                      2002 
_citation.journal_id_ASTM           BICHAW 
_citation.country                   US 
_citation.journal_id_ISSN           0006-2960 
_citation.journal_id_CSD            0033 
_citation.book_publisher            ? 
_citation.pdbx_database_id_PubMed   12450384 
_citation.pdbx_database_id_DOI      10.1021/bi020522m 
# 
loop_
_citation_author.citation_id 
_citation_author.name 
_citation_author.ordinal 
_citation_author.identifier_ORCID 
primary 'Zhang, Y.'       1 ? 
primary 'Desharnais, J.'  2 ? 
primary 'Greasley, S.E.'  3 ? 
primary 'Beardsley, G.P.' 4 ? 
primary 'Boger, D.L.'     5 ? 
primary 'Wilson, I.A.'    6 ? 
# 
loop_
_entity.id 
_entity.type 
_entity.src_method 
_entity.pdbx_description 
_entity.formula_weight 
_entity.pdbx_number_of_molecules 
_entity.pdbx_ec 
_entity.pdbx_mutation 
_entity.pdbx_fragment 
_entity.details 
1 polymer     man 'Phosphoribosylglycinamide formyltransferase' 22678.941 1   2.1.2.2 ? 'Residues 808-1010' ? 
2 non-polymer syn 'PHOSPHATE ION'                               94.971    1   ?       ? ?                   ? 
3 non-polymer syn 'SULFATE ION'                                 96.063    1   ?       ? ?                   ? 
4 water       nat water                                         18.015    148 ?       ? ?                   ? 
# 
_entity_name_com.entity_id   1 
_entity_name_com.name        
;GART, GAR TRANSFORMYLASE, 5'-phosphoribosylglycinamide transformylase
;
# 
_entity_poly.entity_id                      1 
_entity_poly.type                           'polypeptide(L)' 
_entity_poly.nstd_linkage                   no 
_entity_poly.nstd_monomer                   no 
_entity_poly.pdbx_seq_one_letter_code       
;ARVAVLISGTGSNLQALIDSTREPNSSAQIDIVISNKAAVAGLDKAERAGIPTRVINHKLYKNRVEFDSAIDLVLEEFSI
DIVCLAGFMRILSGPFVQKWNGKMLNIHPSLLPSFKGSNAHEQALETGVTVTGCTVHFVAEDVDAGQIILQEAVPVKRGD
TVATLSERVKLAEHKIFPAALQLVASGTVQLGENGKICWVKEEHHHHHH
;
_entity_poly.pdbx_seq_one_letter_code_can   
;ARVAVLISGTGSNLQALIDSTREPNSSAQIDIVISNKAAVAGLDKAERAGIPTRVINHKLYKNRVEFDSAIDLVLEEFSI
DIVCLAGFMRILSGPFVQKWNGKMLNIHPSLLPSFKGSNAHEQALETGVTVTGCTVHFVAEDVDAGQIILQEAVPVKRGD
TVATLSERVKLAEHKIFPAALQLVASGTVQLGENGKICWVKEEHHHHHH
;
_entity_poly.pdbx_strand_id                 A 
_entity_poly.pdbx_target_identifier         ? 
# 
loop_
_pdbx_entity_nonpoly.entity_id 
_pdbx_entity_nonpoly.name 
_pdbx_entity_nonpoly.comp_id 
2 'PHOSPHATE ION' PO4 
3 'SULFATE ION'   SO4 
4 water           HOH 
# 
loop_
_entity_poly_seq.entity_id 
_entity_poly_seq.num 
_entity_poly_seq.mon_id 
_entity_poly_seq.hetero 
1 1   ALA n 
1 2   ARG n 
1 3   VAL n 
1 4   ALA n 
1 5   VAL n 
1 6   LEU n 
1 7   ILE n 
1 8   SER n 
1 9   GLY n 
1 10  THR n 
1 11  GLY n 
1 12  SER n 
1 13  ASN n 
1 14  LEU n 
1 15  GLN n 
1 16  ALA n 
1 17  LEU n 
1 18  ILE n 
1 19  ASP n 
1 20  SER n 
1 21  THR n 
1 22  ARG n 
1 23  GLU n 
1 24  PRO n 
1 25  ASN n 
1 26  SER n 
1 27  SER n 
1 28  ALA n 
1 29  GLN n 
1 30  ILE n 
1 31  ASP n 
1 32  ILE n 
1 33  VAL n 
1 34  ILE n 
1 35  SER n 
1 36  ASN n 
1 37  LYS n 
1 38  ALA n 
1 39  ALA n 
1 40  VAL n 
1 41  ALA n 
1 42  GLY n 
1 43  LEU n 
1 44  ASP n 
1 45  LYS n 
1 46  ALA n 
1 47  GLU n 
1 48  ARG n 
1 49  ALA n 
1 50  GLY n 
1 51  ILE n 
1 52  PRO n 
1 53  THR n 
1 54  ARG n 
1 55  VAL n 
1 56  ILE n 
1 57  ASN n 
1 58  HIS n 
1 59  LYS n 
1 60  LEU n 
1 61  TYR n 
1 62  LYS n 
1 63  ASN n 
1 64  ARG n 
1 65  VAL n 
1 66  GLU n 
1 67  PHE n 
1 68  ASP n 
1 69  SER n 
1 70  ALA n 
1 71  ILE n 
1 72  ASP n 
1 73  LEU n 
1 74  VAL n 
1 75  LEU n 
1 76  GLU n 
1 77  GLU n 
1 78  PHE n 
1 79  SER n 
1 80  ILE n 
1 81  ASP n 
1 82  ILE n 
1 83  VAL n 
1 84  CYS n 
1 85  LEU n 
1 86  ALA n 
1 87  GLY n 
1 88  PHE n 
1 89  MET n 
1 90  ARG n 
1 91  ILE n 
1 92  LEU n 
1 93  SER n 
1 94  GLY n 
1 95  PRO n 
1 96  PHE n 
1 97  VAL n 
1 98  GLN n 
1 99  LYS n 
1 100 TRP n 
1 101 ASN n 
1 102 GLY n 
1 103 LYS n 
1 104 MET n 
1 105 LEU n 
1 106 ASN n 
1 107 ILE n 
1 108 HIS n 
1 109 PRO n 
1 110 SER n 
1 111 LEU n 
1 112 LEU n 
1 113 PRO n 
1 114 SER n 
1 115 PHE n 
1 116 LYS n 
1 117 GLY n 
1 118 SER n 
1 119 ASN n 
1 120 ALA n 
1 121 HIS n 
1 122 GLU n 
1 123 GLN n 
1 124 ALA n 
1 125 LEU n 
1 126 GLU n 
1 127 THR n 
1 128 GLY n 
1 129 VAL n 
1 130 THR n 
1 131 VAL n 
1 132 THR n 
1 133 GLY n 
1 134 CYS n 
1 135 THR n 
1 136 VAL n 
1 137 HIS n 
1 138 PHE n 
1 139 VAL n 
1 140 ALA n 
1 141 GLU n 
1 142 ASP n 
1 143 VAL n 
1 144 ASP n 
1 145 ALA n 
1 146 GLY n 
1 147 GLN n 
1 148 ILE n 
1 149 ILE n 
1 150 LEU n 
1 151 GLN n 
1 152 GLU n 
1 153 ALA n 
1 154 VAL n 
1 155 PRO n 
1 156 VAL n 
1 157 LYS n 
1 158 ARG n 
1 159 GLY n 
1 160 ASP n 
1 161 THR n 
1 162 VAL n 
1 163 ALA n 
1 164 THR n 
1 165 LEU n 
1 166 SER n 
1 167 GLU n 
1 168 ARG n 
1 169 VAL n 
1 170 LYS n 
1 171 LEU n 
1 172 ALA n 
1 173 GLU n 
1 174 HIS n 
1 175 LYS n 
1 176 ILE n 
1 177 PHE n 
1 178 PRO n 
1 179 ALA n 
1 180 ALA n 
1 181 LEU n 
1 182 GLN n 
1 183 LEU n 
1 184 VAL n 
1 185 ALA n 
1 186 SER n 
1 187 GLY n 
1 188 THR n 
1 189 VAL n 
1 190 GLN n 
1 191 LEU n 
1 192 GLY n 
1 193 GLU n 
1 194 ASN n 
1 195 GLY n 
1 196 LYS n 
1 197 ILE n 
1 198 CYS n 
1 199 TRP n 
1 200 VAL n 
1 201 LYS n 
1 202 GLU n 
1 203 GLU n 
1 204 HIS n 
1 205 HIS n 
1 206 HIS n 
1 207 HIS n 
1 208 HIS n 
1 209 HIS n 
# 
_entity_src_gen.entity_id                          1 
_entity_src_gen.pdbx_src_id                        1 
_entity_src_gen.pdbx_alt_source_flag               sample 
_entity_src_gen.pdbx_seq_type                      ? 
_entity_src_gen.pdbx_beg_seq_num                   ? 
_entity_src_gen.pdbx_end_seq_num                   ? 
_entity_src_gen.gene_src_common_name               human 
_entity_src_gen.gene_src_genus                     Homo 
_entity_src_gen.pdbx_gene_src_gene                 GART 
_entity_src_gen.gene_src_species                   ? 
_entity_src_gen.gene_src_strain                    ? 
_entity_src_gen.gene_src_tissue                    ? 
_entity_src_gen.gene_src_tissue_fraction           ? 
_entity_src_gen.gene_src_details                   ? 
_entity_src_gen.pdbx_gene_src_fragment             ? 
_entity_src_gen.pdbx_gene_src_scientific_name      'Homo sapiens' 
_entity_src_gen.pdbx_gene_src_ncbi_taxonomy_id     9606 
_entity_src_gen.pdbx_gene_src_variant              ? 
_entity_src_gen.pdbx_gene_src_cell_line            ? 
_entity_src_gen.pdbx_gene_src_atcc                 ? 
_entity_src_gen.pdbx_gene_src_organ                ? 
_entity_src_gen.pdbx_gene_src_organelle            ? 
_entity_src_gen.pdbx_gene_src_cell                 ? 
_entity_src_gen.pdbx_gene_src_cellular_location    ? 
_entity_src_gen.host_org_common_name               ? 
_entity_src_gen.pdbx_host_org_scientific_name      'Escherichia coli' 
_entity_src_gen.pdbx_host_org_ncbi_taxonomy_id     562 
_entity_src_gen.host_org_genus                     Escherichia 
_entity_src_gen.pdbx_host_org_gene                 ? 
_entity_src_gen.pdbx_host_org_organ                ? 
_entity_src_gen.host_org_species                   ? 
_entity_src_gen.pdbx_host_org_tissue               ? 
_entity_src_gen.pdbx_host_org_tissue_fraction      ? 
_entity_src_gen.pdbx_host_org_strain               'BL21 (DE3) gold' 
_entity_src_gen.pdbx_host_org_variant              ? 
_entity_src_gen.pdbx_host_org_cell_line            ? 
_entity_src_gen.pdbx_host_org_atcc                 ? 
_entity_src_gen.pdbx_host_org_culture_collection   ? 
_entity_src_gen.pdbx_host_org_cell                 ? 
_entity_src_gen.pdbx_host_org_organelle            ? 
_entity_src_gen.pdbx_host_org_cellular_location    ? 
_entity_src_gen.pdbx_host_org_vector_type          plasmid 
_entity_src_gen.pdbx_host_org_vector               ? 
_entity_src_gen.host_org_details                   ? 
_entity_src_gen.expression_system_id               ? 
_entity_src_gen.plasmid_name                       pet22b 
_entity_src_gen.plasmid_details                    ? 
_entity_src_gen.pdbx_description                   ? 
# 
loop_
_chem_comp.id 
_chem_comp.type 
_chem_comp.mon_nstd_flag 
_chem_comp.name 
_chem_comp.pdbx_synonyms 
_chem_comp.formula 
_chem_comp.formula_weight 
ALA 'L-peptide linking' y ALANINE         ? 'C3 H7 N O2'     89.093  
ARG 'L-peptide linking' y ARGININE        ? 'C6 H15 N4 O2 1' 175.209 
ASN 'L-peptide linking' y ASPARAGINE      ? 'C4 H8 N2 O3'    132.118 
ASP 'L-peptide linking' y 'ASPARTIC ACID' ? 'C4 H7 N O4'     133.103 
CYS 'L-peptide linking' y CYSTEINE        ? 'C3 H7 N O2 S'   121.158 
GLN 'L-peptide linking' y GLUTAMINE       ? 'C5 H10 N2 O3'   146.144 
GLU 'L-peptide linking' y 'GLUTAMIC ACID' ? 'C5 H9 N O4'     147.129 
GLY 'peptide linking'   y GLYCINE         ? 'C2 H5 N O2'     75.067  
HIS 'L-peptide linking' y HISTIDINE       ? 'C6 H10 N3 O2 1' 156.162 
HOH non-polymer         . WATER           ? 'H2 O'           18.015  
ILE 'L-peptide linking' y ISOLEUCINE      ? 'C6 H13 N O2'    131.173 
LEU 'L-peptide linking' y LEUCINE         ? 'C6 H13 N O2'    131.173 
LYS 'L-peptide linking' y LYSINE          ? 'C6 H15 N2 O2 1' 147.195 
MET 'L-peptide linking' y METHIONINE      ? 'C5 H11 N O2 S'  149.211 
PHE 'L-peptide linking' y PHENYLALANINE   ? 'C9 H11 N O2'    165.189 
PO4 non-polymer         . 'PHOSPHATE ION' ? 'O4 P -3'        94.971  
PRO 'L-peptide linking' y PROLINE         ? 'C5 H9 N O2'     115.130 
SER 'L-peptide linking' y SERINE          ? 'C3 H7 N O3'     105.093 
SO4 non-polymer         . 'SULFATE ION'   ? 'O4 S -2'        96.063  
THR 'L-peptide linking' y THREONINE       ? 'C4 H9 N O3'     119.119 
TRP 'L-peptide linking' y TRYPTOPHAN      ? 'C11 H12 N2 O2'  204.225 
TYR 'L-peptide linking' y TYROSINE        ? 'C9 H11 N O3'    181.189 
VAL 'L-peptide linking' y VALINE          ? 'C5 H11 N O2'    117.146 
# 
loop_
_pdbx_poly_seq_scheme.asym_id 
_pdbx_poly_seq_scheme.entity_id 
_pdbx_poly_seq_scheme.seq_id 
_pdbx_poly_seq_scheme.mon_id 
_pdbx_poly_seq_scheme.ndb_seq_num 
_pdbx_poly_seq_scheme.pdb_seq_num 
_pdbx_poly_seq_scheme.auth_seq_num 
_pdbx_poly_seq_scheme.pdb_mon_id 
_pdbx_poly_seq_scheme.auth_mon_id 
_pdbx_poly_seq_scheme.pdb_strand_id 
_pdbx_poly_seq_scheme.pdb_ins_code 
_pdbx_poly_seq_scheme.hetero 
A 1 1   ALA 1   1   1   ALA ALA A . n 
A 1 2   ARG 2   2   2   ARG ARG A . n 
A 1 3   VAL 3   3   3   VAL VAL A . n 
A 1 4   ALA 4   4   4   ALA ALA A . n 
A 1 5   VAL 5   5   5   VAL VAL A . n 
A 1 6   LEU 6   6   6   LEU LEU A . n 
A 1 7   ILE 7   7   7   ILE ILE A . n 
A 1 8   SER 8   8   8   SER SER A . n 
A 1 9   GLY 9   9   9   GLY GLY A . n 
A 1 10  THR 10  10  10  THR THR A . n 
A 1 11  GLY 11  11  11  GLY GLY A . n 
A 1 12  SER 12  12  12  SER SER A . n 
A 1 13  ASN 13  13  13  ASN ASN A . n 
A 1 14  LEU 14  14  14  LEU LEU A . n 
A 1 15  GLN 15  15  15  GLN GLN A . n 
A 1 16  ALA 16  16  16  ALA ALA A . n 
A 1 17  LEU 17  17  17  LEU LEU A . n 
A 1 18  ILE 18  18  18  ILE ILE A . n 
A 1 19  ASP 19  19  19  ASP ASP A . n 
A 1 20  SER 20  20  20  SER SER A . n 
A 1 21  THR 21  21  21  THR THR A . n 
A 1 22  ARG 22  22  22  ARG ARG A . n 
A 1 23  GLU 23  23  23  GLU GLU A . n 
A 1 24  PRO 24  24  24  PRO PRO A . n 
A 1 25  ASN 25  25  25  ASN ASN A . n 
A 1 26  SER 26  26  26  SER SER A . n 
A 1 27  SER 27  27  27  SER SER A . n 
A 1 28  ALA 28  28  28  ALA ALA A . n 
A 1 29  GLN 29  29  29  GLN GLN A . n 
A 1 30  ILE 30  30  30  ILE ILE A . n 
A 1 31  ASP 31  31  31  ASP ASP A . n 
A 1 32  ILE 32  32  32  ILE ILE A . n 
A 1 33  VAL 33  33  33  VAL VAL A . n 
A 1 34  ILE 34  34  34  ILE ILE A . n 
A 1 35  SER 35  35  35  SER SER A . n 
A 1 36  ASN 36  36  36  ASN ASN A . n 
A 1 37  LYS 37  37  37  LYS LYS A . n 
A 1 38  ALA 38  38  38  ALA ALA A . n 
A 1 39  ALA 39  39  39  ALA ALA A . n 
A 1 40  VAL 40  40  40  VAL VAL A . n 
A 1 41  ALA 41  41  41  ALA ALA A . n 
A 1 42  GLY 42  42  42  GLY GLY A . n 
A 1 43  LEU 43  43  43  LEU LEU A . n 
A 1 44  ASP 44  44  44  ASP ASP A . n 
A 1 45  LYS 45  45  45  LYS LYS A . n 
A 1 46  ALA 46  46  46  ALA ALA A . n 
A 1 47  GLU 47  47  47  GLU GLU A . n 
A 1 48  ARG 48  48  48  ARG ARG A . n 
A 1 49  ALA 49  49  49  ALA ALA A . n 
A 1 50  GLY 50  50  50  GLY GLY A . n 
A 1 51  ILE 51  51  51  ILE ILE A . n 
A 1 52  PRO 52  52  52  PRO PRO A . n 
A 1 53  THR 53  53  53  THR THR A . n 
A 1 54  ARG 54  54  54  ARG ARG A . n 
A 1 55  VAL 55  55  55  VAL VAL A . n 
A 1 56  ILE 56  56  56  ILE ILE A . n 
A 1 57  ASN 57  57  57  ASN ASN A . n 
A 1 58  HIS 58  58  58  HIS HIS A . n 
A 1 59  LYS 59  59  59  LYS LYS A . n 
A 1 60  LEU 60  60  60  LEU LEU A . n 
A 1 61  TYR 61  61  61  TYR TYR A . n 
A 1 62  LYS 62  62  62  LYS LYS A . n 
A 1 63  ASN 63  63  63  ASN ASN A . n 
A 1 64  ARG 64  64  64  ARG ARG A . n 
A 1 65  VAL 65  65  65  VAL VAL A . n 
A 1 66  GLU 66  66  66  GLU GLU A . n 
A 1 67  PHE 67  67  67  PHE PHE A . n 
A 1 68  ASP 68  68  68  ASP ASP A . n 
A 1 69  SER 69  69  69  SER SER A . n 
A 1 70  ALA 70  70  70  ALA ALA A . n 
A 1 71  ILE 71  71  71  ILE ILE A . n 
A 1 72  ASP 72  72  72  ASP ASP A . n 
A 1 73  LEU 73  73  73  LEU LEU A . n 
A 1 74  VAL 74  74  74  VAL VAL A . n 
A 1 75  LEU 75  75  75  LEU LEU A . n 
A 1 76  GLU 76  76  76  GLU GLU A . n 
A 1 77  GLU 77  77  77  GLU GLU A . n 
A 1 78  PHE 78  78  78  PHE PHE A . n 
A 1 79  SER 79  79  79  SER SER A . n 
A 1 80  ILE 80  80  80  ILE ILE A . n 
A 1 81  ASP 81  81  81  ASP ASP A . n 
A 1 82  ILE 82  82  82  ILE ILE A . n 
A 1 83  VAL 83  83  83  VAL VAL A . n 
A 1 84  CYS 84  84  84  CYS CYS A . n 
A 1 85  LEU 85  85  85  LEU LEU A . n 
A 1 86  ALA 86  86  86  ALA ALA A . n 
A 1 87  GLY 87  87  87  GLY GLY A . n 
A 1 88  PHE 88  88  88  PHE PHE A . n 
A 1 89  MET 89  89  89  MET MET A . n 
A 1 90  ARG 90  90  90  ARG ARG A . n 
A 1 91  ILE 91  91  91  ILE ILE A . n 
A 1 92  LEU 92  92  92  LEU LEU A . n 
A 1 93  SER 93  93  93  SER SER A . n 
A 1 94  GLY 94  94  94  GLY GLY A . n 
A 1 95  PRO 95  95  95  PRO PRO A . n 
A 1 96  PHE 96  96  96  PHE PHE A . n 
A 1 97  VAL 97  97  97  VAL VAL A . n 
A 1 98  GLN 98  98  98  GLN GLN A . n 
A 1 99  LYS 99  99  99  LYS LYS A . n 
A 1 100 TRP 100 100 100 TRP TRP A . n 
A 1 101 ASN 101 101 101 ASN ASN A . n 
A 1 102 GLY 102 102 102 GLY GLY A . n 
A 1 103 LYS 103 103 103 LYS LYS A . n 
A 1 104 MET 104 104 104 MET MET A . n 
A 1 105 LEU 105 105 105 LEU LEU A . n 
A 1 106 ASN 106 106 106 ASN ASN A . n 
A 1 107 ILE 107 107 107 ILE ILE A . n 
A 1 108 HIS 108 108 108 HIS HIS A . n 
A 1 109 PRO 109 109 109 PRO PRO A . n 
A 1 110 SER 110 110 110 SER SER A . n 
A 1 111 LEU 111 111 111 LEU LEU A . n 
A 1 112 LEU 112 112 112 LEU LEU A . n 
A 1 113 PRO 113 113 113 PRO PRO A . n 
A 1 114 SER 114 114 114 SER SER A . n 
A 1 115 PHE 115 115 115 PHE PHE A . n 
A 1 116 LYS 116 116 116 LYS LYS A . n 
A 1 117 GLY 117 117 117 GLY GLY A . n 
A 1 118 SER 118 118 118 SER SER A . n 
A 1 119 ASN 119 119 119 ASN ASN A . n 
A 1 120 ALA 120 120 120 ALA ALA A . n 
A 1 121 HIS 121 121 121 HIS HIS A . n 
A 1 122 GLU 122 122 122 GLU GLU A . n 
A 1 123 GLN 123 123 123 GLN GLN A . n 
A 1 124 ALA 124 124 124 ALA ALA A . n 
A 1 125 LEU 125 125 125 LEU LEU A . n 
A 1 126 GLU 126 126 126 GLU GLU A . n 
A 1 127 THR 127 127 127 THR THR A . n 
A 1 128 GLY 128 128 128 GLY GLY A . n 
A 1 129 VAL 129 129 129 VAL VAL A . n 
A 1 130 THR 130 130 130 THR THR A . n 
A 1 131 VAL 131 131 131 VAL VAL A . n 
A 1 132 THR 132 132 132 THR THR A . n 
A 1 133 GLY 133 133 133 GLY GLY A . n 
A 1 134 CYS 134 134 134 CYS CYS A . n 
A 1 135 THR 135 135 135 THR THR A . n 
A 1 136 VAL 136 136 136 VAL VAL A . n 
A 1 137 HIS 137 137 137 HIS HIS A . n 
A 1 138 PHE 138 138 138 PHE PHE A . n 
A 1 139 VAL 139 139 139 VAL VAL A . n 
A 1 140 ALA 140 140 140 ALA ALA A . n 
A 1 141 GLU 141 141 141 GLU GLU A . n 
A 1 142 ASP 142 142 ?   ?   ?   A . n 
A 1 143 VAL 143 143 ?   ?   ?   A . n 
A 1 144 ASP 144 144 ?   ?   ?   A . n 
A 1 145 ALA 145 145 145 ALA ALA A . n 
A 1 146 GLY 146 146 146 GLY GLY A . n 
A 1 147 GLN 147 147 147 GLN GLN A . n 
A 1 148 ILE 148 148 148 ILE ILE A . n 
A 1 149 ILE 149 149 149 ILE ILE A . n 
A 1 150 LEU 150 150 150 LEU LEU A . n 
A 1 151 GLN 151 151 151 GLN GLN A . n 
A 1 152 GLU 152 152 152 GLU GLU A . n 
A 1 153 ALA 153 153 153 ALA ALA A . n 
A 1 154 VAL 154 154 154 VAL VAL A . n 
A 1 155 PRO 155 155 155 PRO PRO A . n 
A 1 156 VAL 156 156 156 VAL VAL A . n 
A 1 157 LYS 157 157 157 LYS LYS A . n 
A 1 158 ARG 158 158 158 ARG ARG A . n 
A 1 159 GLY 159 159 159 GLY GLY A . n 
A 1 160 ASP 160 160 160 ASP ASP A . n 
A 1 161 THR 161 161 161 THR THR A . n 
A 1 162 VAL 162 162 162 VAL VAL A . n 
A 1 163 ALA 163 163 163 ALA ALA A . n 
A 1 164 THR 164 164 164 THR THR A . n 
A 1 165 LEU 165 165 165 LEU LEU A . n 
A 1 166 SER 166 166 166 SER SER A . n 
A 1 167 GLU 167 167 167 GLU GLU A . n 
A 1 168 ARG 168 168 168 ARG ARG A . n 
A 1 169 VAL 169 169 169 VAL VAL A . n 
A 1 170 LYS 170 170 170 LYS LYS A . n 
A 1 171 LEU 171 171 171 LEU LEU A . n 
A 1 172 ALA 172 172 172 ALA ALA A . n 
A 1 173 GLU 173 173 173 GLU GLU A . n 
A 1 174 HIS 174 174 174 HIS HIS A . n 
A 1 175 LYS 175 175 175 LYS LYS A . n 
A 1 176 ILE 176 176 176 ILE ILE A . n 
A 1 177 PHE 177 177 177 PHE PHE A . n 
A 1 178 PRO 178 178 178 PRO PRO A . n 
A 1 179 ALA 179 179 179 ALA ALA A . n 
A 1 180 ALA 180 180 180 ALA ALA A . n 
A 1 181 LEU 181 181 181 LEU LEU A . n 
A 1 182 GLN 182 182 182 GLN GLN A . n 
A 1 183 LEU 183 183 183 LEU LEU A . n 
A 1 184 VAL 184 184 184 VAL VAL A . n 
A 1 185 ALA 185 185 185 ALA ALA A . n 
A 1 186 SER 186 186 186 SER SER A . n 
A 1 187 GLY 187 187 187 GLY GLY A . n 
A 1 188 THR 188 188 188 THR THR A . n 
A 1 189 VAL 189 189 189 VAL VAL A . n 
A 1 190 GLN 190 190 190 GLN GLN A . n 
A 1 191 LEU 191 191 191 LEU LEU A . n 
A 1 192 GLY 192 192 192 GLY GLY A . n 
A 1 193 GLU 193 193 193 GLU GLU A . n 
A 1 194 ASN 194 194 194 ASN ASN A . n 
A 1 195 GLY 195 195 195 GLY GLY A . n 
A 1 196 LYS 196 196 196 LYS LYS A . n 
A 1 197 ILE 197 197 197 ILE ILE A . n 
A 1 198 CYS 198 198 198 CYS CYS A . n 
A 1 199 TRP 199 199 199 TRP TRP A . n 
A 1 200 VAL 200 200 200 VAL VAL A . n 
A 1 201 LYS 201 201 201 LYS LYS A . n 
A 1 202 GLU 202 202 202 GLU GLU A . n 
A 1 203 GLU 203 203 203 GLU GLU A . n 
A 1 204 HIS 204 204 204 HIS HIS A . n 
A 1 205 HIS 205 205 205 HIS HIS A . n 
A 1 206 HIS 206 206 ?   ?   ?   A . n 
A 1 207 HIS 207 207 ?   ?   ?   A . n 
A 1 208 HIS 208 208 ?   ?   ?   A . n 
A 1 209 HIS 209 209 ?   ?   ?   A . n 
# 
loop_
_pdbx_nonpoly_scheme.asym_id 
_pdbx_nonpoly_scheme.entity_id 
_pdbx_nonpoly_scheme.mon_id 
_pdbx_nonpoly_scheme.ndb_seq_num 
_pdbx_nonpoly_scheme.pdb_seq_num 
_pdbx_nonpoly_scheme.auth_seq_num 
_pdbx_nonpoly_scheme.pdb_mon_id 
_pdbx_nonpoly_scheme.auth_mon_id 
_pdbx_nonpoly_scheme.pdb_strand_id 
_pdbx_nonpoly_scheme.pdb_ins_code 
B 2 PO4 1   210 210 PO4 PO4 A . 
C 3 SO4 1   211 211 SO4 SO4 A . 
D 4 HOH 1   212 1   HOH HOH A . 
D 4 HOH 2   213 2   HOH HOH A . 
D 4 HOH 3   214 3   HOH HOH A . 
D 4 HOH 4   215 4   HOH HOH A . 
D 4 HOH 5   216 5   HOH HOH A . 
D 4 HOH 6   217 6   HOH HOH A . 
D 4 HOH 7   218 7   HOH HOH A . 
D 4 HOH 8   219 8   HOH HOH A . 
D 4 HOH 9   220 9   HOH HOH A . 
D 4 HOH 10  221 10  HOH HOH A . 
D 4 HOH 11  222 11  HOH HOH A . 
D 4 HOH 12  223 12  HOH HOH A . 
D 4 HOH 13  224 13  HOH HOH A . 
D 4 HOH 14  225 14  HOH HOH A . 
D 4 HOH 15  226 15  HOH HOH A . 
D 4 HOH 16  227 16  HOH HOH A . 
D 4 HOH 17  228 17  HOH HOH A . 
D 4 HOH 18  229 18  HOH HOH A . 
D 4 HOH 19  230 19  HOH HOH A . 
D 4 HOH 20  231 20  HOH HOH A . 
D 4 HOH 21  232 21  HOH HOH A . 
D 4 HOH 22  233 22  HOH HOH A . 
D 4 HOH 23  234 23  HOH HOH A . 
D 4 HOH 24  235 24  HOH HOH A . 
D 4 HOH 25  236 25  HOH HOH A . 
D 4 HOH 26  237 26  HOH HOH A . 
D 4 HOH 27  238 27  HOH HOH A . 
D 4 HOH 28  239 28  HOH HOH A . 
D 4 HOH 29  240 29  HOH HOH A . 
D 4 HOH 30  241 30  HOH HOH A . 
D 4 HOH 31  242 31  HOH HOH A . 
D 4 HOH 32  243 32  HOH HOH A . 
D 4 HOH 33  244 33  HOH HOH A . 
D 4 HOH 34  245 34  HOH HOH A . 
D 4 HOH 35  246 35  HOH HOH A . 
D 4 HOH 36  247 36  HOH HOH A . 
D 4 HOH 37  248 37  HOH HOH A . 
D 4 HOH 38  249 38  HOH HOH A . 
D 4 HOH 39  250 39  HOH HOH A . 
D 4 HOH 40  251 40  HOH HOH A . 
D 4 HOH 41  252 41  HOH HOH A . 
D 4 HOH 42  253 42  HOH HOH A . 
D 4 HOH 43  254 43  HOH HOH A . 
D 4 HOH 44  255 44  HOH HOH A . 
D 4 HOH 45  256 45  HOH HOH A . 
D 4 HOH 46  257 46  HOH HOH A . 
D 4 HOH 47  258 47  HOH HOH A . 
D 4 HOH 48  259 48  HOH HOH A . 
D 4 HOH 49  260 49  HOH HOH A . 
D 4 HOH 50  261 50  HOH HOH A . 
D 4 HOH 51  262 51  HOH HOH A . 
D 4 HOH 52  263 52  HOH HOH A . 
D 4 HOH 53  264 53  HOH HOH A . 
D 4 HOH 54  265 54  HOH HOH A . 
D 4 HOH 55  266 55  HOH HOH A . 
D 4 HOH 56  267 56  HOH HOH A . 
D 4 HOH 57  268 57  HOH HOH A . 
D 4 HOH 58  269 58  HOH HOH A . 
D 4 HOH 59  270 59  HOH HOH A . 
D 4 HOH 60  271 60  HOH HOH A . 
D 4 HOH 61  272 61  HOH HOH A . 
D 4 HOH 62  273 62  HOH HOH A . 
D 4 HOH 63  274 63  HOH HOH A . 
D 4 HOH 64  275 64  HOH HOH A . 
D 4 HOH 65  276 65  HOH HOH A . 
D 4 HOH 66  277 67  HOH HOH A . 
D 4 HOH 67  278 68  HOH HOH A . 
D 4 HOH 68  279 69  HOH HOH A . 
D 4 HOH 69  280 70  HOH HOH A . 
D 4 HOH 70  281 71  HOH HOH A . 
D 4 HOH 71  282 72  HOH HOH A . 
D 4 HOH 72  283 73  HOH HOH A . 
D 4 HOH 73  284 74  HOH HOH A . 
D 4 HOH 74  285 75  HOH HOH A . 
D 4 HOH 75  286 76  HOH HOH A . 
D 4 HOH 76  287 77  HOH HOH A . 
D 4 HOH 77  288 78  HOH HOH A . 
D 4 HOH 78  289 79  HOH HOH A . 
D 4 HOH 79  290 80  HOH HOH A . 
D 4 HOH 80  291 81  HOH HOH A . 
D 4 HOH 81  292 82  HOH HOH A . 
D 4 HOH 82  293 83  HOH HOH A . 
D 4 HOH 83  294 84  HOH HOH A . 
D 4 HOH 84  295 85  HOH HOH A . 
D 4 HOH 85  296 86  HOH HOH A . 
D 4 HOH 86  297 87  HOH HOH A . 
D 4 HOH 87  298 88  HOH HOH A . 
D 4 HOH 88  299 89  HOH HOH A . 
D 4 HOH 89  300 90  HOH HOH A . 
D 4 HOH 90  301 91  HOH HOH A . 
D 4 HOH 91  302 92  HOH HOH A . 
D 4 HOH 92  303 93  HOH HOH A . 
D 4 HOH 93  304 94  HOH HOH A . 
D 4 HOH 94  305 95  HOH HOH A . 
D 4 HOH 95  306 96  HOH HOH A . 
D 4 HOH 96  307 97  HOH HOH A . 
D 4 HOH 97  308 98  HOH HOH A . 
D 4 HOH 98  309 99  HOH HOH A . 
D 4 HOH 99  310 100 HOH HOH A . 
D 4 HOH 100 311 101 HOH HOH A . 
D 4 HOH 101 312 102 HOH HOH A . 
D 4 HOH 102 313 103 HOH HOH A . 
D 4 HOH 103 314 104 HOH HOH A . 
D 4 HOH 104 315 105 HOH HOH A . 
D 4 HOH 105 316 106 HOH HOH A . 
D 4 HOH 106 317 107 HOH HOH A . 
D 4 HOH 107 318 108 HOH HOH A . 
D 4 HOH 108 319 109 HOH HOH A . 
D 4 HOH 109 320 110 HOH HOH A . 
D 4 HOH 110 321 111 HOH HOH A . 
D 4 HOH 111 322 112 HOH HOH A . 
D 4 HOH 112 323 113 HOH HOH A . 
D 4 HOH 113 324 114 HOH HOH A . 
D 4 HOH 114 325 115 HOH HOH A . 
D 4 HOH 115 326 116 HOH HOH A . 
D 4 HOH 116 327 117 HOH HOH A . 
D 4 HOH 117 328 118 HOH HOH A . 
D 4 HOH 118 329 119 HOH HOH A . 
D 4 HOH 119 330 120 HOH HOH A . 
D 4 HOH 120 331 121 HOH HOH A . 
D 4 HOH 121 332 122 HOH HOH A . 
D 4 HOH 122 333 123 HOH HOH A . 
D 4 HOH 123 334 124 HOH HOH A . 
D 4 HOH 124 335 125 HOH HOH A . 
D 4 HOH 125 336 126 HOH HOH A . 
D 4 HOH 126 337 127 HOH HOH A . 
D 4 HOH 127 338 128 HOH HOH A . 
D 4 HOH 128 339 129 HOH HOH A . 
D 4 HOH 129 340 130 HOH HOH A . 
D 4 HOH 130 341 131 HOH HOH A . 
D 4 HOH 131 342 132 HOH HOH A . 
D 4 HOH 132 343 133 HOH HOH A . 
D 4 HOH 133 344 134 HOH HOH A . 
D 4 HOH 134 345 135 HOH HOH A . 
D 4 HOH 135 346 136 HOH HOH A . 
D 4 HOH 136 347 137 HOH HOH A . 
D 4 HOH 137 348 138 HOH HOH A . 
D 4 HOH 138 349 139 HOH HOH A . 
D 4 HOH 139 350 140 HOH HOH A . 
D 4 HOH 140 351 141 HOH HOH A . 
D 4 HOH 141 352 142 HOH HOH A . 
D 4 HOH 142 353 143 HOH HOH A . 
D 4 HOH 143 354 144 HOH HOH A . 
D 4 HOH 144 355 145 HOH HOH A . 
D 4 HOH 145 356 146 HOH HOH A . 
D 4 HOH 146 357 147 HOH HOH A . 
D 4 HOH 147 358 148 HOH HOH A . 
D 4 HOH 148 359 149 HOH HOH A . 
# 
loop_
_software.name 
_software.classification 
_software.version 
_software.citation_id 
_software.pdbx_ordinal 
HKL-2000  'data collection' .   ? 1 
SCALEPACK 'data scaling'    .   ? 2 
AMoRE     phasing           .   ? 3 
REFMAC    refinement        5.0 ? 4 
HKL-2000  'data reduction'  .   ? 5 
# 
_cell.entry_id           1MEO 
_cell.length_a           78.130 
_cell.length_b           78.130 
_cell.length_c           230.910 
_cell.angle_alpha        90.00 
_cell.angle_beta         90.00 
_cell.angle_gamma        120.00 
_cell.Z_PDB              12 
_cell.pdbx_unique_axis   ? 
# 
_symmetry.entry_id                         1MEO 
_symmetry.space_group_name_H-M             'P 65 2 2' 
_symmetry.pdbx_full_space_group_name_H-M   ? 
_symmetry.cell_setting                     ? 
_symmetry.Int_Tables_number                179 
# 
_exptl.entry_id          1MEO 
_exptl.method            'X-RAY DIFFRACTION' 
_exptl.crystals_number   1 
# 
_exptl_crystal.id                    1 
_exptl_crystal.density_meas          ? 
_exptl_crystal.density_percent_sol   72.4 
_exptl_crystal.density_Matthews      4.5 
_exptl_crystal.description           ? 
# 
_exptl_crystal_grow.crystal_id      1 
_exptl_crystal_grow.method          'VAPOR DIFFUSION, SITTING DROP' 
_exptl_crystal_grow.temp            282 
_exptl_crystal_grow.temp_details    ? 
_exptl_crystal_grow.pH              4.2 
_exptl_crystal_grow.pdbx_details    
'1.9-2.1M Ammonium Sulfate, 100mM Na Acetate pH 4.2-4.6, VAPOR DIFFUSION, SITTING DROP, temperature 282K' 
_exptl_crystal_grow.pdbx_pH_range   . 
# 
_diffrn.id                     1 
_diffrn.ambient_temp           100 
_diffrn.ambient_temp_details   ? 
_diffrn.crystal_id             1 
# 
_diffrn_detector.diffrn_id              1 
_diffrn_detector.detector               CCD 
_diffrn_detector.type                   'ADSC QUANTUM 9' 
_diffrn_detector.pdbx_collection_date   2001-11-16 
_diffrn_detector.details                ? 
# 
_diffrn_radiation.diffrn_id                        1 
_diffrn_radiation.wavelength_id                    1 
_diffrn_radiation.pdbx_monochromatic_or_laue_m_l   M 
_diffrn_radiation.monochromator                    GRAPHITE 
_diffrn_radiation.pdbx_diffrn_protocol             'SINGLE WAVELENGTH' 
_diffrn_radiation.pdbx_scattering_type             x-ray 
# 
_diffrn_radiation_wavelength.id           1 
_diffrn_radiation_wavelength.wavelength   0.976 
_diffrn_radiation_wavelength.wt           1.0 
# 
_diffrn_source.diffrn_id                   1 
_diffrn_source.source                      SYNCHROTRON 
_diffrn_source.type                        'SSRL BEAMLINE BL11-1' 
_diffrn_source.pdbx_synchrotron_site       SSRL 
_diffrn_source.pdbx_synchrotron_beamline   BL11-1 
_diffrn_source.pdbx_wavelength             ? 
_diffrn_source.pdbx_wavelength_list        0.976 
# 
_reflns.entry_id                     1MEO 
_reflns.observed_criterion_sigma_F   ? 
_reflns.observed_criterion_sigma_I   -3 
_reflns.d_resolution_high            1.72 
_reflns.d_resolution_low             43.92 
_reflns.number_all                   ? 
_reflns.number_obs                   40379 
_reflns.percent_possible_obs         94.8 
_reflns.pdbx_Rmerge_I_obs            0.072 
_reflns.pdbx_Rsym_value              ? 
_reflns.pdbx_netI_over_sigmaI        23.4 
_reflns.B_iso_Wilson_estimate        ? 
_reflns.pdbx_redundancy              2.4 
_reflns.R_free_details               ? 
_reflns.limit_h_max                  ? 
_reflns.limit_h_min                  ? 
_reflns.limit_k_max                  ? 
_reflns.limit_k_min                  ? 
_reflns.limit_l_max                  ? 
_reflns.limit_l_min                  ? 
_reflns.observed_criterion_F_max     ? 
_reflns.observed_criterion_F_min     ? 
_reflns.pdbx_diffrn_id               1 
_reflns.pdbx_ordinal                 1 
# 
_reflns_shell.d_res_high             1.72 
_reflns_shell.d_res_low              1.78 
_reflns_shell.percent_possible_all   99.0 
_reflns_shell.Rmerge_I_obs           0.418 
_reflns_shell.pdbx_Rsym_value        ? 
_reflns_shell.meanI_over_sigI_obs    1.65 
_reflns_shell.pdbx_redundancy        1.9 
_reflns_shell.percent_possible_obs   ? 
_reflns_shell.number_unique_all      16675 
_reflns_shell.pdbx_diffrn_id         ? 
_reflns_shell.pdbx_ordinal           1 
# 
_refine.entry_id                                 1MEO 
_refine.ls_d_res_high                            1.72 
_refine.ls_d_res_low                             43.85 
_refine.pdbx_ls_sigma_F                          0 
_refine.pdbx_ls_sigma_I                          ? 
_refine.ls_number_reflns_all                     45030 
_refine.ls_number_reflns_obs                     40379 
_refine.ls_number_reflns_R_free                  4458 
_refine.ls_percent_reflns_obs                    ? 
_refine.ls_R_factor_all                          0.226 
_refine.ls_R_factor_obs                          0.226 
_refine.ls_R_factor_R_work                       0.223 
_refine.ls_R_factor_R_free                       0.24 
_refine.ls_redundancy_reflns_obs                 ? 
_refine.pdbx_data_cutoff_high_absF               ? 
_refine.pdbx_data_cutoff_low_absF                ? 
_refine.ls_number_parameters                     ? 
_refine.ls_number_restraints                     ? 
_refine.ls_percent_reflns_R_free                 ? 
_refine.ls_R_factor_R_free_error                 ? 
_refine.ls_R_factor_R_free_error_details         ? 
_refine.pdbx_method_to_determine_struct          'MOLECULAR REPLACEMENT' 
_refine.pdbx_starting_model                      'PDB ENTRY 1MEJ' 
_refine.pdbx_ls_cross_valid_method               THROUGHOUT 
_refine.pdbx_R_Free_selection_details            RANDOM 
_refine.pdbx_stereochem_target_val_spec_case     ? 
_refine.pdbx_stereochemistry_target_values       'Engh & Huber' 
_refine.solvent_model_details                    ? 
_refine.solvent_model_param_bsol                 ? 
_refine.solvent_model_param_ksol                 ? 
_refine.occupancy_max                            ? 
_refine.occupancy_min                            ? 
_refine.pdbx_isotropic_thermal_model             ? 
_refine.B_iso_mean                               18.691 
_refine.aniso_B[1][1]                            0.59 
_refine.aniso_B[1][2]                            0.29 
_refine.aniso_B[1][3]                            0.00 
_refine.aniso_B[2][2]                            0.59 
_refine.aniso_B[2][3]                            0.00 
_refine.aniso_B[3][3]                            -0.88 
_refine.details                                  ? 
_refine.B_iso_min                                ? 
_refine.B_iso_max                                ? 
_refine.correlation_coeff_Fo_to_Fc               .938 
_refine.correlation_coeff_Fo_to_Fc_free          .931 
_refine.pdbx_solvent_vdw_probe_radii             1.4 
_refine.pdbx_solvent_ion_probe_radii             .8 
_refine.pdbx_solvent_shrinkage_radii             .8 
_refine.overall_SU_R_Cruickshank_DPI             ? 
_refine.overall_SU_R_free                        ? 
_refine.overall_SU_B                             1.849 
_refine.overall_SU_ML                            .06 
_refine.pdbx_overall_ESU_R                       .09 
_refine.pdbx_overall_ESU_R_Free                  .088 
_refine.pdbx_data_cutoff_high_rms_absF           ? 
_refine.pdbx_refine_id                           'X-RAY DIFFRACTION' 
_refine.pdbx_diffrn_id                           1 
_refine.pdbx_TLS_residual_ADP_flag               ? 
_refine.pdbx_overall_phase_error                 ? 
_refine.pdbx_overall_SU_R_free_Cruickshank_DPI   ? 
_refine.pdbx_overall_SU_R_Blow_DPI               ? 
_refine.pdbx_overall_SU_R_free_Blow_DPI          ? 
# 
_refine_hist.pdbx_refine_id                   'X-RAY DIFFRACTION' 
_refine_hist.cycle_id                         LAST 
_refine_hist.pdbx_number_atoms_protein        1531 
_refine_hist.pdbx_number_atoms_nucleic_acid   0 
_refine_hist.pdbx_number_atoms_ligand         10 
_refine_hist.number_atoms_solvent             149 
_refine_hist.number_atoms_total               1690 
_refine_hist.d_res_high                       1.72 
_refine_hist.d_res_low                        43.85 
# 
loop_
_refine_ls_restr.type 
_refine_ls_restr.dev_ideal 
_refine_ls_restr.weight 
_refine_ls_restr.dev_ideal_target 
_refine_ls_restr.number 
_refine_ls_restr.pdbx_refine_id 
_refine_ls_restr.pdbx_restraint_function 
r_bond_refined_d         0.011  ? .021  1563 'X-RAY DIFFRACTION' ? 
r_angle_refined_deg      1.142  ? 1.954 2118 'X-RAY DIFFRACTION' ? 
r_dihedral_angle_1_deg   3.641  ? 3     200  'X-RAY DIFFRACTION' ? 
r_dihedral_angle_3_deg   13.217 ? 15    283  'X-RAY DIFFRACTION' ? 
r_chiral_restr           .077   ? .2    252  'X-RAY DIFFRACTION' ? 
r_gen_planes_refined     .004   ? .02   1143 'X-RAY DIFFRACTION' ? 
r_nbd_refined            .219   ? .2    679  'X-RAY DIFFRACTION' ? 
r_xyhbond_nbd_refined    .11    ? .2    159  'X-RAY DIFFRACTION' ? 
r_symmetry_hbond_refined .499   ? .2    19   'X-RAY DIFFRACTION' ? 
r_symmetry_vdw_refined   .154   ? .2    30   'X-RAY DIFFRACTION' ? 
r_mcbond_it              .57    ? 1.5   1001 'X-RAY DIFFRACTION' ? 
r_mcangle_it             1.135  ? 2     1612 'X-RAY DIFFRACTION' ? 
r_scbond_it              1.902  ? 3     563  'X-RAY DIFFRACTION' ? 
r_scangle_it             3.352  ? 4.5   507  'X-RAY DIFFRACTION' ? 
# 
_refine_ls_shell.pdbx_total_number_of_bins_used   ? 
_refine_ls_shell.d_res_high                       1.72 
_refine_ls_shell.d_res_low                        1.765 
_refine_ls_shell.number_reflns_R_work             2855 
_refine_ls_shell.R_factor_R_work                  0.304 
_refine_ls_shell.percent_reflns_obs               ? 
_refine_ls_shell.R_factor_R_free                  0.311 
_refine_ls_shell.R_factor_R_free_error            ? 
_refine_ls_shell.percent_reflns_R_free            ? 
_refine_ls_shell.number_reflns_R_free             337 
_refine_ls_shell.number_reflns_obs                2855 
_refine_ls_shell.redundancy_reflns_obs            ? 
_refine_ls_shell.number_reflns_all                ? 
_refine_ls_shell.pdbx_refine_id                   'X-RAY DIFFRACTION' 
_refine_ls_shell.R_factor_all                     ? 
# 
_struct.entry_id                  1MEO 
_struct.title                     'human glycinamide ribonucleotide Transformylase at pH 4.2' 
_struct.pdbx_model_details        ? 
_struct.pdbx_CASP_flag            ? 
_struct.pdbx_model_type_details   ? 
# 
_struct_keywords.entry_id        1MEO 
_struct_keywords.pdbx_keywords   TRANSFERASE 
_struct_keywords.text            'purine biosynthesis, Transferase' 
# 
loop_
_struct_asym.id 
_struct_asym.pdbx_blank_PDB_chainid_flag 
_struct_asym.pdbx_modified 
_struct_asym.entity_id 
_struct_asym.details 
A N N 1 ? 
B N N 2 ? 
C N N 3 ? 
D N N 4 ? 
# 
_struct_ref.id                         1 
_struct_ref.db_name                    UNP 
_struct_ref.db_code                    PUR2_HUMAN 
_struct_ref.entity_id                  1 
_struct_ref.pdbx_seq_one_letter_code   
;ARVAVLISGTGSNLQALIDSTREPNSSAQIDIVISNKAAVAGLDKAERAGIPTRVINHKLYKNRVEFDSAIDLVLEEFSI
DIVCLAGFMRILSGPFVQKWNGKMLNIHPSLLPSFKGSNAHEQALETGVTVTGCTVHFVAEDVDAGQIILQEAVPVKRGD
TVATLSERVKLAEHKIFPAALQLVASGTVQLGENGKICWVKEE
;
_struct_ref.pdbx_align_begin           808 
_struct_ref.pdbx_db_accession          P22102 
_struct_ref.pdbx_db_isoform            ? 
# 
_struct_ref_seq.align_id                      1 
_struct_ref_seq.ref_id                        1 
_struct_ref_seq.pdbx_PDB_id_code              1MEO 
_struct_ref_seq.pdbx_strand_id                A 
_struct_ref_seq.seq_align_beg                 1 
_struct_ref_seq.pdbx_seq_align_beg_ins_code   ? 
_struct_ref_seq.seq_align_end                 203 
_struct_ref_seq.pdbx_seq_align_end_ins_code   ? 
_struct_ref_seq.pdbx_db_accession             P22102 
_struct_ref_seq.db_align_beg                  808 
_struct_ref_seq.pdbx_db_align_beg_ins_code    ? 
_struct_ref_seq.db_align_end                  1010 
_struct_ref_seq.pdbx_db_align_end_ins_code    ? 
_struct_ref_seq.pdbx_auth_seq_align_beg       1 
_struct_ref_seq.pdbx_auth_seq_align_end       203 
# 
loop_
_struct_ref_seq_dif.align_id 
_struct_ref_seq_dif.pdbx_pdb_id_code 
_struct_ref_seq_dif.mon_id 
_struct_ref_seq_dif.pdbx_pdb_strand_id 
_struct_ref_seq_dif.seq_num 
_struct_ref_seq_dif.pdbx_pdb_ins_code 
_struct_ref_seq_dif.pdbx_seq_db_name 
_struct_ref_seq_dif.pdbx_seq_db_accession_code 
_struct_ref_seq_dif.db_mon_id 
_struct_ref_seq_dif.pdbx_seq_db_seq_num 
_struct_ref_seq_dif.details 
_struct_ref_seq_dif.pdbx_auth_seq_num 
_struct_ref_seq_dif.pdbx_ordinal 
1 1MEO HIS A 204 ? UNP P22102 ? ? 'expression tag' 204 1 
1 1MEO HIS A 205 ? UNP P22102 ? ? 'expression tag' 205 2 
1 1MEO HIS A 206 ? UNP P22102 ? ? 'expression tag' 206 3 
1 1MEO HIS A 207 ? UNP P22102 ? ? 'expression tag' 207 4 
1 1MEO HIS A 208 ? UNP P22102 ? ? 'expression tag' 208 5 
1 1MEO HIS A 209 ? UNP P22102 ? ? 'expression tag' 209 6 
# 
_pdbx_struct_assembly.id                   1 
_pdbx_struct_assembly.details              author_defined_assembly 
_pdbx_struct_assembly.method_details       ? 
_pdbx_struct_assembly.oligomeric_details   monomeric 
_pdbx_struct_assembly.oligomeric_count     1 
# 
_pdbx_struct_assembly_gen.assembly_id       1 
_pdbx_struct_assembly_gen.oper_expression   1 
_pdbx_struct_assembly_gen.asym_id_list      A,B,C,D 
# 
_pdbx_struct_oper_list.id                   1 
_pdbx_struct_oper_list.type                 'identity operation' 
_pdbx_struct_oper_list.name                 1_555 
_pdbx_struct_oper_list.symmetry_operation   x,y,z 
_pdbx_struct_oper_list.matrix[1][1]         1.0000000000 
_pdbx_struct_oper_list.matrix[1][2]         0.0000000000 
_pdbx_struct_oper_list.matrix[1][3]         0.0000000000 
_pdbx_struct_oper_list.vector[1]            0.0000000000 
_pdbx_struct_oper_list.matrix[2][1]         0.0000000000 
_pdbx_struct_oper_list.matrix[2][2]         1.0000000000 
_pdbx_struct_oper_list.matrix[2][3]         0.0000000000 
_pdbx_struct_oper_list.vector[2]            0.0000000000 
_pdbx_struct_oper_list.matrix[3][1]         0.0000000000 
_pdbx_struct_oper_list.matrix[3][2]         0.0000000000 
_pdbx_struct_oper_list.matrix[3][3]         1.0000000000 
_pdbx_struct_oper_list.vector[3]            0.0000000000 
# 
_struct_biol.id                    1 
_struct_biol.pdbx_parent_biol_id   ? 
_struct_biol.details               ? 
# 
loop_
_struct_conf.conf_type_id 
_struct_conf.id 
_struct_conf.pdbx_PDB_helix_id 
_struct_conf.beg_label_comp_id 
_struct_conf.beg_label_asym_id 
_struct_conf.beg_label_seq_id 
_struct_conf.pdbx_beg_PDB_ins_code 
_struct_conf.end_label_comp_id 
_struct_conf.end_label_asym_id 
_struct_conf.end_label_seq_id 
_struct_conf.pdbx_end_PDB_ins_code 
_struct_conf.beg_auth_comp_id 
_struct_conf.beg_auth_asym_id 
_struct_conf.beg_auth_seq_id 
_struct_conf.end_auth_comp_id 
_struct_conf.end_auth_asym_id 
_struct_conf.end_auth_seq_id 
_struct_conf.pdbx_PDB_helix_class 
_struct_conf.details 
_struct_conf.pdbx_PDB_helix_length 
HELX_P HELX_P1 1 ASN A 13  ? GLU A 23  ? ASN A 13  GLU A 23  1 ? 11 
HELX_P HELX_P2 2 VAL A 40  ? ALA A 49  ? VAL A 40  ALA A 49  1 ? 10 
HELX_P HELX_P3 3 ASN A 57  ? TYR A 61  ? ASN A 57  TYR A 61  5 ? 5  
HELX_P HELX_P4 4 ASN A 63  ? PHE A 78  ? ASN A 63  PHE A 78  1 ? 16 
HELX_P HELX_P5 5 SER A 93  ? TRP A 100 ? SER A 93  TRP A 100 1 ? 8  
HELX_P HELX_P6 6 ASN A 119 ? GLY A 128 ? ASN A 119 GLY A 128 1 ? 10 
HELX_P HELX_P7 7 THR A 161 ? SER A 186 ? THR A 161 SER A 186 1 ? 26 
# 
_struct_conf_type.id          HELX_P 
_struct_conf_type.criteria    ? 
_struct_conf_type.reference   ? 
# 
_struct_mon_prot_cis.pdbx_id                1 
_struct_mon_prot_cis.label_comp_id          LEU 
_struct_mon_prot_cis.label_seq_id           112 
_struct_mon_prot_cis.label_asym_id          A 
_struct_mon_prot_cis.label_alt_id           . 
_struct_mon_prot_cis.pdbx_PDB_ins_code      ? 
_struct_mon_prot_cis.auth_comp_id           LEU 
_struct_mon_prot_cis.auth_seq_id            112 
_struct_mon_prot_cis.auth_asym_id           A 
_struct_mon_prot_cis.pdbx_label_comp_id_2   PRO 
_struct_mon_prot_cis.pdbx_label_seq_id_2    113 
_struct_mon_prot_cis.pdbx_label_asym_id_2   A 
_struct_mon_prot_cis.pdbx_PDB_ins_code_2    ? 
_struct_mon_prot_cis.pdbx_auth_comp_id_2    PRO 
_struct_mon_prot_cis.pdbx_auth_seq_id_2     113 
_struct_mon_prot_cis.pdbx_auth_asym_id_2    A 
_struct_mon_prot_cis.pdbx_PDB_model_num     1 
_struct_mon_prot_cis.pdbx_omega_angle       6.42 
# 
loop_
_struct_sheet.id 
_struct_sheet.type 
_struct_sheet.number_strands 
_struct_sheet.details 
A ? 7 ? 
B ? 2 ? 
# 
loop_
_struct_sheet_order.sheet_id 
_struct_sheet_order.range_id_1 
_struct_sheet_order.range_id_2 
_struct_sheet_order.offset 
_struct_sheet_order.sense 
A 1 2 ? parallel      
A 2 3 ? parallel      
A 3 4 ? parallel      
A 4 5 ? parallel      
A 5 6 ? anti-parallel 
A 6 7 ? anti-parallel 
B 1 2 ? anti-parallel 
# 
loop_
_struct_sheet_range.sheet_id 
_struct_sheet_range.id 
_struct_sheet_range.beg_label_comp_id 
_struct_sheet_range.beg_label_asym_id 
_struct_sheet_range.beg_label_seq_id 
_struct_sheet_range.pdbx_beg_PDB_ins_code 
_struct_sheet_range.end_label_comp_id 
_struct_sheet_range.end_label_asym_id 
_struct_sheet_range.end_label_seq_id 
_struct_sheet_range.pdbx_end_PDB_ins_code 
_struct_sheet_range.beg_auth_comp_id 
_struct_sheet_range.beg_auth_asym_id 
_struct_sheet_range.beg_auth_seq_id 
_struct_sheet_range.end_auth_comp_id 
_struct_sheet_range.end_auth_asym_id 
_struct_sheet_range.end_auth_seq_id 
A 1 THR A 53  ? VAL A 55  ? THR A 53  VAL A 55  
A 2 GLN A 29  ? SER A 35  ? GLN A 29  SER A 35  
A 3 ARG A 2   ? ILE A 7   ? ARG A 2   ILE A 7   
A 4 ILE A 82  ? ALA A 86  ? ILE A 82  ALA A 86  
A 5 MET A 104 ? HIS A 108 ? MET A 104 HIS A 108 
A 6 VAL A 131 ? PHE A 138 ? VAL A 131 PHE A 138 
A 7 ILE A 148 ? PRO A 155 ? ILE A 148 PRO A 155 
B 1 VAL A 189 ? LEU A 191 ? VAL A 189 LEU A 191 
B 2 ILE A 197 ? TRP A 199 ? ILE A 197 TRP A 199 
# 
loop_
_pdbx_struct_sheet_hbond.sheet_id 
_pdbx_struct_sheet_hbond.range_id_1 
_pdbx_struct_sheet_hbond.range_id_2 
_pdbx_struct_sheet_hbond.range_1_label_atom_id 
_pdbx_struct_sheet_hbond.range_1_label_comp_id 
_pdbx_struct_sheet_hbond.range_1_label_asym_id 
_pdbx_struct_sheet_hbond.range_1_label_seq_id 
_pdbx_struct_sheet_hbond.range_1_PDB_ins_code 
_pdbx_struct_sheet_hbond.range_1_auth_atom_id 
_pdbx_struct_sheet_hbond.range_1_auth_comp_id 
_pdbx_struct_sheet_hbond.range_1_auth_asym_id 
_pdbx_struct_sheet_hbond.range_1_auth_seq_id 
_pdbx_struct_sheet_hbond.range_2_label_atom_id 
_pdbx_struct_sheet_hbond.range_2_label_comp_id 
_pdbx_struct_sheet_hbond.range_2_label_asym_id 
_pdbx_struct_sheet_hbond.range_2_label_seq_id 
_pdbx_struct_sheet_hbond.range_2_PDB_ins_code 
_pdbx_struct_sheet_hbond.range_2_auth_atom_id 
_pdbx_struct_sheet_hbond.range_2_auth_comp_id 
_pdbx_struct_sheet_hbond.range_2_auth_asym_id 
_pdbx_struct_sheet_hbond.range_2_auth_seq_id 
A 1 2 O ARG A 54  ? O ARG A 54  N SER A 35  ? N SER A 35  
A 2 3 O GLN A 29  ? O GLN A 29  N VAL A 3   ? N VAL A 3   
A 3 4 N ALA A 4   ? N ALA A 4   O CYS A 84  ? O CYS A 84  
A 4 5 N VAL A 83  ? N VAL A 83  O LEU A 105 ? O LEU A 105 
A 5 6 N ASN A 106 ? N ASN A 106 O HIS A 137 ? O HIS A 137 
A 6 7 N THR A 132 ? N THR A 132 O VAL A 154 ? O VAL A 154 
B 1 2 N GLN A 190 ? N GLN A 190 O CYS A 198 ? O CYS A 198 
# 
loop_
_struct_site.id 
_struct_site.pdbx_evidence_code 
_struct_site.pdbx_auth_asym_id 
_struct_site.pdbx_auth_comp_id 
_struct_site.pdbx_auth_seq_id 
_struct_site.pdbx_auth_ins_code 
_struct_site.pdbx_num_residues 
_struct_site.details 
AC1 Software A PO4 210 ? 10 'BINDING SITE FOR RESIDUE PO4 A 210' 
AC2 Software A SO4 211 ? 3  'BINDING SITE FOR RESIDUE SO4 A 211' 
# 
loop_
_struct_site_gen.id 
_struct_site_gen.site_id 
_struct_site_gen.pdbx_num_res 
_struct_site_gen.label_comp_id 
_struct_site_gen.label_asym_id 
_struct_site_gen.label_seq_id 
_struct_site_gen.pdbx_auth_ins_code 
_struct_site_gen.auth_comp_id 
_struct_site_gen.auth_asym_id 
_struct_site_gen.auth_seq_id 
_struct_site_gen.label_atom_id 
_struct_site_gen.label_alt_id 
_struct_site_gen.symmetry 
_struct_site_gen.details 
1  AC1 10 GLY A 11  ? GLY A 11  . ? 1_555 ? 
2  AC1 10 SER A 12  ? SER A 12  . ? 1_555 ? 
3  AC1 10 ASN A 13  ? ASN A 13  . ? 1_555 ? 
4  AC1 10 LEU A 14  ? LEU A 14  . ? 1_555 ? 
5  AC1 10 GLN A 15  ? GLN A 15  . ? 1_555 ? 
6  AC1 10 ALA A 16  ? ALA A 16  . ? 1_555 ? 
7  AC1 10 LYS A 45  ? LYS A 45  . ? 1_555 ? 
8  AC1 10 HIS A 174 ? HIS A 174 . ? 1_555 ? 
9  AC1 10 HOH D .   ? HOH A 261 . ? 1_555 ? 
10 AC1 10 HOH D .   ? HOH A 308 . ? 1_555 ? 
11 AC2 3  LYS A 157 ? LYS A 157 . ? 1_555 ? 
12 AC2 3  ARG A 168 ? ARG A 168 . ? 1_555 ? 
13 AC2 3  HOH D .   ? HOH A 260 . ? 1_555 ? 
# 
loop_
_pdbx_validate_close_contact.id 
_pdbx_validate_close_contact.PDB_model_num 
_pdbx_validate_close_contact.auth_atom_id_1 
_pdbx_validate_close_contact.auth_asym_id_1 
_pdbx_validate_close_contact.auth_comp_id_1 
_pdbx_validate_close_contact.auth_seq_id_1 
_pdbx_validate_close_contact.PDB_ins_code_1 
_pdbx_validate_close_contact.label_alt_id_1 
_pdbx_validate_close_contact.auth_atom_id_2 
_pdbx_validate_close_contact.auth_asym_id_2 
_pdbx_validate_close_contact.auth_comp_id_2 
_pdbx_validate_close_contact.auth_seq_id_2 
_pdbx_validate_close_contact.PDB_ins_code_2 
_pdbx_validate_close_contact.label_alt_id_2 
_pdbx_validate_close_contact.dist 
1 1 O A HOH 333 ? ? O A HOH 354 ? ? 1.63 
2 1 O A HOH 333 ? ? O A HOH 338 ? ? 2.02 
# 
loop_
_pdbx_validate_symm_contact.id 
_pdbx_validate_symm_contact.PDB_model_num 
_pdbx_validate_symm_contact.auth_atom_id_1 
_pdbx_validate_symm_contact.auth_asym_id_1 
_pdbx_validate_symm_contact.auth_comp_id_1 
_pdbx_validate_symm_contact.auth_seq_id_1 
_pdbx_validate_symm_contact.PDB_ins_code_1 
_pdbx_validate_symm_contact.label_alt_id_1 
_pdbx_validate_symm_contact.site_symmetry_1 
_pdbx_validate_symm_contact.auth_atom_id_2 
_pdbx_validate_symm_contact.auth_asym_id_2 
_pdbx_validate_symm_contact.auth_comp_id_2 
_pdbx_validate_symm_contact.auth_seq_id_2 
_pdbx_validate_symm_contact.PDB_ins_code_2 
_pdbx_validate_symm_contact.label_alt_id_2 
_pdbx_validate_symm_contact.site_symmetry_2 
_pdbx_validate_symm_contact.dist 
1 1 O A HOH 221 ? ? 1_555 O A HOH 221 ? ? 12_575 0.49 
2 1 O A HOH 318 ? ? 1_555 O A HOH 318 ? ? 8_676  1.49 
3 1 O A HOH 248 ? ? 1_555 O A HOH 248 ? ? 12_575 1.81 
# 
loop_
_pdbx_validate_torsion.id 
_pdbx_validate_torsion.PDB_model_num 
_pdbx_validate_torsion.auth_comp_id 
_pdbx_validate_torsion.auth_asym_id 
_pdbx_validate_torsion.auth_seq_id 
_pdbx_validate_torsion.PDB_ins_code 
_pdbx_validate_torsion.label_alt_id 
_pdbx_validate_torsion.phi 
_pdbx_validate_torsion.psi 
1 1 ASN A 13  ? ? 81.66   -4.56   
2 1 ASN A 25  ? ? -93.51  30.93   
3 1 PRO A 109 ? ? -80.50  48.22   
4 1 THR A 132 ? ? -131.00 -150.89 
# 
loop_
_pdbx_unobs_or_zero_occ_residues.id 
_pdbx_unobs_or_zero_occ_residues.PDB_model_num 
_pdbx_unobs_or_zero_occ_residues.polymer_flag 
_pdbx_unobs_or_zero_occ_residues.occupancy_flag 
_pdbx_unobs_or_zero_occ_residues.auth_asym_id 
_pdbx_unobs_or_zero_occ_residues.auth_comp_id 
_pdbx_unobs_or_zero_occ_residues.auth_seq_id 
_pdbx_unobs_or_zero_occ_residues.PDB_ins_code 
_pdbx_unobs_or_zero_occ_residues.label_asym_id 
_pdbx_unobs_or_zero_occ_residues.label_comp_id 
_pdbx_unobs_or_zero_occ_residues.label_seq_id 
1 1 Y 1 A ASP 142 ? A ASP 142 
2 1 Y 1 A VAL 143 ? A VAL 143 
3 1 Y 1 A ASP 144 ? A ASP 144 
4 1 Y 1 A HIS 206 ? A HIS 206 
5 1 Y 1 A HIS 207 ? A HIS 207 
6 1 Y 1 A HIS 208 ? A HIS 208 
7 1 Y 1 A HIS 209 ? A HIS 209 
# 
loop_
_chem_comp_atom.comp_id 
_chem_comp_atom.atom_id 
_chem_comp_atom.type_symbol 
_chem_comp_atom.pdbx_aromatic_flag 
_chem_comp_atom.pdbx_stereo_config 
_chem_comp_atom.pdbx_ordinal 
ALA N    N N N 1   
ALA CA   C N S 2   
ALA C    C N N 3   
ALA O    O N N 4   
ALA CB   C N N 5   
ALA OXT  O N N 6   
ALA H    H N N 7   
ALA H2   H N N 8   
ALA HA   H N N 9   
ALA HB1  H N N 10  
ALA HB2  H N N 11  
ALA HB3  H N N 12  
ALA HXT  H N N 13  
ARG N    N N N 14  
ARG CA   C N S 15  
ARG C    C N N 16  
ARG O    O N N 17  
ARG CB   C N N 18  
ARG CG   C N N 19  
ARG CD   C N N 20  
ARG NE   N N N 21  
ARG CZ   C N N 22  
ARG NH1  N N N 23  
ARG NH2  N N N 24  
ARG OXT  O N N 25  
ARG H    H N N 26  
ARG H2   H N N 27  
ARG HA   H N N 28  
ARG HB2  H N N 29  
ARG HB3  H N N 30  
ARG HG2  H N N 31  
ARG HG3  H N N 32  
ARG HD2  H N N 33  
ARG HD3  H N N 34  
ARG HE   H N N 35  
ARG HH11 H N N 36  
ARG HH12 H N N 37  
ARG HH21 H N N 38  
ARG HH22 H N N 39  
ARG HXT  H N N 40  
ASN N    N N N 41  
ASN CA   C N S 42  
ASN C    C N N 43  
ASN O    O N N 44  
ASN CB   C N N 45  
ASN CG   C N N 46  
ASN OD1  O N N 47  
ASN ND2  N N N 48  
ASN OXT  O N N 49  
ASN H    H N N 50  
ASN H2   H N N 51  
ASN HA   H N N 52  
ASN HB2  H N N 53  
ASN HB3  H N N 54  
ASN HD21 H N N 55  
ASN HD22 H N N 56  
ASN HXT  H N N 57  
ASP N    N N N 58  
ASP CA   C N S 59  
ASP C    C N N 60  
ASP O    O N N 61  
ASP CB   C N N 62  
ASP CG   C N N 63  
ASP OD1  O N N 64  
ASP OD2  O N N 65  
ASP OXT  O N N 66  
ASP H    H N N 67  
ASP H2   H N N 68  
ASP HA   H N N 69  
ASP HB2  H N N 70  
ASP HB3  H N N 71  
ASP HD2  H N N 72  
ASP HXT  H N N 73  
CYS N    N N N 74  
CYS CA   C N R 75  
CYS C    C N N 76  
CYS O    O N N 77  
CYS CB   C N N 78  
CYS SG   S N N 79  
CYS OXT  O N N 80  
CYS H    H N N 81  
CYS H2   H N N 82  
CYS HA   H N N 83  
CYS HB2  H N N 84  
CYS HB3  H N N 85  
CYS HG   H N N 86  
CYS HXT  H N N 87  
GLN N    N N N 88  
GLN CA   C N S 89  
GLN C    C N N 90  
GLN O    O N N 91  
GLN CB   C N N 92  
GLN CG   C N N 93  
GLN CD   C N N 94  
GLN OE1  O N N 95  
GLN NE2  N N N 96  
GLN OXT  O N N 97  
GLN H    H N N 98  
GLN H2   H N N 99  
GLN HA   H N N 100 
GLN HB2  H N N 101 
GLN HB3  H N N 102 
GLN HG2  H N N 103 
GLN HG3  H N N 104 
GLN HE21 H N N 105 
GLN HE22 H N N 106 
GLN HXT  H N N 107 
GLU N    N N N 108 
GLU CA   C N S 109 
GLU C    C N N 110 
GLU O    O N N 111 
GLU CB   C N N 112 
GLU CG   C N N 113 
GLU CD   C N N 114 
GLU OE1  O N N 115 
GLU OE2  O N N 116 
GLU OXT  O N N 117 
GLU H    H N N 118 
GLU H2   H N N 119 
GLU HA   H N N 120 
GLU HB2  H N N 121 
GLU HB3  H N N 122 
GLU HG2  H N N 123 
GLU HG3  H N N 124 
GLU HE2  H N N 125 
GLU HXT  H N N 126 
GLY N    N N N 127 
GLY CA   C N N 128 
GLY C    C N N 129 
GLY O    O N N 130 
GLY OXT  O N N 131 
GLY H    H N N 132 
GLY H2   H N N 133 
GLY HA2  H N N 134 
GLY HA3  H N N 135 
GLY HXT  H N N 136 
HIS N    N N N 137 
HIS CA   C N S 138 
HIS C    C N N 139 
HIS O    O N N 140 
HIS CB   C N N 141 
HIS CG   C Y N 142 
HIS ND1  N Y N 143 
HIS CD2  C Y N 144 
HIS CE1  C Y N 145 
HIS NE2  N Y N 146 
HIS OXT  O N N 147 
HIS H    H N N 148 
HIS H2   H N N 149 
HIS HA   H N N 150 
HIS HB2  H N N 151 
HIS HB3  H N N 152 
HIS HD1  H N N 153 
HIS HD2  H N N 154 
HIS HE1  H N N 155 
HIS HE2  H N N 156 
HIS HXT  H N N 157 
HOH O    O N N 158 
HOH H1   H N N 159 
HOH H2   H N N 160 
ILE N    N N N 161 
ILE CA   C N S 162 
ILE C    C N N 163 
ILE O    O N N 164 
ILE CB   C N S 165 
ILE CG1  C N N 166 
ILE CG2  C N N 167 
ILE CD1  C N N 168 
ILE OXT  O N N 169 
ILE H    H N N 170 
ILE H2   H N N 171 
ILE HA   H N N 172 
ILE HB   H N N 173 
ILE HG12 H N N 174 
ILE HG13 H N N 175 
ILE HG21 H N N 176 
ILE HG22 H N N 177 
ILE HG23 H N N 178 
ILE HD11 H N N 179 
ILE HD12 H N N 180 
ILE HD13 H N N 181 
ILE HXT  H N N 182 
LEU N    N N N 183 
LEU CA   C N S 184 
LEU C    C N N 185 
LEU O    O N N 186 
LEU CB   C N N 187 
LEU CG   C N N 188 
LEU CD1  C N N 189 
LEU CD2  C N N 190 
LEU OXT  O N N 191 
LEU H    H N N 192 
LEU H2   H N N 193 
LEU HA   H N N 194 
LEU HB2  H N N 195 
LEU HB3  H N N 196 
LEU HG   H N N 197 
LEU HD11 H N N 198 
LEU HD12 H N N 199 
LEU HD13 H N N 200 
LEU HD21 H N N 201 
LEU HD22 H N N 202 
LEU HD23 H N N 203 
LEU HXT  H N N 204 
LYS N    N N N 205 
LYS CA   C N S 206 
LYS C    C N N 207 
LYS O    O N N 208 
LYS CB   C N N 209 
LYS CG   C N N 210 
LYS CD   C N N 211 
LYS CE   C N N 212 
LYS NZ   N N N 213 
LYS OXT  O N N 214 
LYS H    H N N 215 
LYS H2   H N N 216 
LYS HA   H N N 217 
LYS HB2  H N N 218 
LYS HB3  H N N 219 
LYS HG2  H N N 220 
LYS HG3  H N N 221 
LYS HD2  H N N 222 
LYS HD3  H N N 223 
LYS HE2  H N N 224 
LYS HE3  H N N 225 
LYS HZ1  H N N 226 
LYS HZ2  H N N 227 
LYS HZ3  H N N 228 
LYS HXT  H N N 229 
MET N    N N N 230 
MET CA   C N S 231 
MET C    C N N 232 
MET O    O N N 233 
MET CB   C N N 234 
MET CG   C N N 235 
MET SD   S N N 236 
MET CE   C N N 237 
MET OXT  O N N 238 
MET H    H N N 239 
MET H2   H N N 240 
MET HA   H N N 241 
MET HB2  H N N 242 
MET HB3  H N N 243 
MET HG2  H N N 244 
MET HG3  H N N 245 
MET HE1  H N N 246 
MET HE2  H N N 247 
MET HE3  H N N 248 
MET HXT  H N N 249 
PHE N    N N N 250 
PHE CA   C N S 251 
PHE C    C N N 252 
PHE O    O N N 253 
PHE CB   C N N 254 
PHE CG   C Y N 255 
PHE CD1  C Y N 256 
PHE CD2  C Y N 257 
PHE CE1  C Y N 258 
PHE CE2  C Y N 259 
PHE CZ   C Y N 260 
PHE OXT  O N N 261 
PHE H    H N N 262 
PHE H2   H N N 263 
PHE HA   H N N 264 
PHE HB2  H N N 265 
PHE HB3  H N N 266 
PHE HD1  H N N 267 
PHE HD2  H N N 268 
PHE HE1  H N N 269 
PHE HE2  H N N 270 
PHE HZ   H N N 271 
PHE HXT  H N N 272 
PO4 P    P N N 273 
PO4 O1   O N N 274 
PO4 O2   O N N 275 
PO4 O3   O N N 276 
PO4 O4   O N N 277 
PRO N    N N N 278 
PRO CA   C N S 279 
PRO C    C N N 280 
PRO O    O N N 281 
PRO CB   C N N 282 
PRO CG   C N N 283 
PRO CD   C N N 284 
PRO OXT  O N N 285 
PRO H    H N N 286 
PRO HA   H N N 287 
PRO HB2  H N N 288 
PRO HB3  H N N 289 
PRO HG2  H N N 290 
PRO HG3  H N N 291 
PRO HD2  H N N 292 
PRO HD3  H N N 293 
PRO HXT  H N N 294 
SER N    N N N 295 
SER CA   C N S 296 
SER C    C N N 297 
SER O    O N N 298 
SER CB   C N N 299 
SER OG   O N N 300 
SER OXT  O N N 301 
SER H    H N N 302 
SER H2   H N N 303 
SER HA   H N N 304 
SER HB2  H N N 305 
SER HB3  H N N 306 
SER HG   H N N 307 
SER HXT  H N N 308 
SO4 S    S N N 309 
SO4 O1   O N N 310 
SO4 O2   O N N 311 
SO4 O3   O N N 312 
SO4 O4   O N N 313 
THR N    N N N 314 
THR CA   C N S 315 
THR C    C N N 316 
THR O    O N N 317 
THR CB   C N R 318 
THR OG1  O N N 319 
THR CG2  C N N 320 
THR OXT  O N N 321 
THR H    H N N 322 
THR H2   H N N 323 
THR HA   H N N 324 
THR HB   H N N 325 
THR HG1  H N N 326 
THR HG21 H N N 327 
THR HG22 H N N 328 
THR HG23 H N N 329 
THR HXT  H N N 330 
TRP N    N N N 331 
TRP CA   C N S 332 
TRP C    C N N 333 
TRP O    O N N 334 
TRP CB   C N N 335 
TRP CG   C Y N 336 
TRP CD1  C Y N 337 
TRP CD2  C Y N 338 
TRP NE1  N Y N 339 
TRP CE2  C Y N 340 
TRP CE3  C Y N 341 
TRP CZ2  C Y N 342 
TRP CZ3  C Y N 343 
TRP CH2  C Y N 344 
TRP OXT  O N N 345 
TRP H    H N N 346 
TRP H2   H N N 347 
TRP HA   H N N 348 
TRP HB2  H N N 349 
TRP HB3  H N N 350 
TRP HD1  H N N 351 
TRP HE1  H N N 352 
TRP HE3  H N N 353 
TRP HZ2  H N N 354 
TRP HZ3  H N N 355 
TRP HH2  H N N 356 
TRP HXT  H N N 357 
TYR N    N N N 358 
TYR CA   C N S 359 
TYR C    C N N 360 
TYR O    O N N 361 
TYR CB   C N N 362 
TYR CG   C Y N 363 
TYR CD1  C Y N 364 
TYR CD2  C Y N 365 
TYR CE1  C Y N 366 
TYR CE2  C Y N 367 
TYR CZ   C Y N 368 
TYR OH   O N N 369 
TYR OXT  O N N 370 
TYR H    H N N 371 
TYR H2   H N N 372 
TYR HA   H N N 373 
TYR HB2  H N N 374 
TYR HB3  H N N 375 
TYR HD1  H N N 376 
TYR HD2  H N N 377 
TYR HE1  H N N 378 
TYR HE2  H N N 379 
TYR HH   H N N 380 
TYR HXT  H N N 381 
VAL N    N N N 382 
VAL CA   C N S 383 
VAL C    C N N 384 
VAL O    O N N 385 
VAL CB   C N N 386 
VAL CG1  C N N 387 
VAL CG2  C N N 388 
VAL OXT  O N N 389 
VAL H    H N N 390 
VAL H2   H N N 391 
VAL HA   H N N 392 
VAL HB   H N N 393 
VAL HG11 H N N 394 
VAL HG12 H N N 395 
VAL HG13 H N N 396 
VAL HG21 H N N 397 
VAL HG22 H N N 398 
VAL HG23 H N N 399 
VAL HXT  H N N 400 
# 
loop_
_chem_comp_bond.comp_id 
_chem_comp_bond.atom_id_1 
_chem_comp_bond.atom_id_2 
_chem_comp_bond.value_order 
_chem_comp_bond.pdbx_aromatic_flag 
_chem_comp_bond.pdbx_stereo_config 
_chem_comp_bond.pdbx_ordinal 
ALA N   CA   sing N N 1   
ALA N   H    sing N N 2   
ALA N   H2   sing N N 3   
ALA CA  C    sing N N 4   
ALA CA  CB   sing N N 5   
ALA CA  HA   sing N N 6   
ALA C   O    doub N N 7   
ALA C   OXT  sing N N 8   
ALA CB  HB1  sing N N 9   
ALA CB  HB2  sing N N 10  
ALA CB  HB3  sing N N 11  
ALA OXT HXT  sing N N 12  
ARG N   CA   sing N N 13  
ARG N   H    sing N N 14  
ARG N   H2   sing N N 15  
ARG CA  C    sing N N 16  
ARG CA  CB   sing N N 17  
ARG CA  HA   sing N N 18  
ARG C   O    doub N N 19  
ARG C   OXT  sing N N 20  
ARG CB  CG   sing N N 21  
ARG CB  HB2  sing N N 22  
ARG CB  HB3  sing N N 23  
ARG CG  CD   sing N N 24  
ARG CG  HG2  sing N N 25  
ARG CG  HG3  sing N N 26  
ARG CD  NE   sing N N 27  
ARG CD  HD2  sing N N 28  
ARG CD  HD3  sing N N 29  
ARG NE  CZ   sing N N 30  
ARG NE  HE   sing N N 31  
ARG CZ  NH1  sing N N 32  
ARG CZ  NH2  doub N N 33  
ARG NH1 HH11 sing N N 34  
ARG NH1 HH12 sing N N 35  
ARG NH2 HH21 sing N N 36  
ARG NH2 HH22 sing N N 37  
ARG OXT HXT  sing N N 38  
ASN N   CA   sing N N 39  
ASN N   H    sing N N 40  
ASN N   H2   sing N N 41  
ASN CA  C    sing N N 42  
ASN CA  CB   sing N N 43  
ASN CA  HA   sing N N 44  
ASN C   O    doub N N 45  
ASN C   OXT  sing N N 46  
ASN CB  CG   sing N N 47  
ASN CB  HB2  sing N N 48  
ASN CB  HB3  sing N N 49  
ASN CG  OD1  doub N N 50  
ASN CG  ND2  sing N N 51  
ASN ND2 HD21 sing N N 52  
ASN ND2 HD22 sing N N 53  
ASN OXT HXT  sing N N 54  
ASP N   CA   sing N N 55  
ASP N   H    sing N N 56  
ASP N   H2   sing N N 57  
ASP CA  C    sing N N 58  
ASP CA  CB   sing N N 59  
ASP CA  HA   sing N N 60  
ASP C   O    doub N N 61  
ASP C   OXT  sing N N 62  
ASP CB  CG   sing N N 63  
ASP CB  HB2  sing N N 64  
ASP CB  HB3  sing N N 65  
ASP CG  OD1  doub N N 66  
ASP CG  OD2  sing N N 67  
ASP OD2 HD2  sing N N 68  
ASP OXT HXT  sing N N 69  
CYS N   CA   sing N N 70  
CYS N   H    sing N N 71  
CYS N   H2   sing N N 72  
CYS CA  C    sing N N 73  
CYS CA  CB   sing N N 74  
CYS CA  HA   sing N N 75  
CYS C   O    doub N N 76  
CYS C   OXT  sing N N 77  
CYS CB  SG   sing N N 78  
CYS CB  HB2  sing N N 79  
CYS CB  HB3  sing N N 80  
CYS SG  HG   sing N N 81  
CYS OXT HXT  sing N N 82  
GLN N   CA   sing N N 83  
GLN N   H    sing N N 84  
GLN N   H2   sing N N 85  
GLN CA  C    sing N N 86  
GLN CA  CB   sing N N 87  
GLN CA  HA   sing N N 88  
GLN C   O    doub N N 89  
GLN C   OXT  sing N N 90  
GLN CB  CG   sing N N 91  
GLN CB  HB2  sing N N 92  
GLN CB  HB3  sing N N 93  
GLN CG  CD   sing N N 94  
GLN CG  HG2  sing N N 95  
GLN CG  HG3  sing N N 96  
GLN CD  OE1  doub N N 97  
GLN CD  NE2  sing N N 98  
GLN NE2 HE21 sing N N 99  
GLN NE2 HE22 sing N N 100 
GLN OXT HXT  sing N N 101 
GLU N   CA   sing N N 102 
GLU N   H    sing N N 103 
GLU N   H2   sing N N 104 
GLU CA  C    sing N N 105 
GLU CA  CB   sing N N 106 
GLU CA  HA   sing N N 107 
GLU C   O    doub N N 108 
GLU C   OXT  sing N N 109 
GLU CB  CG   sing N N 110 
GLU CB  HB2  sing N N 111 
GLU CB  HB3  sing N N 112 
GLU CG  CD   sing N N 113 
GLU CG  HG2  sing N N 114 
GLU CG  HG3  sing N N 115 
GLU CD  OE1  doub N N 116 
GLU CD  OE2  sing N N 117 
GLU OE2 HE2  sing N N 118 
GLU OXT HXT  sing N N 119 
GLY N   CA   sing N N 120 
GLY N   H    sing N N 121 
GLY N   H2   sing N N 122 
GLY CA  C    sing N N 123 
GLY CA  HA2  sing N N 124 
GLY CA  HA3  sing N N 125 
GLY C   O    doub N N 126 
GLY C   OXT  sing N N 127 
GLY OXT HXT  sing N N 128 
HIS N   CA   sing N N 129 
HIS N   H    sing N N 130 
HIS N   H2   sing N N 131 
HIS CA  C    sing N N 132 
HIS CA  CB   sing N N 133 
HIS CA  HA   sing N N 134 
HIS C   O    doub N N 135 
HIS C   OXT  sing N N 136 
HIS CB  CG   sing N N 137 
HIS CB  HB2  sing N N 138 
HIS CB  HB3  sing N N 139 
HIS CG  ND1  sing Y N 140 
HIS CG  CD2  doub Y N 141 
HIS ND1 CE1  doub Y N 142 
HIS ND1 HD1  sing N N 143 
HIS CD2 NE2  sing Y N 144 
HIS CD2 HD2  sing N N 145 
HIS CE1 NE2  sing Y N 146 
HIS CE1 HE1  sing N N 147 
HIS NE2 HE2  sing N N 148 
HIS OXT HXT  sing N N 149 
HOH O   H1   sing N N 150 
HOH O   H2   sing N N 151 
ILE N   CA   sing N N 152 
ILE N   H    sing N N 153 
ILE N   H2   sing N N 154 
ILE CA  C    sing N N 155 
ILE CA  CB   sing N N 156 
ILE CA  HA   sing N N 157 
ILE C   O    doub N N 158 
ILE C   OXT  sing N N 159 
ILE CB  CG1  sing N N 160 
ILE CB  CG2  sing N N 161 
ILE CB  HB   sing N N 162 
ILE CG1 CD1  sing N N 163 
ILE CG1 HG12 sing N N 164 
ILE CG1 HG13 sing N N 165 
ILE CG2 HG21 sing N N 166 
ILE CG2 HG22 sing N N 167 
ILE CG2 HG23 sing N N 168 
ILE CD1 HD11 sing N N 169 
ILE CD1 HD12 sing N N 170 
ILE CD1 HD13 sing N N 171 
ILE OXT HXT  sing N N 172 
LEU N   CA   sing N N 173 
LEU N   H    sing N N 174 
LEU N   H2   sing N N 175 
LEU CA  C    sing N N 176 
LEU CA  CB   sing N N 177 
LEU CA  HA   sing N N 178 
LEU C   O    doub N N 179 
LEU C   OXT  sing N N 180 
LEU CB  CG   sing N N 181 
LEU CB  HB2  sing N N 182 
LEU CB  HB3  sing N N 183 
LEU CG  CD1  sing N N 184 
LEU CG  CD2  sing N N 185 
LEU CG  HG   sing N N 186 
LEU CD1 HD11 sing N N 187 
LEU CD1 HD12 sing N N 188 
LEU CD1 HD13 sing N N 189 
LEU CD2 HD21 sing N N 190 
LEU CD2 HD22 sing N N 191 
LEU CD2 HD23 sing N N 192 
LEU OXT HXT  sing N N 193 
LYS N   CA   sing N N 194 
LYS N   H    sing N N 195 
LYS N   H2   sing N N 196 
LYS CA  C    sing N N 197 
LYS CA  CB   sing N N 198 
LYS CA  HA   sing N N 199 
LYS C   O    doub N N 200 
LYS C   OXT  sing N N 201 
LYS CB  CG   sing N N 202 
LYS CB  HB2  sing N N 203 
LYS CB  HB3  sing N N 204 
LYS CG  CD   sing N N 205 
LYS CG  HG2  sing N N 206 
LYS CG  HG3  sing N N 207 
LYS CD  CE   sing N N 208 
LYS CD  HD2  sing N N 209 
LYS CD  HD3  sing N N 210 
LYS CE  NZ   sing N N 211 
LYS CE  HE2  sing N N 212 
LYS CE  HE3  sing N N 213 
LYS NZ  HZ1  sing N N 214 
LYS NZ  HZ2  sing N N 215 
LYS NZ  HZ3  sing N N 216 
LYS OXT HXT  sing N N 217 
MET N   CA   sing N N 218 
MET N   H    sing N N 219 
MET N   H2   sing N N 220 
MET CA  C    sing N N 221 
MET CA  CB   sing N N 222 
MET CA  HA   sing N N 223 
MET C   O    doub N N 224 
MET C   OXT  sing N N 225 
MET CB  CG   sing N N 226 
MET CB  HB2  sing N N 227 
MET CB  HB3  sing N N 228 
MET CG  SD   sing N N 229 
MET CG  HG2  sing N N 230 
MET CG  HG3  sing N N 231 
MET SD  CE   sing N N 232 
MET CE  HE1  sing N N 233 
MET CE  HE2  sing N N 234 
MET CE  HE3  sing N N 235 
MET OXT HXT  sing N N 236 
PHE N   CA   sing N N 237 
PHE N   H    sing N N 238 
PHE N   H2   sing N N 239 
PHE CA  C    sing N N 240 
PHE CA  CB   sing N N 241 
PHE CA  HA   sing N N 242 
PHE C   O    doub N N 243 
PHE C   OXT  sing N N 244 
PHE CB  CG   sing N N 245 
PHE CB  HB2  sing N N 246 
PHE CB  HB3  sing N N 247 
PHE CG  CD1  doub Y N 248 
PHE CG  CD2  sing Y N 249 
PHE CD1 CE1  sing Y N 250 
PHE CD1 HD1  sing N N 251 
PHE CD2 CE2  doub Y N 252 
PHE CD2 HD2  sing N N 253 
PHE CE1 CZ   doub Y N 254 
PHE CE1 HE1  sing N N 255 
PHE CE2 CZ   sing Y N 256 
PHE CE2 HE2  sing N N 257 
PHE CZ  HZ   sing N N 258 
PHE OXT HXT  sing N N 259 
PO4 P   O1   doub N N 260 
PO4 P   O2   sing N N 261 
PO4 P   O3   sing N N 262 
PO4 P   O4   sing N N 263 
PRO N   CA   sing N N 264 
PRO N   CD   sing N N 265 
PRO N   H    sing N N 266 
PRO CA  C    sing N N 267 
PRO CA  CB   sing N N 268 
PRO CA  HA   sing N N 269 
PRO C   O    doub N N 270 
PRO C   OXT  sing N N 271 
PRO CB  CG   sing N N 272 
PRO CB  HB2  sing N N 273 
PRO CB  HB3  sing N N 274 
PRO CG  CD   sing N N 275 
PRO CG  HG2  sing N N 276 
PRO CG  HG3  sing N N 277 
PRO CD  HD2  sing N N 278 
PRO CD  HD3  sing N N 279 
PRO OXT HXT  sing N N 280 
SER N   CA   sing N N 281 
SER N   H    sing N N 282 
SER N   H2   sing N N 283 
SER CA  C    sing N N 284 
SER CA  CB   sing N N 285 
SER CA  HA   sing N N 286 
SER C   O    doub N N 287 
SER C   OXT  sing N N 288 
SER CB  OG   sing N N 289 
SER CB  HB2  sing N N 290 
SER CB  HB3  sing N N 291 
SER OG  HG   sing N N 292 
SER OXT HXT  sing N N 293 
SO4 S   O1   doub N N 294 
SO4 S   O2   doub N N 295 
SO4 S   O3   sing N N 296 
SO4 S   O4   sing N N 297 
THR N   CA   sing N N 298 
THR N   H    sing N N 299 
THR N   H2   sing N N 300 
THR CA  C    sing N N 301 
THR CA  CB   sing N N 302 
THR CA  HA   sing N N 303 
THR C   O    doub N N 304 
THR C   OXT  sing N N 305 
THR CB  OG1  sing N N 306 
THR CB  CG2  sing N N 307 
THR CB  HB   sing N N 308 
THR OG1 HG1  sing N N 309 
THR CG2 HG21 sing N N 310 
THR CG2 HG22 sing N N 311 
THR CG2 HG23 sing N N 312 
THR OXT HXT  sing N N 313 
TRP N   CA   sing N N 314 
TRP N   H    sing N N 315 
TRP N   H2   sing N N 316 
TRP CA  C    sing N N 317 
TRP CA  CB   sing N N 318 
TRP CA  HA   sing N N 319 
TRP C   O    doub N N 320 
TRP C   OXT  sing N N 321 
TRP CB  CG   sing N N 322 
TRP CB  HB2  sing N N 323 
TRP CB  HB3  sing N N 324 
TRP CG  CD1  doub Y N 325 
TRP CG  CD2  sing Y N 326 
TRP CD1 NE1  sing Y N 327 
TRP CD1 HD1  sing N N 328 
TRP CD2 CE2  doub Y N 329 
TRP CD2 CE3  sing Y N 330 
TRP NE1 CE2  sing Y N 331 
TRP NE1 HE1  sing N N 332 
TRP CE2 CZ2  sing Y N 333 
TRP CE3 CZ3  doub Y N 334 
TRP CE3 HE3  sing N N 335 
TRP CZ2 CH2  doub Y N 336 
TRP CZ2 HZ2  sing N N 337 
TRP CZ3 CH2  sing Y N 338 
TRP CZ3 HZ3  sing N N 339 
TRP CH2 HH2  sing N N 340 
TRP OXT HXT  sing N N 341 
TYR N   CA   sing N N 342 
TYR N   H    sing N N 343 
TYR N   H2   sing N N 344 
TYR CA  C    sing N N 345 
TYR CA  CB   sing N N 346 
TYR CA  HA   sing N N 347 
TYR C   O    doub N N 348 
TYR C   OXT  sing N N 349 
TYR CB  CG   sing N N 350 
TYR CB  HB2  sing N N 351 
TYR CB  HB3  sing N N 352 
TYR CG  CD1  doub Y N 353 
TYR CG  CD2  sing Y N 354 
TYR CD1 CE1  sing Y N 355 
TYR CD1 HD1  sing N N 356 
TYR CD2 CE2  doub Y N 357 
TYR CD2 HD2  sing N N 358 
TYR CE1 CZ   doub Y N 359 
TYR CE1 HE1  sing N N 360 
TYR CE2 CZ   sing Y N 361 
TYR CE2 HE2  sing N N 362 
TYR CZ  OH   sing N N 363 
TYR OH  HH   sing N N 364 
TYR OXT HXT  sing N N 365 
VAL N   CA   sing N N 366 
VAL N   H    sing N N 367 
VAL N   H2   sing N N 368 
VAL CA  C    sing N N 369 
VAL CA  CB   sing N N 370 
VAL CA  HA   sing N N 371 
VAL C   O    doub N N 372 
VAL C   OXT  sing N N 373 
VAL CB  CG1  sing N N 374 
VAL CB  CG2  sing N N 375 
VAL CB  HB   sing N N 376 
VAL CG1 HG11 sing N N 377 
VAL CG1 HG12 sing N N 378 
VAL CG1 HG13 sing N N 379 
VAL CG2 HG21 sing N N 380 
VAL CG2 HG22 sing N N 381 
VAL CG2 HG23 sing N N 382 
VAL OXT HXT  sing N N 383 
# 
_pdbx_initial_refinement_model.id               1 
_pdbx_initial_refinement_model.entity_id_list   ? 
_pdbx_initial_refinement_model.type             'experimental model' 
_pdbx_initial_refinement_model.source_name      PDB 
_pdbx_initial_refinement_model.accession_code   1MEJ 
_pdbx_initial_refinement_model.details          'PDB ENTRY 1MEJ' 
# 
_atom_sites.entry_id                    1MEO 
_atom_sites.fract_transf_matrix[1][1]   0.00871289 
_atom_sites.fract_transf_matrix[1][2]   -0.00399821 
_atom_sites.fract_transf_matrix[1][3]   -0.01124839 
_atom_sites.fract_transf_matrix[2][1]   0.00481131 
_atom_sites.fract_transf_matrix[2][2]   0.01015992 
_atom_sites.fract_transf_matrix[2][3]   -0.00959407 
_atom_sites.fract_transf_matrix[3][1]   0.00349495 
_atom_sites.fract_transf_matrix[3][2]   0.00067481 
_atom_sites.fract_transf_matrix[3][3]   0.00246729 
_atom_sites.fract_transf_vector[1]      0.343433 
_atom_sites.fract_transf_vector[2]      0.918543 
_atom_sites.fract_transf_vector[3]      0.429282 
# 
loop_
_atom_type.symbol 
C 
N 
O 
P 
S 
# 
loop_
_atom_site.group_PDB 
_atom_site.id 
_atom_site.type_symbol 
_atom_site.label_atom_id 
_atom_site.label_alt_id 
_atom_site.label_comp_id 
_atom_site.label_asym_id 
_atom_site.label_entity_id 
_atom_site.label_seq_id 
_atom_site.pdbx_PDB_ins_code 
_atom_site.Cartn_x 
_atom_site.Cartn_y 
_atom_site.Cartn_z 
_atom_site.occupancy 
_atom_site.B_iso_or_equiv 
_atom_site.pdbx_formal_charge 
_atom_site.auth_seq_id 
_atom_site.auth_comp_id 
_atom_site.auth_asym_id 
_atom_site.auth_atom_id 
_atom_site.pdbx_PDB_model_num 
ATOM   1    N N   . ALA A 1 1   ? 4.791   11.298  10.678  1.00 13.42 ? 1   ALA A N   1 
ATOM   2    C CA  . ALA A 1 1   ? 5.421   10.882  9.390   1.00 13.35 ? 1   ALA A CA  1 
ATOM   3    C C   . ALA A 1 1   ? 4.627   11.381  8.193   1.00 13.21 ? 1   ALA A C   1 
ATOM   4    O O   . ALA A 1 1   ? 3.394   11.348  8.192   1.00 13.88 ? 1   ALA A O   1 
ATOM   5    C CB  . ALA A 1 1   ? 5.556   9.358   9.330   1.00 13.56 ? 1   ALA A CB  1 
ATOM   6    N N   . ARG A 1 2   ? 5.349   11.834  7.175   1.00 13.24 ? 2   ARG A N   1 
ATOM   7    C CA  . ARG A 1 2   ? 4.747   12.319  5.946   1.00 13.17 ? 2   ARG A CA  1 
ATOM   8    C C   . ARG A 1 2   ? 4.626   11.174  4.951   1.00 13.02 ? 2   ARG A C   1 
ATOM   9    O O   . ARG A 1 2   ? 5.608   10.511  4.605   1.00 12.82 ? 2   ARG A O   1 
ATOM   10   C CB  . ARG A 1 2   ? 5.585   13.463  5.367   1.00 13.35 ? 2   ARG A CB  1 
ATOM   11   C CG  . ARG A 1 2   ? 5.699   14.648  6.320   1.00 14.03 ? 2   ARG A CG  1 
ATOM   12   C CD  . ARG A 1 2   ? 6.611   15.763  5.809   1.00 17.25 ? 2   ARG A CD  1 
ATOM   13   N NE  . ARG A 1 2   ? 6.229   16.171  4.470   1.00 20.13 ? 2   ARG A NE  1 
ATOM   14   C CZ  . ARG A 1 2   ? 5.276   17.059  4.204   1.00 23.45 ? 2   ARG A CZ  1 
ATOM   15   N NH1 . ARG A 1 2   ? 4.601   17.630  5.204   1.00 22.83 ? 2   ARG A NH1 1 
ATOM   16   N NH2 . ARG A 1 2   ? 4.996   17.377  2.939   1.00 22.78 ? 2   ARG A NH2 1 
ATOM   17   N N   . VAL A 1 3   ? 3.420   10.979  4.449   1.00 13.04 ? 3   VAL A N   1 
ATOM   18   C CA  . VAL A 1 3   ? 3.143   9.822   3.613   1.00 12.89 ? 3   VAL A CA  1 
ATOM   19   C C   . VAL A 1 3   ? 2.698   10.147  2.188   1.00 12.96 ? 3   VAL A C   1 
ATOM   20   O O   . VAL A 1 3   ? 1.900   11.058  1.975   1.00 13.05 ? 3   VAL A O   1 
ATOM   21   C CB  . VAL A 1 3   ? 2.034   8.994   4.273   1.00 13.19 ? 3   VAL A CB  1 
ATOM   22   C CG1 . VAL A 1 3   ? 1.636   7.799   3.393   1.00 12.70 ? 3   VAL A CG1 1 
ATOM   23   C CG2 . VAL A 1 3   ? 2.476   8.545   5.684   1.00 12.78 ? 3   VAL A CG2 1 
ATOM   24   N N   . ALA A 1 4   ? 3.233   9.402   1.222   1.00 12.65 ? 4   ALA A N   1 
ATOM   25   C CA  . ALA A 1 4   ? 2.803   9.483   -0.171  1.00 12.26 ? 4   ALA A CA  1 
ATOM   26   C C   . ALA A 1 4   ? 2.059   8.200   -0.523  1.00 12.98 ? 4   ALA A C   1 
ATOM   27   O O   . ALA A 1 4   ? 2.391   7.123   -0.009  1.00 12.90 ? 4   ALA A O   1 
ATOM   28   C CB  . ALA A 1 4   ? 3.988   9.622   -1.088  1.00 13.13 ? 4   ALA A CB  1 
ATOM   29   N N   . VAL A 1 5   ? 1.060   8.310   -1.389  1.00 12.68 ? 5   VAL A N   1 
ATOM   30   C CA  . VAL A 1 5   ? 0.376   7.119   -1.893  1.00 12.94 ? 5   VAL A CA  1 
ATOM   31   C C   . VAL A 1 5   ? 0.544   7.108   -3.408  1.00 13.60 ? 5   VAL A C   1 
ATOM   32   O O   . VAL A 1 5   ? 0.260   8.123   -4.074  1.00 13.70 ? 5   VAL A O   1 
ATOM   33   C CB  . VAL A 1 5   ? -1.117  7.092   -1.503  1.00 12.85 ? 5   VAL A CB  1 
ATOM   34   C CG1 . VAL A 1 5   ? -1.783  5.793   -1.983  1.00 13.21 ? 5   VAL A CG1 1 
ATOM   35   C CG2 . VAL A 1 5   ? -1.282  7.249   0.006   1.00 12.54 ? 5   VAL A CG2 1 
ATOM   36   N N   . LEU A 1 6   ? 1.050   5.997   -3.949  1.00 13.05 ? 6   LEU A N   1 
ATOM   37   C CA  . LEU A 1 6   ? 1.211   5.846   -5.393  1.00 13.37 ? 6   LEU A CA  1 
ATOM   38   C C   . LEU A 1 6   ? 0.054   5.015   -5.908  1.00 13.43 ? 6   LEU A C   1 
ATOM   39   O O   . LEU A 1 6   ? -0.264  3.962   -5.338  1.00 13.81 ? 6   LEU A O   1 
ATOM   40   C CB  . LEU A 1 6   ? 2.514   5.134   -5.754  1.00 14.13 ? 6   LEU A CB  1 
ATOM   41   C CG  . LEU A 1 6   ? 3.853   5.620   -5.204  1.00 15.42 ? 6   LEU A CG  1 
ATOM   42   C CD1 . LEU A 1 6   ? 4.998   4.938   -5.963  1.00 16.28 ? 6   LEU A CD1 1 
ATOM   43   C CD2 . LEU A 1 6   ? 3.969   7.132   -5.282  1.00 17.25 ? 6   LEU A CD2 1 
ATOM   44   N N   . ILE A 1 7   ? -0.553  5.471   -6.997  1.00 12.63 ? 7   ILE A N   1 
ATOM   45   C CA  . ILE A 1 7   ? -1.711  4.789   -7.561  1.00 12.25 ? 7   ILE A CA  1 
ATOM   46   C C   . ILE A 1 7   ? -1.620  4.717   -9.074  1.00 12.83 ? 7   ILE A C   1 
ATOM   47   O O   . ILE A 1 7   ? -0.809  5.403   -9.692  1.00 13.17 ? 7   ILE A O   1 
ATOM   48   C CB  . ILE A 1 7   ? -3.015  5.522   -7.188  1.00 12.23 ? 7   ILE A CB  1 
ATOM   49   C CG1 . ILE A 1 7   ? -3.107  6.863   -7.923  1.00 11.67 ? 7   ILE A CG1 1 
ATOM   50   C CG2 . ILE A 1 7   ? -3.136  5.730   -5.685  1.00 11.02 ? 7   ILE A CG2 1 
ATOM   51   C CD1 . ILE A 1 7   ? -4.429  7.572   -7.717  1.00 12.93 ? 7   ILE A CD1 1 
ATOM   52   N N   . SER A 1 8   ? -2.484  3.899   -9.673  1.00 13.11 ? 8   SER A N   1 
ATOM   53   C CA  . SER A 1 8   ? -2.585  3.817   -11.126 1.00 13.28 ? 8   SER A CA  1 
ATOM   54   C C   . SER A 1 8   ? -4.041  3.904   -11.580 1.00 13.37 ? 8   SER A C   1 
ATOM   55   O O   . SER A 1 8   ? -4.311  4.027   -12.775 1.00 13.52 ? 8   SER A O   1 
ATOM   56   C CB  . SER A 1 8   ? -2.000  2.488   -11.637 1.00 13.46 ? 8   SER A CB  1 
ATOM   57   O OG  . SER A 1 8   ? -0.597  2.396   -11.408 1.00 14.26 ? 8   SER A OG  1 
ATOM   58   N N   . GLY A 1 9   ? -4.972  3.845   -10.630 1.00 13.45 ? 9   GLY A N   1 
ATOM   59   C CA  . GLY A 1 9   ? -6.385  3.783   -10.959 1.00 14.03 ? 9   GLY A CA  1 
ATOM   60   C C   . GLY A 1 9   ? -7.324  4.317   -9.893  1.00 14.06 ? 9   GLY A C   1 
ATOM   61   O O   . GLY A 1 9   ? -7.318  5.507   -9.620  1.00 14.34 ? 9   GLY A O   1 
ATOM   62   N N   . THR A 1 10  ? -8.113  3.440   -9.269  1.00 14.07 ? 10  THR A N   1 
ATOM   63   C CA  . THR A 1 10  ? -9.143  3.896   -8.329  1.00 14.02 ? 10  THR A CA  1 
ATOM   64   C C   . THR A 1 10  ? -8.603  4.253   -6.963  1.00 13.66 ? 10  THR A C   1 
ATOM   65   O O   . THR A 1 10  ? -9.317  4.822   -6.146  1.00 13.41 ? 10  THR A O   1 
ATOM   66   C CB  . THR A 1 10  ? -10.253 2.842   -8.154  1.00 14.67 ? 10  THR A CB  1 
ATOM   67   O OG1 . THR A 1 10  ? -9.681  1.668   -7.571  1.00 14.74 ? 10  THR A OG1 1 
ATOM   68   C CG2 . THR A 1 10  ? -10.790 2.358   -9.516  1.00 15.16 ? 10  THR A CG2 1 
ATOM   69   N N   . GLY A 1 11  ? -7.348  3.924   -6.705  1.00 13.90 ? 11  GLY A N   1 
ATOM   70   C CA  . GLY A 1 11  ? -6.788  4.189   -5.386  1.00 14.14 ? 11  GLY A CA  1 
ATOM   71   C C   . GLY A 1 11  ? -7.551  3.427   -4.313  1.00 14.21 ? 11  GLY A C   1 
ATOM   72   O O   . GLY A 1 11  ? -8.023  3.995   -3.322  1.00 13.35 ? 11  GLY A O   1 
ATOM   73   N N   . SER A 1 12  ? -7.691  2.123   -4.520  1.00 14.19 ? 12  SER A N   1 
ATOM   74   C CA  . SER A 1 12  ? -8.356  1.288   -3.528  1.00 14.85 ? 12  SER A CA  1 
ATOM   75   C C   . SER A 1 12  ? -7.649  1.442   -2.179  1.00 14.02 ? 12  SER A C   1 
ATOM   76   O O   . SER A 1 12  ? -6.421  1.364   -2.105  1.00 13.76 ? 12  SER A O   1 
ATOM   77   C CB  . SER A 1 12  ? -8.331  -0.178  -3.966  1.00 15.69 ? 12  SER A CB  1 
ATOM   78   O OG  . SER A 1 12  ? -9.159  -0.971  -3.130  1.00 17.92 ? 12  SER A OG  1 
ATOM   79   N N   . ASN A 1 13  ? -8.438  1.668   -1.131  1.00 13.72 ? 13  ASN A N   1 
ATOM   80   C CA  . ASN A 1 13  ? -7.949  1.853   0.241   1.00 13.85 ? 13  ASN A CA  1 
ATOM   81   C C   . ASN A 1 13  ? -7.450  3.258   0.555   1.00 13.58 ? 13  ASN A C   1 
ATOM   82   O O   . ASN A 1 13  ? -7.114  3.558   1.705   1.00 14.03 ? 13  ASN A O   1 
ATOM   83   C CB  . ASN A 1 13  ? -6.881  0.805   0.627   1.00 13.58 ? 13  ASN A CB  1 
ATOM   84   C CG  . ASN A 1 13  ? -7.462  -0.603  0.761   1.00 14.38 ? 13  ASN A CG  1 
ATOM   85   O OD1 . ASN A 1 13  ? -8.425  -0.815  1.488   1.00 15.99 ? 13  ASN A OD1 1 
ATOM   86   N ND2 . ASN A 1 13  ? -6.883  -1.559  0.052   1.00 14.19 ? 13  ASN A ND2 1 
ATOM   87   N N   . LEU A 1 14  ? -7.419  4.133   -0.450  1.00 13.50 ? 14  LEU A N   1 
ATOM   88   C CA  . LEU A 1 14  ? -6.912  5.492   -0.228  1.00 13.61 ? 14  LEU A CA  1 
ATOM   89   C C   . LEU A 1 14  ? -7.776  6.250   0.769   1.00 13.52 ? 14  LEU A C   1 
ATOM   90   O O   . LEU A 1 14  ? -7.263  6.904   1.666   1.00 14.02 ? 14  LEU A O   1 
ATOM   91   C CB  . LEU A 1 14  ? -6.830  6.274   -1.537  1.00 13.20 ? 14  LEU A CB  1 
ATOM   92   C CG  . LEU A 1 14  ? -6.434  7.741   -1.369  1.00 14.01 ? 14  LEU A CG  1 
ATOM   93   C CD1 . LEU A 1 14  ? -5.060  7.837   -0.665  1.00 12.97 ? 14  LEU A CD1 1 
ATOM   94   C CD2 . LEU A 1 14  ? -6.424  8.456   -2.716  1.00 14.48 ? 14  LEU A CD2 1 
ATOM   95   N N   . GLN A 1 15  ? -9.092  6.153   0.629   1.00 13.86 ? 15  GLN A N   1 
ATOM   96   C CA  . GLN A 1 15  ? -9.969  6.860   1.556   1.00 13.86 ? 15  GLN A CA  1 
ATOM   97   C C   . GLN A 1 15  ? -9.823  6.308   2.968   1.00 13.99 ? 15  GLN A C   1 
ATOM   98   O O   . GLN A 1 15  ? -9.866  7.058   3.939   1.00 13.89 ? 15  GLN A O   1 
ATOM   99   C CB  . GLN A 1 15  ? -11.430 6.788   1.115   1.00 14.33 ? 15  GLN A CB  1 
ATOM   100  C CG  . GLN A 1 15  ? -12.306 7.761   1.884   1.00 14.71 ? 15  GLN A CG  1 
ATOM   101  C CD  . GLN A 1 15  ? -11.981 9.218   1.555   1.00 15.64 ? 15  GLN A CD  1 
ATOM   102  O OE1 . GLN A 1 15  ? -11.925 9.591   0.385   1.00 15.94 ? 15  GLN A OE1 1 
ATOM   103  N NE2 . GLN A 1 15  ? -11.770 10.036  2.584   1.00 17.80 ? 15  GLN A NE2 1 
ATOM   104  N N   . ALA A 1 16  ? -9.651  4.996   3.080   1.00 13.97 ? 16  ALA A N   1 
ATOM   105  C CA  . ALA A 1 16  ? -9.448  4.382   4.389   1.00 13.65 ? 16  ALA A CA  1 
ATOM   106  C C   . ALA A 1 16  ? -8.168  4.943   5.007   1.00 13.66 ? 16  ALA A C   1 
ATOM   107  O O   . ALA A 1 16  ? -8.106  5.223   6.198   1.00 14.07 ? 16  ALA A O   1 
ATOM   108  C CB  . ALA A 1 16  ? -9.356  2.862   4.256   1.00 13.63 ? 16  ALA A CB  1 
ATOM   109  N N   . LEU A 1 17  ? -7.134  5.089   4.190   1.00 13.47 ? 17  LEU A N   1 
ATOM   110  C CA  . LEU A 1 17  ? -5.877  5.645   4.672   1.00 13.69 ? 17  LEU A CA  1 
ATOM   111  C C   . LEU A 1 17  ? -6.056  7.106   5.080   1.00 13.73 ? 17  LEU A C   1 
ATOM   112  O O   . LEU A 1 17  ? -5.612  7.527   6.157   1.00 13.99 ? 17  LEU A O   1 
ATOM   113  C CB  . LEU A 1 17  ? -4.792  5.499   3.612   1.00 13.03 ? 17  LEU A CB  1 
ATOM   114  C CG  . LEU A 1 17  ? -4.327  4.069   3.311   1.00 14.01 ? 17  LEU A CG  1 
ATOM   115  C CD1 . LEU A 1 17  ? -3.353  4.096   2.144   1.00 16.10 ? 17  LEU A CD1 1 
ATOM   116  C CD2 . LEU A 1 17  ? -3.685  3.460   4.525   1.00 14.36 ? 17  LEU A CD2 1 
ATOM   117  N N   . ILE A 1 18  ? -6.711  7.885   4.230   1.00 13.69 ? 18  ILE A N   1 
ATOM   118  C CA  . ILE A 1 18  ? -6.960  9.285   4.564   1.00 14.51 ? 18  ILE A CA  1 
ATOM   119  C C   . ILE A 1 18  ? -7.727  9.406   5.882   1.00 15.15 ? 18  ILE A C   1 
ATOM   120  O O   . ILE A 1 18  ? -7.312  10.127  6.793   1.00 15.11 ? 18  ILE A O   1 
ATOM   121  C CB  . ILE A 1 18  ? -7.733  9.974   3.431   1.00 14.45 ? 18  ILE A CB  1 
ATOM   122  C CG1 . ILE A 1 18  ? -6.855  10.054  2.178   1.00 13.80 ? 18  ILE A CG1 1 
ATOM   123  C CG2 . ILE A 1 18  ? -8.191  11.378  3.867   1.00 14.48 ? 18  ILE A CG2 1 
ATOM   124  C CD1 . ILE A 1 18  ? -7.606  10.515  0.927   1.00 14.94 ? 18  ILE A CD1 1 
ATOM   125  N N   . ASP A 1 19  ? -8.841  8.689   5.988   1.00 16.32 ? 19  ASP A N   1 
ATOM   126  C CA  . ASP A 1 19  ? -9.658  8.724   7.199   1.00 17.72 ? 19  ASP A CA  1 
ATOM   127  C C   . ASP A 1 19  ? -8.841  8.444   8.463   1.00 18.12 ? 19  ASP A C   1 
ATOM   128  O O   . ASP A 1 19  ? -8.971  9.145   9.461   1.00 18.06 ? 19  ASP A O   1 
ATOM   129  C CB  . ASP A 1 19  ? -10.819 7.730   7.098   1.00 18.18 ? 19  ASP A CB  1 
ATOM   130  C CG  . ASP A 1 19  ? -11.866 8.160   6.087   1.00 19.85 ? 19  ASP A CG  1 
ATOM   131  O OD1 . ASP A 1 19  ? -11.784 9.308   5.599   1.00 20.43 ? 19  ASP A OD1 1 
ATOM   132  O OD2 . ASP A 1 19  ? -12.804 7.417   5.719   1.00 20.62 ? 19  ASP A OD2 1 
ATOM   133  N N   . SER A 1 20  ? -7.997  7.421   8.421   1.00 19.06 ? 20  SER A N   1 
ATOM   134  C CA  . SER A 1 20  ? -7.196  7.068   9.592   1.00 20.05 ? 20  SER A CA  1 
ATOM   135  C C   . SER A 1 20  ? -6.251  8.188   10.025  1.00 20.70 ? 20  SER A C   1 
ATOM   136  O O   . SER A 1 20  ? -6.023  8.380   11.216  1.00 20.24 ? 20  SER A O   1 
ATOM   137  C CB  . SER A 1 20  ? -6.394  5.785   9.348   1.00 20.15 ? 20  SER A CB  1 
ATOM   138  O OG  . SER A 1 20  ? -5.414  5.998   8.343   1.00 22.80 ? 20  SER A OG  1 
ATOM   139  N N   . THR A 1 21  ? -5.696  8.927   9.069   1.00 21.74 ? 21  THR A N   1 
ATOM   140  C CA  . THR A 1 21  ? -4.776  10.011  9.426   1.00 23.37 ? 21  THR A CA  1 
ATOM   141  C C   . THR A 1 21  ? -5.472  11.217  10.031  1.00 24.54 ? 21  THR A C   1 
ATOM   142  O O   . THR A 1 21  ? -4.815  12.096  10.590  1.00 24.61 ? 21  THR A O   1 
ATOM   143  C CB  . THR A 1 21  ? -3.952  10.470  8.217   1.00 23.25 ? 21  THR A CB  1 
ATOM   144  O OG1 . THR A 1 21  ? -4.820  11.073  7.251   1.00 24.49 ? 21  THR A OG1 1 
ATOM   145  C CG2 . THR A 1 21  ? -3.369  9.281   7.501   1.00 22.96 ? 21  THR A CG2 1 
ATOM   146  N N   . ARG A 1 22  ? -6.794  11.277  9.916   1.00 25.92 ? 22  ARG A N   1 
ATOM   147  C CA  . ARG A 1 22  ? -7.532  12.402  10.480  1.00 27.63 ? 22  ARG A CA  1 
ATOM   148  C C   . ARG A 1 22  ? -7.840  12.149  11.942  1.00 28.23 ? 22  ARG A C   1 
ATOM   149  O O   . ARG A 1 22  ? -8.172  13.075  12.677  1.00 28.75 ? 22  ARG A O   1 
ATOM   150  C CB  . ARG A 1 22  ? -8.838  12.651  9.723   1.00 28.04 ? 22  ARG A CB  1 
ATOM   151  C CG  . ARG A 1 22  ? -8.681  12.735  8.227   1.00 29.99 ? 22  ARG A CG  1 
ATOM   152  C CD  . ARG A 1 22  ? -8.072  14.026  7.718   1.00 33.27 ? 22  ARG A CD  1 
ATOM   153  N NE  . ARG A 1 22  ? -8.313  14.168  6.285   1.00 36.55 ? 22  ARG A NE  1 
ATOM   154  C CZ  . ARG A 1 22  ? -8.602  15.310  5.674   1.00 38.43 ? 22  ARG A CZ  1 
ATOM   155  N NH1 . ARG A 1 22  ? -8.685  16.444  6.368   1.00 39.81 ? 22  ARG A NH1 1 
ATOM   156  N NH2 . ARG A 1 22  ? -8.812  15.322  4.362   1.00 38.20 ? 22  ARG A NH2 1 
ATOM   157  N N   . GLU A 1 23  ? -7.723  10.888  12.355  1.00 28.79 ? 23  GLU A N   1 
ATOM   158  C CA  . GLU A 1 23  ? -7.984  10.485  13.733  1.00 29.48 ? 23  GLU A CA  1 
ATOM   159  C C   . GLU A 1 23  ? -7.056  11.194  14.716  1.00 29.28 ? 23  GLU A C   1 
ATOM   160  O O   . GLU A 1 23  ? -5.950  11.597  14.356  1.00 29.33 ? 23  GLU A O   1 
ATOM   161  C CB  . GLU A 1 23  ? -7.857  8.967   13.882  1.00 29.96 ? 23  GLU A CB  1 
ATOM   162  C CG  . GLU A 1 23  ? -8.791  8.169   12.984  1.00 32.60 ? 23  GLU A CG  1 
ATOM   163  C CD  . GLU A 1 23  ? -10.258 8.374   13.323  1.00 36.46 ? 23  GLU A CD  1 
ATOM   164  O OE1 . GLU A 1 23  ? -10.563 9.190   14.222  1.00 37.96 ? 23  GLU A OE1 1 
ATOM   165  O OE2 . GLU A 1 23  ? -11.114 7.713   12.690  1.00 38.22 ? 23  GLU A OE2 1 
ATOM   166  N N   . PRO A 1 24  ? -7.517  11.327  15.957  1.00 29.18 ? 24  PRO A N   1 
ATOM   167  C CA  . PRO A 1 24  ? -6.804  12.076  17.001  1.00 28.96 ? 24  PRO A CA  1 
ATOM   168  C C   . PRO A 1 24  ? -5.312  11.767  17.152  1.00 28.33 ? 24  PRO A C   1 
ATOM   169  O O   . PRO A 1 24  ? -4.488  12.666  16.986  1.00 28.95 ? 24  PRO A O   1 
ATOM   170  C CB  . PRO A 1 24  ? -7.543  11.674  18.285  1.00 28.99 ? 24  PRO A CB  1 
ATOM   171  C CG  . PRO A 1 24  ? -8.921  11.319  17.833  1.00 29.54 ? 24  PRO A CG  1 
ATOM   172  C CD  . PRO A 1 24  ? -8.775  10.742  16.453  1.00 29.22 ? 24  PRO A CD  1 
ATOM   173  N N   . ASN A 1 25  ? -4.970  10.527  17.471  1.00 27.38 ? 25  ASN A N   1 
ATOM   174  C CA  . ASN A 1 25  ? -3.576  10.180  17.729  1.00 26.34 ? 25  ASN A CA  1 
ATOM   175  C C   . ASN A 1 25  ? -2.810  9.649   16.512  1.00 24.86 ? 25  ASN A C   1 
ATOM   176  O O   . ASN A 1 25  ? -1.905  8.831   16.664  1.00 24.74 ? 25  ASN A O   1 
ATOM   177  C CB  . ASN A 1 25  ? -3.488  9.157   18.869  1.00 26.71 ? 25  ASN A CB  1 
ATOM   178  C CG  . ASN A 1 25  ? -4.144  9.646   20.161  1.00 28.63 ? 25  ASN A CG  1 
ATOM   179  O OD1 . ASN A 1 25  ? -5.328  9.392   20.409  1.00 30.57 ? 25  ASN A OD1 1 
ATOM   180  N ND2 . ASN A 1 25  ? -3.367  10.332  21.001  1.00 29.55 ? 25  ASN A ND2 1 
ATOM   181  N N   . SER A 1 26  ? -3.165  10.103  15.313  1.00 22.94 ? 26  SER A N   1 
ATOM   182  C CA  . SER A 1 26  ? -2.487  9.613   14.112  1.00 20.95 ? 26  SER A CA  1 
ATOM   183  C C   . SER A 1 26  ? -1.024  10.033  14.068  1.00 19.46 ? 26  SER A C   1 
ATOM   184  O O   . SER A 1 26  ? -0.682  11.170  14.396  1.00 19.21 ? 26  SER A O   1 
ATOM   185  C CB  . SER A 1 26  ? -3.185  10.089  12.834  1.00 20.92 ? 26  SER A CB  1 
ATOM   186  O OG  . SER A 1 26  ? -2.452  9.672   11.691  1.00 20.70 ? 26  SER A OG  1 
ATOM   187  N N   . SER A 1 27  ? -0.169  9.107   13.658  1.00 17.66 ? 27  SER A N   1 
ATOM   188  C CA  . SER A 1 27  ? 1.252   9.382   13.520  1.00 16.87 ? 27  SER A CA  1 
ATOM   189  C C   . SER A 1 27  ? 1.587   9.667   12.059  1.00 16.08 ? 27  SER A C   1 
ATOM   190  O O   . SER A 1 27  ? 2.752   9.841   11.698  1.00 15.77 ? 27  SER A O   1 
ATOM   191  C CB  . SER A 1 27  ? 2.067   8.184   14.014  1.00 17.07 ? 27  SER A CB  1 
ATOM   192  O OG  . SER A 1 27  ? 1.850   7.980   15.397  1.00 16.53 ? 27  SER A OG  1 
ATOM   193  N N   . ALA A 1 28  ? 0.557   9.703   11.217  1.00 15.60 ? 28  ALA A N   1 
ATOM   194  C CA  . ALA A 1 28  ? 0.757   9.903   9.784   1.00 15.43 ? 28  ALA A CA  1 
ATOM   195  C C   . ALA A 1 28  ? -0.125  10.995  9.193   1.00 15.32 ? 28  ALA A C   1 
ATOM   196  O O   . ALA A 1 28  ? -1.214  11.263  9.692   1.00 15.27 ? 28  ALA A O   1 
ATOM   197  C CB  . ALA A 1 28  ? 0.502   8.598   9.031   1.00 15.00 ? 28  ALA A CB  1 
ATOM   198  N N   . GLN A 1 29  ? 0.370   11.620  8.127   1.00 15.51 ? 29  GLN A N   1 
ATOM   199  C CA  . GLN A 1 29  ? -0.410  12.570  7.340   1.00 15.98 ? 29  GLN A CA  1 
ATOM   200  C C   . GLN A 1 29  ? -0.178  12.232  5.870   1.00 15.35 ? 29  GLN A C   1 
ATOM   201  O O   . GLN A 1 29  ? 0.956   12.001  5.470   1.00 15.24 ? 29  GLN A O   1 
ATOM   202  C CB  . GLN A 1 29  ? 0.027   14.017  7.609   1.00 17.39 ? 29  GLN A CB  1 
ATOM   203  C CG  . GLN A 1 29  ? -0.528  14.618  8.900   1.00 21.63 ? 29  GLN A CG  1 
ATOM   204  C CD  . GLN A 1 29  ? -0.252  16.117  9.008   1.00 28.96 ? 29  GLN A CD  1 
ATOM   205  O OE1 . GLN A 1 29  ? 0.798   16.592  8.559   1.00 32.07 ? 29  GLN A OE1 1 
ATOM   206  N NE2 . GLN A 1 29  ? -1.191  16.860  9.598   1.00 31.59 ? 29  GLN A NE2 1 
ATOM   207  N N   . ILE A 1 30  ? -1.240  12.187  5.072   1.00 15.01 ? 30  ILE A N   1 
ATOM   208  C CA  . ILE A 1 30  ? -1.085  11.929  3.641   1.00 15.34 ? 30  ILE A CA  1 
ATOM   209  C C   . ILE A 1 30  ? -0.789  13.268  2.974   1.00 15.17 ? 30  ILE A C   1 
ATOM   210  O O   . ILE A 1 30  ? -1.661  14.138  2.929   1.00 15.41 ? 30  ILE A O   1 
ATOM   211  C CB  . ILE A 1 30  ? -2.362  11.328  3.038   1.00 15.28 ? 30  ILE A CB  1 
ATOM   212  C CG1 . ILE A 1 30  ? -2.851  10.109  3.839   1.00 17.14 ? 30  ILE A CG1 1 
ATOM   213  C CG2 . ILE A 1 30  ? -2.142  10.980  1.559   1.00 15.42 ? 30  ILE A CG2 1 
ATOM   214  C CD1 . ILE A 1 30  ? -1.884  8.945   3.854   1.00 19.92 ? 30  ILE A CD1 1 
ATOM   215  N N   . ASP A 1 31  ? 0.422   13.430  2.456   1.00 15.20 ? 31  ASP A N   1 
ATOM   216  C CA  . ASP A 1 31  ? 0.841   14.719  1.895   1.00 14.84 ? 31  ASP A CA  1 
ATOM   217  C C   . ASP A 1 31  ? 0.873   14.803  0.378   1.00 14.38 ? 31  ASP A C   1 
ATOM   218  O O   . ASP A 1 31  ? 0.949   15.895  -0.183  1.00 13.50 ? 31  ASP A O   1 
ATOM   219  C CB  . ASP A 1 31  ? 2.188   15.130  2.487   1.00 15.95 ? 31  ASP A CB  1 
ATOM   220  C CG  . ASP A 1 31  ? 2.086   15.414  3.963   1.00 18.25 ? 31  ASP A CG  1 
ATOM   221  O OD1 . ASP A 1 31  ? 1.148   16.127  4.360   1.00 18.68 ? 31  ASP A OD1 1 
ATOM   222  O OD2 . ASP A 1 31  ? 2.854   14.919  4.814   1.00 23.65 ? 31  ASP A OD2 1 
ATOM   223  N N   . ILE A 1 32  ? 0.824   13.653  -0.288  1.00 13.65 ? 32  ILE A N   1 
ATOM   224  C CA  . ILE A 1 32  ? 0.791   13.630  -1.746  1.00 13.74 ? 32  ILE A CA  1 
ATOM   225  C C   . ILE A 1 32  ? 0.279   12.289  -2.266  1.00 13.56 ? 32  ILE A C   1 
ATOM   226  O O   . ILE A 1 32  ? 0.505   11.249  -1.653  1.00 13.38 ? 32  ILE A O   1 
ATOM   227  C CB  . ILE A 1 32  ? 2.175   13.954  -2.368  1.00 13.94 ? 32  ILE A CB  1 
ATOM   228  C CG1 . ILE A 1 32  ? 2.022   14.106  -3.885  1.00 15.85 ? 32  ILE A CG1 1 
ATOM   229  C CG2 . ILE A 1 32  ? 3.210   12.868  -2.015  1.00 14.16 ? 32  ILE A CG2 1 
ATOM   230  C CD1 . ILE A 1 32  ? 3.228   14.664  -4.575  1.00 18.42 ? 32  ILE A CD1 1 
ATOM   231  N N   . VAL A 1 33  ? -0.460  12.336  -3.368  1.00 12.83 ? 33  VAL A N   1 
ATOM   232  C CA  . VAL A 1 33  ? -0.906  11.132  -4.069  1.00 12.68 ? 33  VAL A CA  1 
ATOM   233  C C   . VAL A 1 33  ? -0.379  11.267  -5.495  1.00 12.76 ? 33  VAL A C   1 
ATOM   234  O O   . VAL A 1 33  ? -0.596  12.289  -6.157  1.00 12.70 ? 33  VAL A O   1 
ATOM   235  C CB  . VAL A 1 33  ? -2.429  10.990  -4.063  1.00 12.71 ? 33  VAL A CB  1 
ATOM   236  C CG1 . VAL A 1 33  ? -2.861  9.830   -4.967  1.00 12.43 ? 33  VAL A CG1 1 
ATOM   237  C CG2 . VAL A 1 33  ? -2.940  10.787  -2.623  1.00 12.77 ? 33  VAL A CG2 1 
ATOM   238  N N   . ILE A 1 34  ? 0.362   10.265  -5.948  1.00 11.85 ? 34  ILE A N   1 
ATOM   239  C CA  . ILE A 1 34  ? 0.994   10.310  -7.255  1.00 11.98 ? 34  ILE A CA  1 
ATOM   240  C C   . ILE A 1 34  ? 0.445   9.189   -8.116  1.00 11.94 ? 34  ILE A C   1 
ATOM   241  O O   . ILE A 1 34  ? 0.409   8.034   -7.682  1.00 12.39 ? 34  ILE A O   1 
ATOM   242  C CB  . ILE A 1 34  ? 2.517   10.108  -7.115  1.00 12.26 ? 34  ILE A CB  1 
ATOM   243  C CG1 . ILE A 1 34  ? 3.127   11.196  -6.216  1.00 12.19 ? 34  ILE A CG1 1 
ATOM   244  C CG2 . ILE A 1 34  ? 3.170   10.103  -8.500  1.00 12.67 ? 34  ILE A CG2 1 
ATOM   245  C CD1 . ILE A 1 34  ? 4.594   10.935  -5.810  1.00 13.95 ? 34  ILE A CD1 1 
ATOM   246  N N   . SER A 1 35  ? 0.026   9.514   -9.331  1.00 11.90 ? 35  SER A N   1 
ATOM   247  C CA  . SER A 1 35  ? -0.472  8.512   -10.258 1.00 11.50 ? 35  SER A CA  1 
ATOM   248  C C   . SER A 1 35  ? 0.386   8.492   -11.508 1.00 12.02 ? 35  SER A C   1 
ATOM   249  O O   . SER A 1 35  ? 0.908   9.534   -11.914 1.00 12.45 ? 35  SER A O   1 
ATOM   250  C CB  . SER A 1 35  ? -1.912  8.840   -10.654 1.00 11.58 ? 35  SER A CB  1 
ATOM   251  O OG  . SER A 1 35  ? -2.429  7.893   -11.564 1.00 11.69 ? 35  SER A OG  1 
ATOM   252  N N   . ASN A 1 36  ? 0.543   7.323   -12.129 1.00 11.64 ? 36  ASN A N   1 
ATOM   253  C CA  . ASN A 1 36  ? 1.210   7.266   -13.437 1.00 12.38 ? 36  ASN A CA  1 
ATOM   254  C C   . ASN A 1 36  ? 0.184   7.402   -14.563 1.00 12.28 ? 36  ASN A C   1 
ATOM   255  O O   . ASN A 1 36  ? 0.537   7.389   -15.753 1.00 12.86 ? 36  ASN A O   1 
ATOM   256  C CB  . ASN A 1 36  ? 2.016   5.973   -13.617 1.00 12.20 ? 36  ASN A CB  1 
ATOM   257  C CG  . ASN A 1 36  ? 1.143   4.744   -13.590 1.00 13.06 ? 36  ASN A CG  1 
ATOM   258  O OD1 . ASN A 1 36  ? 0.376   4.551   -12.655 1.00 15.03 ? 36  ASN A OD1 1 
ATOM   259  N ND2 . ASN A 1 36  ? 1.257   3.896   -14.620 1.00 13.29 ? 36  ASN A ND2 1 
ATOM   260  N N   . LYS A 1 37  ? -1.086  7.543   -14.186 1.00 12.37 ? 37  LYS A N   1 
ATOM   261  C CA  . LYS A 1 37  ? -2.175  7.709   -15.160 1.00 12.89 ? 37  LYS A CA  1 
ATOM   262  C C   . LYS A 1 37  ? -3.053  8.928   -14.853 1.00 12.23 ? 37  LYS A C   1 
ATOM   263  O O   . LYS A 1 37  ? -3.523  9.106   -13.733 1.00 11.86 ? 37  LYS A O   1 
ATOM   264  C CB  . LYS A 1 37  ? -3.028  6.441   -15.238 1.00 13.60 ? 37  LYS A CB  1 
ATOM   265  C CG  . LYS A 1 37  ? -2.239  5.213   -15.711 1.00 17.00 ? 37  LYS A CG  1 
ATOM   266  C CD  . LYS A 1 37  ? -3.140  4.121   -16.248 1.00 23.50 ? 37  LYS A CD  1 
ATOM   267  C CE  . LYS A 1 37  ? -2.357  3.107   -17.087 1.00 26.70 ? 37  LYS A CE  1 
ATOM   268  N NZ  . LYS A 1 37  ? -2.052  3.638   -18.451 1.00 30.25 ? 37  LYS A NZ  1 
ATOM   269  N N   . ALA A 1 38  ? -3.273  9.768   -15.858 1.00 12.43 ? 38  ALA A N   1 
ATOM   270  C CA  . ALA A 1 38  ? -4.051  10.977  -15.644 1.00 12.18 ? 38  ALA A CA  1 
ATOM   271  C C   . ALA A 1 38  ? -5.538  10.705  -15.470 1.00 11.91 ? 38  ALA A C   1 
ATOM   272  O O   . ALA A 1 38  ? -6.090  9.788   -16.071 1.00 11.67 ? 38  ALA A O   1 
ATOM   273  C CB  . ALA A 1 38  ? -3.841  11.962  -16.813 1.00 12.46 ? 38  ALA A CB  1 
ATOM   274  N N   . ALA A 1 39  ? -6.171  11.525  -14.639 1.00 11.97 ? 39  ALA A N   1 
ATOM   275  C CA  . ALA A 1 39  ? -7.633  11.555  -14.513 1.00 12.34 ? 39  ALA A CA  1 
ATOM   276  C C   . ALA A 1 39  ? -8.286  10.267  -14.043 1.00 12.41 ? 39  ALA A C   1 
ATOM   277  O O   . ALA A 1 39  ? -9.446  9.993   -14.382 1.00 13.29 ? 39  ALA A O   1 
ATOM   278  C CB  . ALA A 1 39  ? -8.283  12.046  -15.824 1.00 12.17 ? 39  ALA A CB  1 
ATOM   279  N N   . VAL A 1 40  ? -7.548  9.494   -13.249 1.00 12.45 ? 40  VAL A N   1 
ATOM   280  C CA  . VAL A 1 40  ? -8.099  8.269   -12.683 1.00 12.22 ? 40  VAL A CA  1 
ATOM   281  C C   . VAL A 1 40  ? -8.861  8.613   -11.402 1.00 12.38 ? 40  VAL A C   1 
ATOM   282  O O   . VAL A 1 40  ? -8.659  9.684   -10.821 1.00 11.98 ? 40  VAL A O   1 
ATOM   283  C CB  . VAL A 1 40  ? -7.022  7.199   -12.456 1.00 11.96 ? 40  VAL A CB  1 
ATOM   284  C CG1 . VAL A 1 40  ? -6.468  6.736   -13.797 1.00 12.44 ? 40  VAL A CG1 1 
ATOM   285  C CG2 . VAL A 1 40  ? -5.886  7.733   -11.569 1.00 11.62 ? 40  VAL A CG2 1 
ATOM   286  N N   . ALA A 1 41  ? -9.741  7.709   -10.976 1.00 12.61 ? 41  ALA A N   1 
ATOM   287  C CA  . ALA A 1 41  ? -10.614 7.958   -9.827  1.00 12.79 ? 41  ALA A CA  1 
ATOM   288  C C   . ALA A 1 41  ? -9.878  8.260   -8.520  1.00 12.89 ? 41  ALA A C   1 
ATOM   289  O O   . ALA A 1 41  ? -10.362 9.047   -7.696  1.00 12.79 ? 41  ALA A O   1 
ATOM   290  C CB  . ALA A 1 41  ? -11.611 6.780   -9.639  1.00 13.60 ? 41  ALA A CB  1 
ATOM   291  N N   . GLY A 1 42  ? -8.713  7.642   -8.332  1.00 12.43 ? 42  GLY A N   1 
ATOM   292  C CA  . GLY A 1 42  ? -7.926  7.856   -7.129  1.00 12.72 ? 42  GLY A CA  1 
ATOM   293  C C   . GLY A 1 42  ? -7.428  9.286   -6.982  1.00 12.65 ? 42  GLY A C   1 
ATOM   294  O O   . GLY A 1 42  ? -7.257  9.784   -5.870  1.00 12.72 ? 42  GLY A O   1 
ATOM   295  N N   . LEU A 1 43  ? -7.175  9.940   -8.109  1.00 12.28 ? 43  LEU A N   1 
ATOM   296  C CA  . LEU A 1 43  ? -6.722  11.326  -8.075  1.00 12.51 ? 43  LEU A CA  1 
ATOM   297  C C   . LEU A 1 43  ? -7.873  12.196  -7.594  1.00 12.47 ? 43  LEU A C   1 
ATOM   298  O O   . LEU A 1 43  ? -7.697  13.084  -6.760  1.00 12.45 ? 43  LEU A O   1 
ATOM   299  C CB  . LEU A 1 43  ? -6.250  11.770  -9.461  1.00 12.27 ? 43  LEU A CB  1 
ATOM   300  C CG  . LEU A 1 43  ? -4.901  11.222  -9.932  1.00 11.98 ? 43  LEU A CG  1 
ATOM   301  C CD1 . LEU A 1 43  ? -4.674  11.535  -11.414 1.00 12.70 ? 43  LEU A CD1 1 
ATOM   302  C CD2 . LEU A 1 43  ? -3.757  11.757  -9.071  1.00 12.82 ? 43  LEU A CD2 1 
ATOM   303  N N   . ASP A 1 44  ? -9.061  11.950  -8.141  1.00 12.81 ? 44  ASP A N   1 
ATOM   304  C CA  . ASP A 1 44  ? -10.249 12.683  -7.737  1.00 13.50 ? 44  ASP A CA  1 
ATOM   305  C C   . ASP A 1 44  ? -10.489 12.470  -6.233  1.00 13.10 ? 44  ASP A C   1 
ATOM   306  O O   . ASP A 1 44  ? -10.819 13.407  -5.526  1.00 13.51 ? 44  ASP A O   1 
ATOM   307  C CB  . ASP A 1 44  ? -11.441 12.234  -8.584  1.00 13.63 ? 44  ASP A CB  1 
ATOM   308  C CG  . ASP A 1 44  ? -12.597 13.213  -8.567  1.00 15.34 ? 44  ASP A CG  1 
ATOM   309  O OD1 . ASP A 1 44  ? -12.396 14.453  -8.468  1.00 14.12 ? 44  ASP A OD1 1 
ATOM   310  O OD2 . ASP A 1 44  ? -13.774 12.815  -8.691  1.00 17.92 ? 44  ASP A OD2 1 
ATOM   311  N N   . LYS A 1 45  ? -10.307 11.244  -5.731  1.00 13.27 ? 45  LYS A N   1 
ATOM   312  C CA  . LYS A 1 45  ? -10.455 11.017  -4.292  1.00 12.88 ? 45  LYS A CA  1 
ATOM   313  C C   . LYS A 1 45  ? -9.524  11.917  -3.483  1.00 12.99 ? 45  LYS A C   1 
ATOM   314  O O   . LYS A 1 45  ? -9.934  12.556  -2.510  1.00 13.48 ? 45  LYS A O   1 
ATOM   315  C CB  . LYS A 1 45  ? -10.101 9.561   -3.929  1.00 13.26 ? 45  LYS A CB  1 
ATOM   316  C CG  . LYS A 1 45  ? -11.098 8.524   -4.318  1.00 14.97 ? 45  LYS A CG  1 
ATOM   317  C CD  . LYS A 1 45  ? -10.653 7.175   -3.734  1.00 15.04 ? 45  LYS A CD  1 
ATOM   318  C CE  . LYS A 1 45  ? -11.573 6.049   -4.141  1.00 15.52 ? 45  LYS A CE  1 
ATOM   319  N NZ  . LYS A 1 45  ? -10.927 4.731   -3.871  1.00 14.95 ? 45  LYS A NZ  1 
ATOM   320  N N   . ALA A 1 46  ? -8.260  11.943  -3.876  1.00 12.30 ? 46  ALA A N   1 
ATOM   321  C CA  . ALA A 1 46  ? -7.257  12.741  -3.189  1.00 12.48 ? 46  ALA A CA  1 
ATOM   322  C C   . ALA A 1 46  ? -7.586  14.235  -3.271  1.00 12.49 ? 46  ALA A C   1 
ATOM   323  O O   . ALA A 1 46  ? -7.531  14.967  -2.275  1.00 12.07 ? 46  ALA A O   1 
ATOM   324  C CB  . ALA A 1 46  ? -5.879  12.463  -3.792  1.00 12.56 ? 46  ALA A CB  1 
ATOM   325  N N   . GLU A 1 47  ? -7.939  14.677  -4.475  1.00 13.17 ? 47  GLU A N   1 
ATOM   326  C CA  . GLU A 1 47  ? -8.195  16.096  -4.707  1.00 13.57 ? 47  GLU A CA  1 
ATOM   327  C C   . GLU A 1 47  ? -9.409  16.562  -3.909  1.00 14.30 ? 47  GLU A C   1 
ATOM   328  O O   . GLU A 1 47  ? -9.413  17.661  -3.340  1.00 14.64 ? 47  GLU A O   1 
ATOM   329  C CB  . GLU A 1 47  ? -8.318  16.372  -6.226  1.00 13.45 ? 47  GLU A CB  1 
ATOM   330  C CG  . GLU A 1 47  ? -6.952  16.310  -6.902  1.00 13.61 ? 47  GLU A CG  1 
ATOM   331  C CD  . GLU A 1 47  ? -6.943  15.884  -8.363  1.00 14.23 ? 47  GLU A CD  1 
ATOM   332  O OE1 . GLU A 1 47  ? -8.013  15.810  -9.006  1.00 13.32 ? 47  GLU A OE1 1 
ATOM   333  O OE2 . GLU A 1 47  ? -5.826  15.615  -8.873  1.00 14.28 ? 47  GLU A OE2 1 
ATOM   334  N N   . ARG A 1 48  ? -10.434 15.718  -3.849  1.00 14.79 ? 48  ARG A N   1 
ATOM   335  C CA  . ARG A 1 48  ? -11.643 16.036  -3.093  1.00 15.44 ? 48  ARG A CA  1 
ATOM   336  C C   . ARG A 1 48  ? -11.350 16.130  -1.603  1.00 15.57 ? 48  ARG A C   1 
ATOM   337  O O   . ARG A 1 48  ? -12.016 16.876  -0.876  1.00 16.03 ? 48  ARG A O   1 
ATOM   338  C CB  . ARG A 1 48  ? -12.745 15.008  -3.373  1.00 15.86 ? 48  ARG A CB  1 
ATOM   339  C CG  . ARG A 1 48  ? -13.325 15.118  -4.785  1.00 18.09 ? 48  ARG A CG  1 
ATOM   340  C CD  . ARG A 1 48  ? -14.412 14.095  -5.079  1.00 24.12 ? 48  ARG A CD  1 
ATOM   341  N NE  . ARG A 1 48  ? -15.701 14.588  -4.618  1.00 30.06 ? 48  ARG A NE  1 
ATOM   342  C CZ  . ARG A 1 48  ? -16.863 14.224  -5.132  1.00 32.79 ? 48  ARG A CZ  1 
ATOM   343  N NH1 . ARG A 1 48  ? -16.904 13.335  -6.118  1.00 35.72 ? 48  ARG A NH1 1 
ATOM   344  N NH2 . ARG A 1 48  ? -17.988 14.733  -4.650  1.00 33.81 ? 48  ARG A NH2 1 
ATOM   345  N N   . ALA A 1 49  ? -10.330 15.403  -1.162  1.00 15.22 ? 49  ALA A N   1 
ATOM   346  C CA  . ALA A 1 49  ? -9.900  15.436  0.232   1.00 15.19 ? 49  ALA A CA  1 
ATOM   347  C C   . ALA A 1 49  ? -8.899  16.561  0.532   1.00 15.07 ? 49  ALA A C   1 
ATOM   348  O O   . ALA A 1 49  ? -8.423  16.700  1.668   1.00 15.77 ? 49  ALA A O   1 
ATOM   349  C CB  . ALA A 1 49  ? -9.310  14.075  0.630   1.00 15.23 ? 49  ALA A CB  1 
ATOM   350  N N   . GLY A 1 50  ? -8.563  17.360  -0.478  1.00 14.45 ? 50  GLY A N   1 
ATOM   351  C CA  . GLY A 1 50  ? -7.614  18.453  -0.294  1.00 14.01 ? 50  GLY A CA  1 
ATOM   352  C C   . GLY A 1 50  ? -6.138  18.065  -0.243  1.00 13.82 ? 50  GLY A C   1 
ATOM   353  O O   . GLY A 1 50  ? -5.305  18.818  0.281   1.00 14.41 ? 50  GLY A O   1 
ATOM   354  N N   . ILE A 1 51  ? -5.804  16.912  -0.809  1.00 12.59 ? 51  ILE A N   1 
ATOM   355  C CA  . ILE A 1 51  ? -4.426  16.423  -0.832  1.00 12.52 ? 51  ILE A CA  1 
ATOM   356  C C   . ILE A 1 51  ? -3.791  16.668  -2.200  1.00 11.71 ? 51  ILE A C   1 
ATOM   357  O O   . ILE A 1 51  ? -4.405  16.373  -3.233  1.00 11.03 ? 51  ILE A O   1 
ATOM   358  C CB  . ILE A 1 51  ? -4.404  14.916  -0.495  1.00 12.49 ? 51  ILE A CB  1 
ATOM   359  C CG1 . ILE A 1 51  ? -5.049  14.692  0.882   1.00 13.87 ? 51  ILE A CG1 1 
ATOM   360  C CG2 . ILE A 1 51  ? -2.968  14.346  -0.532  1.00 13.59 ? 51  ILE A CG2 1 
ATOM   361  C CD1 . ILE A 1 51  ? -5.262  13.238  1.224   1.00 16.09 ? 51  ILE A CD1 1 
ATOM   362  N N   . PRO A 1 52  ? -2.586  17.228  -2.211  1.00 11.10 ? 52  PRO A N   1 
ATOM   363  C CA  . PRO A 1 52  ? -1.877  17.475  -3.467  1.00 11.38 ? 52  PRO A CA  1 
ATOM   364  C C   . PRO A 1 52  ? -1.704  16.203  -4.275  1.00 11.38 ? 52  PRO A C   1 
ATOM   365  O O   . PRO A 1 52  ? -1.547  15.117  -3.696  1.00 11.09 ? 52  PRO A O   1 
ATOM   366  C CB  . PRO A 1 52  ? -0.511  17.978  -2.998  1.00 11.63 ? 52  PRO A CB  1 
ATOM   367  C CG  . PRO A 1 52  ? -0.797  18.619  -1.674  1.00 12.56 ? 52  PRO A CG  1 
ATOM   368  C CD  . PRO A 1 52  ? -1.817  17.714  -1.049  1.00 10.94 ? 52  PRO A CD  1 
ATOM   369  N N   . THR A 1 53  ? -1.732  16.350  -5.597  1.00 10.67 ? 53  THR A N   1 
ATOM   370  C CA  . THR A 1 53  ? -1.536  15.222  -6.505  1.00 10.74 ? 53  THR A CA  1 
ATOM   371  C C   . THR A 1 53  ? -0.562  15.591  -7.604  1.00 10.63 ? 53  THR A C   1 
ATOM   372  O O   . THR A 1 53  ? -0.385  16.775  -7.934  1.00 9.75  ? 53  THR A O   1 
ATOM   373  C CB  . THR A 1 53  ? -2.872  14.789  -7.173  1.00 10.65 ? 53  THR A CB  1 
ATOM   374  O OG1 . THR A 1 53  ? -3.534  15.944  -7.708  1.00 12.34 ? 53  THR A OG1 1 
ATOM   375  C CG2 . THR A 1 53  ? -3.844  14.248  -6.132  1.00 11.09 ? 53  THR A CG2 1 
ATOM   376  N N   . ARG A 1 54  ? 0.056   14.565  -8.173  1.00 10.41 ? 54  ARG A N   1 
ATOM   377  C CA  . ARG A 1 54  ? 0.974   14.710  -9.289  1.00 11.22 ? 54  ARG A CA  1 
ATOM   378  C C   . ARG A 1 54  ? 0.735   13.533  -10.232 1.00 11.75 ? 54  ARG A C   1 
ATOM   379  O O   . ARG A 1 54  ? 0.379   12.446  -9.792  1.00 12.58 ? 54  ARG A O   1 
ATOM   380  C CB  . ARG A 1 54  ? 2.428   14.663  -8.803  1.00 11.19 ? 54  ARG A CB  1 
ATOM   381  C CG  . ARG A 1 54  ? 2.882   15.927  -8.076  1.00 10.60 ? 54  ARG A CG  1 
ATOM   382  C CD  . ARG A 1 54  ? 3.164   17.089  -9.034  1.00 11.04 ? 54  ARG A CD  1 
ATOM   383  N NE  . ARG A 1 54  ? 3.597   18.286  -8.316  1.00 11.89 ? 54  ARG A NE  1 
ATOM   384  C CZ  . ARG A 1 54  ? 2.757   19.156  -7.766  1.00 12.42 ? 54  ARG A CZ  1 
ATOM   385  N NH1 . ARG A 1 54  ? 1.446   18.956  -7.855  1.00 12.36 ? 54  ARG A NH1 1 
ATOM   386  N NH2 . ARG A 1 54  ? 3.221   20.236  -7.137  1.00 12.53 ? 54  ARG A NH2 1 
ATOM   387  N N   . VAL A 1 55  ? 0.945   13.752  -11.520 1.00 12.05 ? 55  VAL A N   1 
ATOM   388  C CA  . VAL A 1 55  ? 0.838   12.689  -12.502 1.00 13.03 ? 55  VAL A CA  1 
ATOM   389  C C   . VAL A 1 55  ? 2.193   12.578  -13.184 1.00 14.21 ? 55  VAL A C   1 
ATOM   390  O O   . VAL A 1 55  ? 2.720   13.574  -13.684 1.00 13.80 ? 55  VAL A O   1 
ATOM   391  C CB  . VAL A 1 55  ? -0.259  12.994  -13.534 1.00 13.19 ? 55  VAL A CB  1 
ATOM   392  C CG1 . VAL A 1 55  ? -0.264  11.960  -14.669 1.00 13.44 ? 55  VAL A CG1 1 
ATOM   393  C CG2 . VAL A 1 55  ? -1.606  13.075  -12.851 1.00 12.68 ? 55  VAL A CG2 1 
ATOM   394  N N   . ILE A 1 56  ? 2.766   11.373  -13.165 1.00 14.93 ? 56  ILE A N   1 
ATOM   395  C CA  . ILE A 1 56  ? 4.063   11.116  -13.785 1.00 16.45 ? 56  ILE A CA  1 
ATOM   396  C C   . ILE A 1 56  ? 3.845   10.085  -14.877 1.00 17.41 ? 56  ILE A C   1 
ATOM   397  O O   . ILE A 1 56  ? 3.600   8.914   -14.592 1.00 18.13 ? 56  ILE A O   1 
ATOM   398  C CB  . ILE A 1 56  ? 5.093   10.611  -12.745 1.00 16.81 ? 56  ILE A CB  1 
ATOM   399  C CG1 . ILE A 1 56  ? 5.227   11.604  -11.586 1.00 17.01 ? 56  ILE A CG1 1 
ATOM   400  C CG2 . ILE A 1 56  ? 6.449   10.339  -13.406 1.00 16.64 ? 56  ILE A CG2 1 
ATOM   401  C CD1 . ILE A 1 56  ? 5.632   12.986  -12.022 1.00 20.46 ? 56  ILE A CD1 1 
ATOM   402  N N   . ASN A 1 57  ? 3.918   10.532  -16.121 1.00 18.15 ? 57  ASN A N   1 
ATOM   403  C CA  . ASN A 1 57  ? 3.625   9.682   -17.270 1.00 19.84 ? 57  ASN A CA  1 
ATOM   404  C C   . ASN A 1 57  ? 4.850   8.898   -17.728 1.00 20.03 ? 57  ASN A C   1 
ATOM   405  O O   . ASN A 1 57  ? 5.804   9.475   -18.234 1.00 19.76 ? 57  ASN A O   1 
ATOM   406  C CB  . ASN A 1 57  ? 3.091   10.547  -18.408 1.00 20.01 ? 57  ASN A CB  1 
ATOM   407  C CG  . ASN A 1 57  ? 2.442   9.732   -19.499 1.00 22.10 ? 57  ASN A CG  1 
ATOM   408  O OD1 . ASN A 1 57  ? 2.725   8.539   -19.652 1.00 22.64 ? 57  ASN A OD1 1 
ATOM   409  N ND2 . ASN A 1 57  ? 1.552   10.365  -20.262 1.00 22.70 ? 57  ASN A ND2 1 
ATOM   410  N N   . HIS A 1 58  ? 4.816   7.580   -17.550 1.00 21.35 ? 58  HIS A N   1 
ATOM   411  C CA  . HIS A 1 58  ? 5.970   6.752   -17.905 1.00 22.57 ? 58  HIS A CA  1 
ATOM   412  C C   . HIS A 1 58  ? 6.359   6.848   -19.369 1.00 22.97 ? 58  HIS A C   1 
ATOM   413  O O   . HIS A 1 58  ? 7.519   6.644   -19.724 1.00 22.97 ? 58  HIS A O   1 
ATOM   414  C CB  . HIS A 1 58  ? 5.774   5.292   -17.469 1.00 22.98 ? 58  HIS A CB  1 
ATOM   415  C CG  . HIS A 1 58  ? 4.657   4.580   -18.168 1.00 24.96 ? 58  HIS A CG  1 
ATOM   416  N ND1 . HIS A 1 58  ? 4.763   4.114   -19.462 1.00 27.83 ? 58  HIS A ND1 1 
ATOM   417  C CD2 . HIS A 1 58  ? 3.423   4.222   -17.739 1.00 26.62 ? 58  HIS A CD2 1 
ATOM   418  C CE1 . HIS A 1 58  ? 3.634   3.520   -19.807 1.00 27.50 ? 58  HIS A CE1 1 
ATOM   419  N NE2 . HIS A 1 58  ? 2.803   3.574   -18.781 1.00 27.88 ? 58  HIS A NE2 1 
ATOM   420  N N   . LYS A 1 59  ? 5.403   7.207   -20.219 1.00 23.69 ? 59  LYS A N   1 
ATOM   421  C CA  . LYS A 1 59  ? 5.673   7.323   -21.646 1.00 24.22 ? 59  LYS A CA  1 
ATOM   422  C C   . LYS A 1 59  ? 6.577   8.507   -21.987 1.00 23.88 ? 59  LYS A C   1 
ATOM   423  O O   . LYS A 1 59  ? 7.014   8.654   -23.128 1.00 24.08 ? 59  LYS A O   1 
ATOM   424  C CB  . LYS A 1 59  ? 4.361   7.398   -22.440 1.00 24.64 ? 59  LYS A CB  1 
ATOM   425  C CG  . LYS A 1 59  ? 3.413   6.216   -22.204 1.00 26.87 ? 59  LYS A CG  1 
ATOM   426  C CD  . LYS A 1 59  ? 2.212   6.266   -23.152 1.00 29.75 ? 59  LYS A CD  1 
ATOM   427  C CE  . LYS A 1 59  ? 1.082   5.348   -22.685 1.00 32.13 ? 59  LYS A CE  1 
ATOM   428  N NZ  . LYS A 1 59  ? 1.445   3.907   -22.785 1.00 33.88 ? 59  LYS A NZ  1 
ATOM   429  N N   . LEU A 1 60  ? 6.869   9.345   -20.997 1.00 23.49 ? 60  LEU A N   1 
ATOM   430  C CA  . LEU A 1 60  ? 7.713   10.515  -21.205 1.00 22.76 ? 60  LEU A CA  1 
ATOM   431  C C   . LEU A 1 60  ? 9.172   10.272  -20.807 1.00 22.61 ? 60  LEU A C   1 
ATOM   432  O O   . LEU A 1 60  ? 10.015  11.172  -20.918 1.00 22.20 ? 60  LEU A O   1 
ATOM   433  C CB  . LEU A 1 60  ? 7.163   11.700  -20.412 1.00 23.09 ? 60  LEU A CB  1 
ATOM   434  C CG  . LEU A 1 60  ? 5.789   12.230  -20.820 1.00 23.17 ? 60  LEU A CG  1 
ATOM   435  C CD1 . LEU A 1 60  ? 5.287   13.247  -19.807 1.00 23.89 ? 60  LEU A CD1 1 
ATOM   436  C CD2 . LEU A 1 60  ? 5.857   12.846  -22.214 1.00 23.56 ? 60  LEU A CD2 1 
ATOM   437  N N   . TYR A 1 61  ? 9.468   9.056   -20.354 1.00 21.88 ? 61  TYR A N   1 
ATOM   438  C CA  . TYR A 1 61  ? 10.809  8.720   -19.885 1.00 21.57 ? 61  TYR A CA  1 
ATOM   439  C C   . TYR A 1 61  ? 11.421  7.575   -20.690 1.00 21.89 ? 61  TYR A C   1 
ATOM   440  O O   . TYR A 1 61  ? 10.707  6.719   -21.203 1.00 21.93 ? 61  TYR A O   1 
ATOM   441  C CB  . TYR A 1 61  ? 10.766  8.402   -18.387 1.00 21.12 ? 61  TYR A CB  1 
ATOM   442  C CG  . TYR A 1 61  ? 10.204  9.559   -17.599 1.00 19.40 ? 61  TYR A CG  1 
ATOM   443  C CD1 . TYR A 1 61  ? 8.844   9.659   -17.342 1.00 18.62 ? 61  TYR A CD1 1 
ATOM   444  C CD2 . TYR A 1 61  ? 11.029  10.582  -17.159 1.00 19.78 ? 61  TYR A CD2 1 
ATOM   445  C CE1 . TYR A 1 61  ? 8.323   10.744  -16.633 1.00 18.08 ? 61  TYR A CE1 1 
ATOM   446  C CE2 . TYR A 1 61  ? 10.521  11.664  -16.460 1.00 19.08 ? 61  TYR A CE2 1 
ATOM   447  C CZ  . TYR A 1 61  ? 9.172   11.740  -16.200 1.00 18.52 ? 61  TYR A CZ  1 
ATOM   448  O OH  . TYR A 1 61  ? 8.687   12.824  -15.498 1.00 18.67 ? 61  TYR A OH  1 
ATOM   449  N N   . LYS A 1 62  ? 12.745  7.578   -20.794 1.00 22.28 ? 62  LYS A N   1 
ATOM   450  C CA  . LYS A 1 62  ? 13.466  6.600   -21.608 1.00 22.93 ? 62  LYS A CA  1 
ATOM   451  C C   . LYS A 1 62  ? 13.288  5.163   -21.140 1.00 22.64 ? 62  LYS A C   1 
ATOM   452  O O   . LYS A 1 62  ? 13.139  4.245   -21.954 1.00 22.97 ? 62  LYS A O   1 
ATOM   453  C CB  . LYS A 1 62  ? 14.957  6.958   -21.658 1.00 23.20 ? 62  LYS A CB  1 
ATOM   454  C CG  . LYS A 1 62  ? 15.785  6.047   -22.546 1.00 25.23 ? 62  LYS A CG  1 
ATOM   455  C CD  . LYS A 1 62  ? 17.178  6.612   -22.784 1.00 27.91 ? 62  LYS A CD  1 
ATOM   456  C CE  . LYS A 1 62  ? 18.023  6.579   -21.518 1.00 29.12 ? 62  LYS A CE  1 
ATOM   457  N NZ  . LYS A 1 62  ? 19.460  6.858   -21.827 1.00 30.69 ? 62  LYS A NZ  1 
ATOM   458  N N   . ASN A 1 63  ? 13.306  4.964   -19.826 1.00 22.36 ? 63  ASN A N   1 
ATOM   459  C CA  . ASN A 1 63  ? 13.173  3.630   -19.264 1.00 21.88 ? 63  ASN A CA  1 
ATOM   460  C C   . ASN A 1 63  ? 12.553  3.638   -17.873 1.00 21.60 ? 63  ASN A C   1 
ATOM   461  O O   . ASN A 1 63  ? 12.113  4.677   -17.381 1.00 21.31 ? 63  ASN A O   1 
ATOM   462  C CB  . ASN A 1 63  ? 14.533  2.930   -19.228 1.00 22.15 ? 63  ASN A CB  1 
ATOM   463  C CG  . ASN A 1 63  ? 15.591  3.747   -18.508 1.00 22.46 ? 63  ASN A CG  1 
ATOM   464  O OD1 . ASN A 1 63  ? 15.321  4.365   -17.479 1.00 22.53 ? 63  ASN A OD1 1 
ATOM   465  N ND2 . ASN A 1 63  ? 16.805  3.746   -19.044 1.00 23.29 ? 63  ASN A ND2 1 
ATOM   466  N N   . ARG A 1 64  ? 12.532  2.469   -17.247 1.00 21.08 ? 64  ARG A N   1 
ATOM   467  C CA  . ARG A 1 64  ? 11.932  2.301   -15.933 1.00 21.15 ? 64  ARG A CA  1 
ATOM   468  C C   . ARG A 1 64  ? 12.673  3.084   -14.852 1.00 20.54 ? 64  ARG A C   1 
ATOM   469  O O   . ARG A 1 64  ? 12.054  3.675   -13.961 1.00 20.61 ? 64  ARG A O   1 
ATOM   470  C CB  . ARG A 1 64  ? 11.891  0.816   -15.577 1.00 21.45 ? 64  ARG A CB  1 
ATOM   471  C CG  . ARG A 1 64  ? 11.369  0.510   -14.188 1.00 23.30 ? 64  ARG A CG  1 
ATOM   472  C CD  . ARG A 1 64  ? 11.524  -0.953  -13.777 1.00 26.70 ? 64  ARG A CD  1 
ATOM   473  N NE  . ARG A 1 64  ? 10.791  -1.849  -14.667 1.00 29.18 ? 64  ARG A NE  1 
ATOM   474  C CZ  . ARG A 1 64  ? 11.004  -3.157  -14.753 1.00 31.10 ? 64  ARG A CZ  1 
ATOM   475  N NH1 . ARG A 1 64  ? 11.934  -3.737  -14.002 1.00 31.65 ? 64  ARG A NH1 1 
ATOM   476  N NH2 . ARG A 1 64  ? 10.284  -3.888  -15.591 1.00 32.27 ? 64  ARG A NH2 1 
ATOM   477  N N   . VAL A 1 65  ? 13.999  3.083   -14.927 1.00 19.91 ? 65  VAL A N   1 
ATOM   478  C CA  . VAL A 1 65  ? 14.800  3.791   -13.934 1.00 19.50 ? 65  VAL A CA  1 
ATOM   479  C C   . VAL A 1 65  ? 14.573  5.305   -13.997 1.00 18.90 ? 65  VAL A C   1 
ATOM   480  O O   . VAL A 1 65  ? 14.468  5.963   -12.967 1.00 18.35 ? 65  VAL A O   1 
ATOM   481  C CB  . VAL A 1 65  ? 16.298  3.463   -14.071 1.00 19.76 ? 65  VAL A CB  1 
ATOM   482  C CG1 . VAL A 1 65  ? 17.125  4.388   -13.198 1.00 20.64 ? 65  VAL A CG1 1 
ATOM   483  C CG2 . VAL A 1 65  ? 16.544  2.005   -13.694 1.00 20.07 ? 65  VAL A CG2 1 
ATOM   484  N N   . GLU A 1 66  ? 14.478  5.847   -15.208 1.00 18.21 ? 66  GLU A N   1 
ATOM   485  C CA  . GLU A 1 66  ? 14.252  7.278   -15.380 1.00 18.06 ? 66  GLU A CA  1 
ATOM   486  C C   . GLU A 1 66  ? 12.881  7.654   -14.842 1.00 17.11 ? 66  GLU A C   1 
ATOM   487  O O   . GLU A 1 66  ? 12.719  8.679   -14.183 1.00 16.79 ? 66  GLU A O   1 
ATOM   488  C CB  . GLU A 1 66  ? 14.332  7.660   -16.852 1.00 18.55 ? 66  GLU A CB  1 
ATOM   489  C CG  . GLU A 1 66  ? 15.665  7.339   -17.504 1.00 21.87 ? 66  GLU A CG  1 
ATOM   490  C CD  . GLU A 1 66  ? 16.709  8.392   -17.226 1.00 26.94 ? 66  GLU A CD  1 
ATOM   491  O OE1 . GLU A 1 66  ? 17.147  8.495   -16.055 1.00 29.50 ? 66  GLU A OE1 1 
ATOM   492  O OE2 . GLU A 1 66  ? 17.088  9.114   -18.184 1.00 28.53 ? 66  GLU A OE2 1 
ATOM   493  N N   . PHE A 1 67  ? 11.897  6.819   -15.150 1.00 16.28 ? 67  PHE A N   1 
ATOM   494  C CA  . PHE A 1 67  ? 10.527  7.026   -14.696 1.00 15.72 ? 67  PHE A CA  1 
ATOM   495  C C   . PHE A 1 67  ? 10.436  6.997   -13.164 1.00 15.45 ? 67  PHE A C   1 
ATOM   496  O O   . PHE A 1 67  ? 9.846   7.894   -12.554 1.00 14.88 ? 67  PHE A O   1 
ATOM   497  C CB  . PHE A 1 67  ? 9.607   5.990   -15.355 1.00 15.66 ? 67  PHE A CB  1 
ATOM   498  C CG  . PHE A 1 67  ? 8.272   5.830   -14.684 1.00 16.28 ? 67  PHE A CG  1 
ATOM   499  C CD1 . PHE A 1 67  ? 7.356   6.872   -14.661 1.00 17.02 ? 67  PHE A CD1 1 
ATOM   500  C CD2 . PHE A 1 67  ? 7.926   4.628   -14.081 1.00 17.25 ? 67  PHE A CD2 1 
ATOM   501  C CE1 . PHE A 1 67  ? 6.114   6.706   -14.041 1.00 17.06 ? 67  PHE A CE1 1 
ATOM   502  C CE2 . PHE A 1 67  ? 6.696   4.460   -13.454 1.00 17.75 ? 67  PHE A CE2 1 
ATOM   503  C CZ  . PHE A 1 67  ? 5.788   5.499   -13.436 1.00 17.62 ? 67  PHE A CZ  1 
ATOM   504  N N   . ASP A 1 68  ? 11.031  5.987   -12.538 1.00 15.05 ? 68  ASP A N   1 
ATOM   505  C CA  . ASP A 1 68  ? 11.011  5.896   -11.075 1.00 15.71 ? 68  ASP A CA  1 
ATOM   506  C C   . ASP A 1 68  ? 11.783  7.021   -10.402 1.00 14.94 ? 68  ASP A C   1 
ATOM   507  O O   . ASP A 1 68  ? 11.430  7.449   -9.306  1.00 14.61 ? 68  ASP A O   1 
ATOM   508  C CB  . ASP A 1 68  ? 11.558  4.548   -10.597 1.00 16.47 ? 68  ASP A CB  1 
ATOM   509  C CG  . ASP A 1 68  ? 10.709  3.394   -11.044 1.00 17.69 ? 68  ASP A CG  1 
ATOM   510  O OD1 . ASP A 1 68  ? 9.585   3.634   -11.546 1.00 20.21 ? 68  ASP A OD1 1 
ATOM   511  O OD2 . ASP A 1 68  ? 11.086  2.208   -10.950 1.00 19.08 ? 68  ASP A OD2 1 
ATOM   512  N N   . SER A 1 69  ? 12.835  7.495   -11.060 1.00 14.46 ? 69  SER A N   1 
ATOM   513  C CA  . SER A 1 69  ? 13.618  8.610   -10.546 1.00 14.50 ? 69  SER A CA  1 
ATOM   514  C C   . SER A 1 69  ? 12.755  9.881   -10.500 1.00 13.95 ? 69  SER A C   1 
ATOM   515  O O   . SER A 1 69  ? 12.907  10.710  -9.595  1.00 13.71 ? 69  SER A O   1 
ATOM   516  C CB  . SER A 1 69  ? 14.856  8.851   -11.417 1.00 15.16 ? 69  SER A CB  1 
ATOM   517  O OG  . SER A 1 69  ? 15.777  7.773   -11.309 1.00 16.99 ? 69  SER A OG  1 
ATOM   518  N N   . ALA A 1 70  ? 11.863  10.028  -11.482 1.00 13.55 ? 70  ALA A N   1 
ATOM   519  C CA  . ALA A 1 70  ? 10.961  11.182  -11.538 1.00 13.10 ? 70  ALA A CA  1 
ATOM   520  C C   . ALA A 1 70  ? 9.974   11.105  -10.378 1.00 13.01 ? 70  ALA A C   1 
ATOM   521  O O   . ALA A 1 70  ? 9.635   12.121  -9.765  1.00 12.56 ? 70  ALA A O   1 
ATOM   522  C CB  . ALA A 1 70  ? 10.221  11.232  -12.869 1.00 13.55 ? 70  ALA A CB  1 
ATOM   523  N N   . ILE A 1 71  ? 9.508   9.895   -10.075 1.00 12.61 ? 71  ILE A N   1 
ATOM   524  C CA  . ILE A 1 71  ? 8.645   9.697   -8.921  1.00 12.18 ? 71  ILE A CA  1 
ATOM   525  C C   . ILE A 1 71  ? 9.420   10.061  -7.669  1.00 12.43 ? 71  ILE A C   1 
ATOM   526  O O   . ILE A 1 71  ? 8.951   10.818  -6.820  1.00 12.11 ? 71  ILE A O   1 
ATOM   527  C CB  . ILE A 1 71  ? 8.199   8.230   -8.810  1.00 12.13 ? 71  ILE A CB  1 
ATOM   528  C CG1 . ILE A 1 71  ? 7.349   7.830   -10.017 1.00 13.59 ? 71  ILE A CG1 1 
ATOM   529  C CG2 . ILE A 1 71  ? 7.403   8.025   -7.514  1.00 12.80 ? 71  ILE A CG2 1 
ATOM   530  C CD1 . ILE A 1 71  ? 6.831   6.379   -9.940  1.00 14.26 ? 71  ILE A CD1 1 
ATOM   531  N N   . ASP A 1 72  ? 10.614  9.501   -7.541  1.00 12.46 ? 72  ASP A N   1 
ATOM   532  C CA  . ASP A 1 72  ? 11.419  9.780   -6.365  1.00 12.99 ? 72  ASP A CA  1 
ATOM   533  C C   . ASP A 1 72  ? 11.653  11.286  -6.183  1.00 13.16 ? 72  ASP A C   1 
ATOM   534  O O   . ASP A 1 72  ? 11.611  11.781  -5.064  1.00 13.75 ? 72  ASP A O   1 
ATOM   535  C CB  . ASP A 1 72  ? 12.752  9.046   -6.411  1.00 13.14 ? 72  ASP A CB  1 
ATOM   536  C CG  . ASP A 1 72  ? 13.510  9.152   -5.101  1.00 15.13 ? 72  ASP A CG  1 
ATOM   537  O OD1 . ASP A 1 72  ? 12.986  8.667   -4.070  1.00 17.94 ? 72  ASP A OD1 1 
ATOM   538  O OD2 . ASP A 1 72  ? 14.624  9.706   -4.999  1.00 17.47 ? 72  ASP A OD2 1 
ATOM   539  N N   . LEU A 1 73  ? 11.896  12.012  -7.272  1.00 13.34 ? 73  LEU A N   1 
ATOM   540  C CA  . LEU A 1 73  ? 12.133  13.449  -7.134  1.00 13.37 ? 73  LEU A CA  1 
ATOM   541  C C   . LEU A 1 73  ? 10.944  14.134  -6.460  1.00 12.76 ? 73  LEU A C   1 
ATOM   542  O O   . LEU A 1 73  ? 11.114  14.972  -5.572  1.00 12.51 ? 73  LEU A O   1 
ATOM   543  C CB  . LEU A 1 73  ? 12.436  14.096  -8.482  1.00 13.84 ? 73  LEU A CB  1 
ATOM   544  C CG  . LEU A 1 73  ? 12.810  15.575  -8.377  1.00 16.29 ? 73  LEU A CG  1 
ATOM   545  C CD1 . LEU A 1 73  ? 13.914  15.757  -7.349  1.00 17.84 ? 73  LEU A CD1 1 
ATOM   546  C CD2 . LEU A 1 73  ? 13.245  16.124  -9.734  1.00 18.42 ? 73  LEU A CD2 1 
ATOM   547  N N   . VAL A 1 74  ? 9.735   13.774  -6.875  1.00 11.95 ? 74  VAL A N   1 
ATOM   548  C CA  . VAL A 1 74  ? 8.540   14.342  -6.257  1.00 11.99 ? 74  VAL A CA  1 
ATOM   549  C C   . VAL A 1 74  ? 8.485   13.967  -4.773  1.00 11.69 ? 74  VAL A C   1 
ATOM   550  O O   . VAL A 1 74  ? 8.164   14.799  -3.927  1.00 11.45 ? 74  VAL A O   1 
ATOM   551  C CB  . VAL A 1 74  ? 7.253   13.866  -6.952  1.00 12.10 ? 74  VAL A CB  1 
ATOM   552  C CG1 . VAL A 1 74  ? 6.034   14.378  -6.201  1.00 11.91 ? 74  VAL A CG1 1 
ATOM   553  C CG2 . VAL A 1 74  ? 7.230   14.333  -8.391  1.00 13.08 ? 74  VAL A CG2 1 
ATOM   554  N N   . LEU A 1 75  ? 8.810   12.715  -4.453  1.00 11.57 ? 75  LEU A N   1 
ATOM   555  C CA  . LEU A 1 75  ? 8.829   12.293  -3.057  1.00 12.02 ? 75  LEU A CA  1 
ATOM   556  C C   . LEU A 1 75  ? 9.860   13.113  -2.287  1.00 12.76 ? 75  LEU A C   1 
ATOM   557  O O   . LEU A 1 75  ? 9.621   13.490  -1.146  1.00 14.16 ? 75  LEU A O   1 
ATOM   558  C CB  . LEU A 1 75  ? 9.131   10.790  -2.932  1.00 11.66 ? 75  LEU A CB  1 
ATOM   559  C CG  . LEU A 1 75  ? 8.124   9.847   -3.603  1.00 11.52 ? 75  LEU A CG  1 
ATOM   560  C CD1 . LEU A 1 75  ? 8.650   8.408   -3.565  1.00 10.60 ? 75  LEU A CD1 1 
ATOM   561  C CD2 . LEU A 1 75  ? 6.771   9.911   -2.907  1.00 12.54 ? 75  LEU A CD2 1 
ATOM   562  N N   . GLU A 1 76  ? 10.995  13.400  -2.912  1.00 12.78 ? 76  GLU A N   1 
ATOM   563  C CA  . GLU A 1 76  ? 12.025  14.206  -2.251  1.00 12.98 ? 76  GLU A CA  1 
ATOM   564  C C   . GLU A 1 76  ? 11.533  15.652  -2.032  1.00 12.35 ? 76  GLU A C   1 
ATOM   565  O O   . GLU A 1 76  ? 11.737  16.235  -0.965  1.00 12.04 ? 76  GLU A O   1 
ATOM   566  C CB  . GLU A 1 76  ? 13.326  14.191  -3.064  1.00 13.63 ? 76  GLU A CB  1 
ATOM   567  C CG  . GLU A 1 76  ? 14.047  12.844  -3.080  1.00 16.22 ? 76  GLU A CG  1 
ATOM   568  C CD  . GLU A 1 76  ? 15.308  12.873  -3.939  1.00 20.56 ? 76  GLU A CD  1 
ATOM   569  O OE1 . GLU A 1 76  ? 15.289  13.480  -5.036  1.00 23.55 ? 76  GLU A OE1 1 
ATOM   570  O OE2 . GLU A 1 76  ? 16.326  12.288  -3.526  1.00 22.60 ? 76  GLU A OE2 1 
ATOM   571  N N   . GLU A 1 77  ? 10.893  16.226  -3.044  1.00 11.98 ? 77  GLU A N   1 
ATOM   572  C CA  . GLU A 1 77  ? 10.395  17.609  -2.952  1.00 12.19 ? 77  GLU A CA  1 
ATOM   573  C C   . GLU A 1 77  ? 9.354   17.760  -1.847  1.00 11.77 ? 77  GLU A C   1 
ATOM   574  O O   . GLU A 1 77  ? 9.289   18.792  -1.176  1.00 11.87 ? 77  GLU A O   1 
ATOM   575  C CB  . GLU A 1 77  ? 9.805   18.051  -4.296  1.00 12.39 ? 77  GLU A CB  1 
ATOM   576  C CG  . GLU A 1 77  ? 10.838  18.065  -5.415  1.00 15.15 ? 77  GLU A CG  1 
ATOM   577  C CD  . GLU A 1 77  ? 10.209  18.128  -6.800  1.00 17.61 ? 77  GLU A CD  1 
ATOM   578  O OE1 . GLU A 1 77  ? 8.987   17.910  -6.923  1.00 19.05 ? 77  GLU A OE1 1 
ATOM   579  O OE2 . GLU A 1 77  ? 10.953  18.390  -7.767  1.00 21.33 ? 77  GLU A OE2 1 
ATOM   580  N N   . PHE A 1 78  ? 8.545   16.721  -1.644  1.00 11.98 ? 78  PHE A N   1 
ATOM   581  C CA  . PHE A 1 78  ? 7.516   16.763  -0.609  1.00 12.31 ? 78  PHE A CA  1 
ATOM   582  C C   . PHE A 1 78  ? 7.973   16.219  0.755   1.00 12.80 ? 78  PHE A C   1 
ATOM   583  O O   . PHE A 1 78  ? 7.153   16.032  1.654   1.00 13.21 ? 78  PHE A O   1 
ATOM   584  C CB  . PHE A 1 78  ? 6.247   16.044  -1.084  1.00 12.16 ? 78  PHE A CB  1 
ATOM   585  C CG  . PHE A 1 78  ? 5.387   16.878  -1.997  1.00 12.83 ? 78  PHE A CG  1 
ATOM   586  C CD1 . PHE A 1 78  ? 5.721   17.034  -3.332  1.00 11.70 ? 78  PHE A CD1 1 
ATOM   587  C CD2 . PHE A 1 78  ? 4.239   17.504  -1.519  1.00 13.74 ? 78  PHE A CD2 1 
ATOM   588  C CE1 . PHE A 1 78  ? 4.930   17.796  -4.176  1.00 12.02 ? 78  PHE A CE1 1 
ATOM   589  C CE2 . PHE A 1 78  ? 3.439   18.273  -2.373  1.00 13.01 ? 78  PHE A CE2 1 
ATOM   590  C CZ  . PHE A 1 78  ? 3.791   18.413  -3.698  1.00 12.58 ? 78  PHE A CZ  1 
ATOM   591  N N   . SER A 1 79  ? 9.273   15.967  0.894   1.00 13.02 ? 79  SER A N   1 
ATOM   592  C CA  . SER A 1 79  ? 9.860   15.498  2.149   1.00 13.40 ? 79  SER A CA  1 
ATOM   593  C C   . SER A 1 79  ? 9.137   14.259  2.697   1.00 13.12 ? 79  SER A C   1 
ATOM   594  O O   . SER A 1 79  ? 8.840   14.177  3.887   1.00 13.20 ? 79  SER A O   1 
ATOM   595  C CB  . SER A 1 79  ? 9.868   16.625  3.189   1.00 13.93 ? 79  SER A CB  1 
ATOM   596  O OG  . SER A 1 79  ? 10.558  17.758  2.692   1.00 18.25 ? 79  SER A OG  1 
ATOM   597  N N   . ILE A 1 80  ? 8.850   13.311  1.808   1.00 12.01 ? 80  ILE A N   1 
ATOM   598  C CA  . ILE A 1 80  ? 8.117   12.098  2.174   1.00 12.19 ? 80  ILE A CA  1 
ATOM   599  C C   . ILE A 1 80  ? 8.960   11.108  2.970   1.00 12.23 ? 80  ILE A C   1 
ATOM   600  O O   . ILE A 1 80  ? 10.115  10.847  2.635   1.00 12.61 ? 80  ILE A O   1 
ATOM   601  C CB  . ILE A 1 80  ? 7.534   11.409  0.919   1.00 12.01 ? 80  ILE A CB  1 
ATOM   602  C CG1 . ILE A 1 80  ? 6.558   12.344  0.204   1.00 12.24 ? 80  ILE A CG1 1 
ATOM   603  C CG2 . ILE A 1 80  ? 6.841   10.067  1.304   1.00 11.70 ? 80  ILE A CG2 1 
ATOM   604  C CD1 . ILE A 1 80  ? 5.449   12.897  1.099   1.00 13.07 ? 80  ILE A CD1 1 
ATOM   605  N N   . ASP A 1 81  ? 8.353   10.564  4.021   1.00 12.39 ? 81  ASP A N   1 
ATOM   606  C CA  . ASP A 1 81  ? 8.985   9.583   4.892   1.00 12.47 ? 81  ASP A CA  1 
ATOM   607  C C   . ASP A 1 81  ? 8.577   8.154   4.555   1.00 12.52 ? 81  ASP A C   1 
ATOM   608  O O   . ASP A 1 81  ? 9.379   7.228   4.680   1.00 13.04 ? 81  ASP A O   1 
ATOM   609  C CB  . ASP A 1 81  ? 8.555   9.827   6.337   1.00 12.69 ? 81  ASP A CB  1 
ATOM   610  C CG  . ASP A 1 81  ? 8.980   11.181  6.849   1.00 14.29 ? 81  ASP A CG  1 
ATOM   611  O OD1 . ASP A 1 81  ? 10.202  11.462  6.833   1.00 15.72 ? 81  ASP A OD1 1 
ATOM   612  O OD2 . ASP A 1 81  ? 8.157   12.009  7.300   1.00 14.39 ? 81  ASP A OD2 1 
ATOM   613  N N   . ILE A 1 82  ? 7.320   7.979   4.161   1.00 12.15 ? 82  ILE A N   1 
ATOM   614  C CA  . ILE A 1 82  ? 6.769   6.642   3.921   1.00 12.21 ? 82  ILE A CA  1 
ATOM   615  C C   . ILE A 1 82  ? 5.903   6.637   2.675   1.00 12.42 ? 82  ILE A C   1 
ATOM   616  O O   . ILE A 1 82  ? 5.166   7.588   2.434   1.00 12.30 ? 82  ILE A O   1 
ATOM   617  C CB  . ILE A 1 82  ? 5.884   6.205   5.105   1.00 12.18 ? 82  ILE A CB  1 
ATOM   618  C CG1 . ILE A 1 82  ? 6.720   6.016   6.370   1.00 13.35 ? 82  ILE A CG1 1 
ATOM   619  C CG2 . ILE A 1 82  ? 5.156   4.868   4.778   1.00 12.56 ? 82  ILE A CG2 1 
ATOM   620  C CD1 . ILE A 1 82  ? 5.888   5.905   7.624   1.00 15.40 ? 82  ILE A CD1 1 
ATOM   621  N N   . VAL A 1 83  ? 5.996   5.562   1.898   1.00 12.19 ? 83  VAL A N   1 
ATOM   622  C CA  . VAL A 1 83  ? 5.188   5.399   0.686   1.00 12.44 ? 83  VAL A CA  1 
ATOM   623  C C   . VAL A 1 83  ? 4.217   4.234   0.828   1.00 13.14 ? 83  VAL A C   1 
ATOM   624  O O   . VAL A 1 83  ? 4.610   3.157   1.287   1.00 12.68 ? 83  VAL A O   1 
ATOM   625  C CB  . VAL A 1 83  ? 6.080   5.120   -0.536  1.00 12.46 ? 83  VAL A CB  1 
ATOM   626  C CG1 . VAL A 1 83  ? 5.226   4.776   -1.777  1.00 12.38 ? 83  VAL A CG1 1 
ATOM   627  C CG2 . VAL A 1 83  ? 6.973   6.339   -0.831  1.00 13.72 ? 83  VAL A CG2 1 
ATOM   628  N N   . CYS A 1 84  ? 2.950   4.442   0.465   1.00 13.19 ? 84  CYS A N   1 
ATOM   629  C CA  . CYS A 1 84  ? 2.003   3.326   0.406   1.00 14.00 ? 84  CYS A CA  1 
ATOM   630  C C   . CYS A 1 84  ? 1.588   3.134   -1.045  1.00 14.23 ? 84  CYS A C   1 
ATOM   631  O O   . CYS A 1 84  ? 1.320   4.115   -1.748  1.00 14.56 ? 84  CYS A O   1 
ATOM   632  C CB  . CYS A 1 84  ? 0.739   3.598   1.209   1.00 14.38 ? 84  CYS A CB  1 
ATOM   633  S SG  . CYS A 1 84  ? 0.937   3.612   2.987   1.00 15.33 ? 84  CYS A SG  1 
ATOM   634  N N   . LEU A 1 85  ? 1.531   1.890   -1.500  1.00 13.83 ? 85  LEU A N   1 
ATOM   635  C CA  . LEU A 1 85  ? 1.078   1.612   -2.863  1.00 13.76 ? 85  LEU A CA  1 
ATOM   636  C C   . LEU A 1 85  ? -0.383  1.205   -2.792  1.00 14.00 ? 85  LEU A C   1 
ATOM   637  O O   . LEU A 1 85  ? -0.739  0.275   -2.061  1.00 13.76 ? 85  LEU A O   1 
ATOM   638  C CB  . LEU A 1 85  ? 1.916   0.493   -3.499  1.00 14.13 ? 85  LEU A CB  1 
ATOM   639  C CG  . LEU A 1 85  ? 3.447   0.637   -3.499  1.00 14.53 ? 85  LEU A CG  1 
ATOM   640  C CD1 . LEU A 1 85  ? 4.065   -0.551  -4.234  1.00 15.33 ? 85  LEU A CD1 1 
ATOM   641  C CD2 . LEU A 1 85  ? 3.903   1.967   -4.177  1.00 13.63 ? 85  LEU A CD2 1 
ATOM   642  N N   . ALA A 1 86  ? -1.232  1.911   -3.530  1.00 13.54 ? 86  ALA A N   1 
ATOM   643  C CA  . ALA A 1 86  ? -2.653  1.601   -3.563  1.00 13.61 ? 86  ALA A CA  1 
ATOM   644  C C   . ALA A 1 86  ? -3.057  1.342   -5.004  1.00 13.96 ? 86  ALA A C   1 
ATOM   645  O O   . ALA A 1 86  ? -3.458  2.251   -5.739  1.00 13.85 ? 86  ALA A O   1 
ATOM   646  C CB  . ALA A 1 86  ? -3.467  2.733   -2.956  1.00 13.61 ? 86  ALA A CB  1 
ATOM   647  N N   . GLY A 1 87  ? -2.912  0.088   -5.427  1.00 13.91 ? 87  GLY A N   1 
ATOM   648  C CA  . GLY A 1 87  ? -3.241  -0.262  -6.797  1.00 14.62 ? 87  GLY A CA  1 
ATOM   649  C C   . GLY A 1 87  ? -2.251  0.285   -7.813  1.00 15.25 ? 87  GLY A C   1 
ATOM   650  O O   . GLY A 1 87  ? -2.632  0.625   -8.932  1.00 15.28 ? 87  GLY A O   1 
ATOM   651  N N   . PHE A 1 88  ? -0.986  0.411   -7.418  1.00 15.17 ? 88  PHE A N   1 
ATOM   652  C CA  . PHE A 1 88  ? 0.029   0.870   -8.352  1.00 16.19 ? 88  PHE A CA  1 
ATOM   653  C C   . PHE A 1 88  ? 0.391   -0.304  -9.254  1.00 17.05 ? 88  PHE A C   1 
ATOM   654  O O   . PHE A 1 88  ? 0.707   -1.391  -8.764  1.00 17.62 ? 88  PHE A O   1 
ATOM   655  C CB  . PHE A 1 88  ? 1.250   1.409   -7.600  1.00 16.03 ? 88  PHE A CB  1 
ATOM   656  C CG  . PHE A 1 88  ? 2.247   2.065   -8.489  1.00 15.84 ? 88  PHE A CG  1 
ATOM   657  C CD1 . PHE A 1 88  ? 1.952   3.280   -9.104  1.00 15.02 ? 88  PHE A CD1 1 
ATOM   658  C CD2 . PHE A 1 88  ? 3.474   1.471   -8.728  1.00 16.17 ? 88  PHE A CD2 1 
ATOM   659  C CE1 . PHE A 1 88  ? 2.876   3.885   -9.935  1.00 15.30 ? 88  PHE A CE1 1 
ATOM   660  C CE2 . PHE A 1 88  ? 4.395   2.074   -9.556  1.00 17.04 ? 88  PHE A CE2 1 
ATOM   661  C CZ  . PHE A 1 88  ? 4.097   3.286   -10.156 1.00 16.38 ? 88  PHE A CZ  1 
ATOM   662  N N   . MET A 1 89  ? 0.339   -0.096  -10.567 1.00 17.86 ? 89  MET A N   1 
ATOM   663  C CA  . MET A 1 89  ? 0.479   -1.214  -11.507 1.00 19.09 ? 89  MET A CA  1 
ATOM   664  C C   . MET A 1 89  ? 1.774   -1.296  -12.307 1.00 19.36 ? 89  MET A C   1 
ATOM   665  O O   . MET A 1 89  ? 1.841   -2.037  -13.297 1.00 20.68 ? 89  MET A O   1 
ATOM   666  C CB  . MET A 1 89  ? -0.716  -1.238  -12.469 1.00 19.33 ? 89  MET A CB  1 
ATOM   667  C CG  . MET A 1 89  ? -2.040  -1.232  -11.754 1.00 21.31 ? 89  MET A CG  1 
ATOM   668  S SD  . MET A 1 89  ? -2.194  -2.708  -10.756 1.00 29.40 ? 89  MET A SD  1 
ATOM   669  C CE  . MET A 1 89  ? -2.327  -3.908  -12.026 1.00 28.12 ? 89  MET A CE  1 
ATOM   670  N N   . ARG A 1 90  ? 2.795   -0.550  -11.907 1.00 18.91 ? 90  ARG A N   1 
ATOM   671  C CA  . ARG A 1 90  ? 4.076   -0.645  -12.588 1.00 19.11 ? 90  ARG A CA  1 
ATOM   672  C C   . ARG A 1 90  ? 5.079   -1.313  -11.660 1.00 18.78 ? 90  ARG A C   1 
ATOM   673  O O   . ARG A 1 90  ? 4.976   -1.200  -10.444 1.00 18.67 ? 90  ARG A O   1 
ATOM   674  C CB  . ARG A 1 90  ? 4.592   0.731   -13.002 1.00 19.34 ? 90  ARG A CB  1 
ATOM   675  C CG  . ARG A 1 90  ? 3.651   1.482   -13.914 1.00 20.96 ? 90  ARG A CG  1 
ATOM   676  C CD  . ARG A 1 90  ? 3.522   0.882   -15.293 1.00 23.13 ? 90  ARG A CD  1 
ATOM   677  N NE  . ARG A 1 90  ? 4.768   0.977   -16.048 1.00 25.30 ? 90  ARG A NE  1 
ATOM   678  C CZ  . ARG A 1 90  ? 4.850   0.803   -17.361 1.00 25.43 ? 90  ARG A CZ  1 
ATOM   679  N NH1 . ARG A 1 90  ? 3.757   0.529   -18.059 1.00 25.75 ? 90  ARG A NH1 1 
ATOM   680  N NH2 . ARG A 1 90  ? 6.020   0.896   -17.979 1.00 25.25 ? 90  ARG A NH2 1 
ATOM   681  N N   . ILE A 1 91  ? 6.045   -2.005  -12.249 1.00 18.38 ? 91  ILE A N   1 
ATOM   682  C CA  . ILE A 1 91  ? 7.103   -2.635  -11.483 1.00 18.75 ? 91  ILE A CA  1 
ATOM   683  C C   . ILE A 1 91  ? 8.139   -1.579  -11.142 1.00 17.88 ? 91  ILE A C   1 
ATOM   684  O O   . ILE A 1 91  ? 8.685   -0.941  -12.030 1.00 18.20 ? 91  ILE A O   1 
ATOM   685  C CB  . ILE A 1 91  ? 7.762   -3.740  -12.319 1.00 18.88 ? 91  ILE A CB  1 
ATOM   686  C CG1 . ILE A 1 91  ? 6.708   -4.759  -12.764 1.00 20.63 ? 91  ILE A CG1 1 
ATOM   687  C CG2 . ILE A 1 91  ? 8.886   -4.404  -11.533 1.00 19.44 ? 91  ILE A CG2 1 
ATOM   688  C CD1 . ILE A 1 91  ? 6.051   -5.487  -11.608 1.00 24.27 ? 91  ILE A CD1 1 
ATOM   689  N N   . LEU A 1 92  ? 8.394   -1.389  -9.854  1.00 17.53 ? 92  LEU A N   1 
ATOM   690  C CA  . LEU A 1 92  ? 9.386   -0.420  -9.418  1.00 17.14 ? 92  LEU A CA  1 
ATOM   691  C C   . LEU A 1 92  ? 10.789  -1.004  -9.563  1.00 17.13 ? 92  LEU A C   1 
ATOM   692  O O   . LEU A 1 92  ? 11.014  -2.179  -9.266  1.00 17.13 ? 92  LEU A O   1 
ATOM   693  C CB  . LEU A 1 92  ? 9.118   0.001   -7.979  1.00 16.96 ? 92  LEU A CB  1 
ATOM   694  C CG  . LEU A 1 92  ? 7.838   0.820   -7.793  1.00 17.14 ? 92  LEU A CG  1 
ATOM   695  C CD1 . LEU A 1 92  ? 7.444   0.894   -6.303  1.00 17.06 ? 92  LEU A CD1 1 
ATOM   696  C CD2 . LEU A 1 92  ? 8.003   2.207   -8.399  1.00 16.58 ? 92  LEU A CD2 1 
ATOM   697  N N   . SER A 1 93  ? 11.718  -0.173  -10.024 1.00 16.74 ? 93  SER A N   1 
ATOM   698  C CA  . SER A 1 93  ? 13.096  -0.578  -10.266 1.00 17.05 ? 93  SER A CA  1 
ATOM   699  C C   . SER A 1 93  ? 13.822  -0.961  -8.984  1.00 16.60 ? 93  SER A C   1 
ATOM   700  O O   . SER A 1 93  ? 13.440  -0.552  -7.890  1.00 16.12 ? 93  SER A O   1 
ATOM   701  C CB  . SER A 1 93  ? 13.856  0.572   -10.922 1.00 17.26 ? 93  SER A CB  1 
ATOM   702  O OG  . SER A 1 93  ? 14.045  1.616   -9.982  1.00 17.49 ? 93  SER A OG  1 
ATOM   703  N N   . GLY A 1 94  ? 14.889  -1.740  -9.135  1.00 16.74 ? 94  GLY A N   1 
ATOM   704  C CA  . GLY A 1 94  ? 15.690  -2.153  -8.002  1.00 16.62 ? 94  GLY A CA  1 
ATOM   705  C C   . GLY A 1 94  ? 16.214  -0.972  -7.199  1.00 16.66 ? 94  GLY A C   1 
ATOM   706  O O   . GLY A 1 94  ? 16.105  -0.972  -5.977  1.00 16.44 ? 94  GLY A O   1 
ATOM   707  N N   . PRO A 1 95  ? 16.802  0.011   -7.876  1.00 16.64 ? 95  PRO A N   1 
ATOM   708  C CA  . PRO A 1 95  ? 17.304  1.220   -7.210  1.00 16.52 ? 95  PRO A CA  1 
ATOM   709  C C   . PRO A 1 95  ? 16.220  1.936   -6.406  1.00 15.85 ? 95  PRO A C   1 
ATOM   710  O O   . PRO A 1 95  ? 16.488  2.356   -5.286  1.00 16.23 ? 95  PRO A O   1 
ATOM   711  C CB  . PRO A 1 95  ? 17.779  2.086   -8.377  1.00 16.69 ? 95  PRO A CB  1 
ATOM   712  C CG  . PRO A 1 95  ? 18.157  1.078   -9.450  1.00 17.39 ? 95  PRO A CG  1 
ATOM   713  C CD  . PRO A 1 95  ? 17.079  0.034   -9.325  1.00 16.97 ? 95  PRO A CD  1 
ATOM   714  N N   . PHE A 1 96  ? 15.017  2.055   -6.956  1.00 15.05 ? 96  PHE A N   1 
ATOM   715  C CA  . PHE A 1 96  ? 13.928  2.697   -6.233  1.00 14.29 ? 96  PHE A CA  1 
ATOM   716  C C   . PHE A 1 96  ? 13.543  1.857   -5.016  1.00 14.26 ? 96  PHE A C   1 
ATOM   717  O O   . PHE A 1 96  ? 13.408  2.369   -3.905  1.00 13.63 ? 96  PHE A O   1 
ATOM   718  C CB  . PHE A 1 96  ? 12.705  2.880   -7.141  1.00 14.32 ? 96  PHE A CB  1 
ATOM   719  C CG  . PHE A 1 96  ? 11.604  3.667   -6.507  1.00 13.87 ? 96  PHE A CG  1 
ATOM   720  C CD1 . PHE A 1 96  ? 10.683  3.057   -5.676  1.00 13.56 ? 96  PHE A CD1 1 
ATOM   721  C CD2 . PHE A 1 96  ? 11.493  5.035   -6.736  1.00 13.92 ? 96  PHE A CD2 1 
ATOM   722  C CE1 . PHE A 1 96  ? 9.661   3.788   -5.087  1.00 14.25 ? 96  PHE A CE1 1 
ATOM   723  C CE2 . PHE A 1 96  ? 10.474  5.771   -6.149  1.00 13.84 ? 96  PHE A CE2 1 
ATOM   724  C CZ  . PHE A 1 96  ? 9.560   5.160   -5.326  1.00 14.08 ? 96  PHE A CZ  1 
ATOM   725  N N   . VAL A 1 97  ? 13.364  0.559   -5.233  1.00 14.41 ? 97  VAL A N   1 
ATOM   726  C CA  . VAL A 1 97  ? 12.966  -0.317  -4.144  1.00 14.80 ? 97  VAL A CA  1 
ATOM   727  C C   . VAL A 1 97  ? 14.020  -0.319  -3.030  1.00 14.88 ? 97  VAL A C   1 
ATOM   728  O O   . VAL A 1 97  ? 13.675  -0.306  -1.849  1.00 14.91 ? 97  VAL A O   1 
ATOM   729  C CB  . VAL A 1 97  ? 12.670  -1.745  -4.646  1.00 15.10 ? 97  VAL A CB  1 
ATOM   730  C CG1 . VAL A 1 97  ? 12.494  -2.715  -3.473  1.00 16.17 ? 97  VAL A CG1 1 
ATOM   731  C CG2 . VAL A 1 97  ? 11.417  -1.743  -5.510  1.00 14.32 ? 97  VAL A CG2 1 
ATOM   732  N N   . GLN A 1 98  ? 15.293  -0.293  -3.410  1.00 15.34 ? 98  GLN A N   1 
ATOM   733  C CA  . GLN A 1 98  ? 16.377  -0.292  -2.425  1.00 16.60 ? 98  GLN A CA  1 
ATOM   734  C C   . GLN A 1 98  ? 16.344  0.974   -1.574  1.00 15.81 ? 98  GLN A C   1 
ATOM   735  O O   . GLN A 1 98  ? 16.444  0.916   -0.346  1.00 15.86 ? 98  GLN A O   1 
ATOM   736  C CB  . GLN A 1 98  ? 17.750  -0.453  -3.099  1.00 17.20 ? 98  GLN A CB  1 
ATOM   737  C CG  . GLN A 1 98  ? 18.898  -0.735  -2.111  1.00 22.12 ? 98  GLN A CG  1 
ATOM   738  C CD  . GLN A 1 98  ? 20.255  -0.944  -2.796  1.00 27.80 ? 98  GLN A CD  1 
ATOM   739  O OE1 . GLN A 1 98  ? 20.337  -1.572  -3.861  1.00 30.78 ? 98  GLN A OE1 1 
ATOM   740  N NE2 . GLN A 1 98  ? 21.320  -0.421  -2.182  1.00 29.25 ? 98  GLN A NE2 1 
ATOM   741  N N   . LYS A 1 99  ? 16.182  2.119   -2.225  1.00 15.23 ? 99  LYS A N   1 
ATOM   742  C CA  . LYS A 1 99  ? 16.132  3.377   -1.498  1.00 14.44 ? 99  LYS A CA  1 
ATOM   743  C C   . LYS A 1 99  ? 14.999  3.396   -0.480  1.00 14.14 ? 99  LYS A C   1 
ATOM   744  O O   . LYS A 1 99  ? 15.158  3.905   0.630   1.00 14.07 ? 99  LYS A O   1 
ATOM   745  C CB  . LYS A 1 99  ? 15.972  4.559   -2.468  1.00 14.77 ? 99  LYS A CB  1 
ATOM   746  C CG  . LYS A 1 99  ? 15.749  5.889   -1.751  1.00 14.92 ? 99  LYS A CG  1 
ATOM   747  C CD  . LYS A 1 99  ? 15.900  7.109   -2.660  1.00 15.82 ? 99  LYS A CD  1 
ATOM   748  C CE  . LYS A 1 99  ? 15.477  8.369   -1.884  1.00 17.09 ? 99  LYS A CE  1 
ATOM   749  N NZ  . LYS A 1 99  ? 15.781  9.643   -2.567  1.00 17.88 ? 99  LYS A NZ  1 
ATOM   750  N N   . TRP A 1 100 ? 13.851  2.854   -0.866  1.00 13.27 ? 100 TRP A N   1 
ATOM   751  C CA  . TRP A 1 100 ? 12.665  2.912   -0.027  1.00 13.31 ? 100 TRP A CA  1 
ATOM   752  C C   . TRP A 1 100 ? 12.486  1.667   0.856   1.00 13.94 ? 100 TRP A C   1 
ATOM   753  O O   . TRP A 1 100 ? 11.440  1.475   1.469   1.00 14.31 ? 100 TRP A O   1 
ATOM   754  C CB  . TRP A 1 100 ? 11.430  3.209   -0.902  1.00 12.62 ? 100 TRP A CB  1 
ATOM   755  C CG  . TRP A 1 100 ? 11.460  4.646   -1.347  1.00 13.39 ? 100 TRP A CG  1 
ATOM   756  C CD1 . TRP A 1 100 ? 11.963  5.133   -2.517  1.00 12.70 ? 100 TRP A CD1 1 
ATOM   757  C CD2 . TRP A 1 100 ? 11.036  5.779   -0.587  1.00 14.21 ? 100 TRP A CD2 1 
ATOM   758  N NE1 . TRP A 1 100 ? 11.859  6.505   -2.541  1.00 13.15 ? 100 TRP A NE1 1 
ATOM   759  C CE2 . TRP A 1 100 ? 11.289  6.928   -1.368  1.00 14.70 ? 100 TRP A CE2 1 
ATOM   760  C CE3 . TRP A 1 100 ? 10.450  5.942   0.679   1.00 15.91 ? 100 TRP A CE3 1 
ATOM   761  C CZ2 . TRP A 1 100 ? 10.982  8.213   -0.930  1.00 14.53 ? 100 TRP A CZ2 1 
ATOM   762  C CZ3 . TRP A 1 100 ? 10.144  7.228   1.111   1.00 15.38 ? 100 TRP A CZ3 1 
ATOM   763  C CH2 . TRP A 1 100 ? 10.413  8.341   0.307   1.00 15.95 ? 100 TRP A CH2 1 
ATOM   764  N N   . ASN A 1 101 ? 13.525  0.842   0.916   1.00 14.58 ? 101 ASN A N   1 
ATOM   765  C CA  . ASN A 1 101 ? 13.510  -0.378  1.733   1.00 15.44 ? 101 ASN A CA  1 
ATOM   766  C C   . ASN A 1 101 ? 13.091  -0.087  3.176   1.00 14.78 ? 101 ASN A C   1 
ATOM   767  O O   . ASN A 1 101 ? 13.674  0.773   3.837   1.00 14.74 ? 101 ASN A O   1 
ATOM   768  C CB  . ASN A 1 101 ? 14.897  -1.028  1.694   1.00 15.89 ? 101 ASN A CB  1 
ATOM   769  C CG  . ASN A 1 101 ? 14.910  -2.453  2.265   1.00 17.51 ? 101 ASN A CG  1 
ATOM   770  O OD1 . ASN A 1 101 ? 15.726  -2.779  3.135   1.00 21.99 ? 101 ASN A OD1 1 
ATOM   771  N ND2 . ASN A 1 101 ? 14.038  -3.305  1.752   1.00 18.62 ? 101 ASN A ND2 1 
ATOM   772  N N   . GLY A 1 102 ? 12.072  -0.798  3.656   1.00 14.86 ? 102 GLY A N   1 
ATOM   773  C CA  . GLY A 1 102 ? 11.556  -0.607  5.000   1.00 14.44 ? 102 GLY A CA  1 
ATOM   774  C C   . GLY A 1 102 ? 10.707  0.639   5.188   1.00 14.33 ? 102 GLY A C   1 
ATOM   775  O O   . GLY A 1 102 ? 10.349  0.997   6.317   1.00 14.44 ? 102 GLY A O   1 
ATOM   776  N N   . LYS A 1 103 ? 10.361  1.302   4.085   1.00 13.78 ? 103 LYS A N   1 
ATOM   777  C CA  . LYS A 1 103 ? 9.583   2.541   4.151   1.00 13.56 ? 103 LYS A CA  1 
ATOM   778  C C   . LYS A 1 103 ? 8.458   2.589   3.119   1.00 13.41 ? 103 LYS A C   1 
ATOM   779  O O   . LYS A 1 103 ? 7.835   3.640   2.917   1.00 13.77 ? 103 LYS A O   1 
ATOM   780  C CB  . LYS A 1 103 ? 10.501  3.752   3.930   1.00 13.48 ? 103 LYS A CB  1 
ATOM   781  C CG  . LYS A 1 103 ? 11.621  3.861   4.976   1.00 15.71 ? 103 LYS A CG  1 
ATOM   782  C CD  . LYS A 1 103 ? 11.045  4.171   6.356   1.00 19.30 ? 103 LYS A CD  1 
ATOM   783  C CE  . LYS A 1 103 ? 12.146  4.340   7.418   1.00 21.94 ? 103 LYS A CE  1 
ATOM   784  N NZ  . LYS A 1 103 ? 13.255  5.193   6.899   1.00 25.66 ? 103 LYS A NZ  1 
ATOM   785  N N   . MET A 1 104 ? 8.202   1.465   2.468   1.00 12.65 ? 104 MET A N   1 
ATOM   786  C CA  . MET A 1 104 ? 7.169   1.398   1.433   1.00 12.72 ? 104 MET A CA  1 
ATOM   787  C C   . MET A 1 104 ? 6.289   0.181   1.655   1.00 13.06 ? 104 MET A C   1 
ATOM   788  O O   . MET A 1 104 ? 6.797   -0.949  1.738   1.00 13.11 ? 104 MET A O   1 
ATOM   789  C CB  . MET A 1 104 ? 7.804   1.354   0.044   1.00 13.27 ? 104 MET A CB  1 
ATOM   790  C CG  . MET A 1 104 ? 6.792   1.304   -1.104  1.00 13.47 ? 104 MET A CG  1 
ATOM   791  S SD  . MET A 1 104 ? 7.487   1.831   -2.688  1.00 15.58 ? 104 MET A SD  1 
ATOM   792  C CE  . MET A 1 104 ? 8.920   0.766   -2.861  1.00 15.66 ? 104 MET A CE  1 
ATOM   793  N N   . LEU A 1 105 ? 4.979   0.421   1.738   1.00 12.69 ? 105 LEU A N   1 
ATOM   794  C CA  . LEU A 1 105 ? 4.010   -0.629  2.038   1.00 13.02 ? 105 LEU A CA  1 
ATOM   795  C C   . LEU A 1 105 ? 3.109   -0.928  0.855   1.00 13.17 ? 105 LEU A C   1 
ATOM   796  O O   . LEU A 1 105 ? 2.779   -0.040  0.060   1.00 13.30 ? 105 LEU A O   1 
ATOM   797  C CB  . LEU A 1 105 ? 3.106   -0.208  3.198   1.00 12.47 ? 105 LEU A CB  1 
ATOM   798  C CG  . LEU A 1 105 ? 3.694   -0.065  4.600   1.00 13.69 ? 105 LEU A CG  1 
ATOM   799  C CD1 . LEU A 1 105 ? 4.699   1.073   4.699   1.00 15.68 ? 105 LEU A CD1 1 
ATOM   800  C CD2 . LEU A 1 105 ? 2.560   0.143   5.619   1.00 14.86 ? 105 LEU A CD2 1 
ATOM   801  N N   . ASN A 1 106 ? 2.699   -2.189  0.763   1.00 12.84 ? 106 ASN A N   1 
ATOM   802  C CA  . ASN A 1 106 ? 1.734   -2.614  -0.241  1.00 12.94 ? 106 ASN A CA  1 
ATOM   803  C C   . ASN A 1 106 ? 0.804   -3.635  0.408   1.00 13.17 ? 106 ASN A C   1 
ATOM   804  O O   . ASN A 1 106 ? 1.118   -4.186  1.471   1.00 12.36 ? 106 ASN A O   1 
ATOM   805  C CB  . ASN A 1 106 ? 2.437   -3.215  -1.457  1.00 13.87 ? 106 ASN A CB  1 
ATOM   806  C CG  . ASN A 1 106 ? 1.532   -3.297  -2.686  1.00 14.51 ? 106 ASN A CG  1 
ATOM   807  O OD1 . ASN A 1 106 ? 0.425   -2.760  -2.701  1.00 14.95 ? 106 ASN A OD1 1 
ATOM   808  N ND2 . ASN A 1 106 ? 2.013   -3.969  -3.726  1.00 17.85 ? 106 ASN A ND2 1 
ATOM   809  N N   . ILE A 1 107 ? -0.352  -3.862  -0.208  1.00 12.85 ? 107 ILE A N   1 
ATOM   810  C CA  . ILE A 1 107 ? -1.301  -4.824  0.327   1.00 14.08 ? 107 ILE A CA  1 
ATOM   811  C C   . ILE A 1 107 ? -1.665  -5.820  -0.769  1.00 13.94 ? 107 ILE A C   1 
ATOM   812  O O   . ILE A 1 107 ? -1.607  -5.492  -1.957  1.00 14.23 ? 107 ILE A O   1 
ATOM   813  C CB  . ILE A 1 107 ? -2.548  -4.103  0.912   1.00 13.80 ? 107 ILE A CB  1 
ATOM   814  C CG1 . ILE A 1 107 ? -3.346  -5.042  1.822   1.00 14.22 ? 107 ILE A CG1 1 
ATOM   815  C CG2 . ILE A 1 107 ? -3.441  -3.514  -0.207  1.00 15.45 ? 107 ILE A CG2 1 
ATOM   816  C CD1 . ILE A 1 107 ? -4.384  -4.324  2.668   1.00 14.24 ? 107 ILE A CD1 1 
ATOM   817  N N   . HIS A 1 108 ? -2.003  -7.049  -0.373  1.00 13.68 ? 108 HIS A N   1 
ATOM   818  C CA  . HIS A 1 108 ? -2.392  -8.089  -1.316  1.00 13.92 ? 108 HIS A CA  1 
ATOM   819  C C   . HIS A 1 108 ? -3.619  -8.803  -0.735  1.00 13.71 ? 108 HIS A C   1 
ATOM   820  O O   . HIS A 1 108 ? -3.661  -9.053  0.467   1.00 13.65 ? 108 HIS A O   1 
ATOM   821  C CB  . HIS A 1 108 ? -1.249  -9.083  -1.521  1.00 13.90 ? 108 HIS A CB  1 
ATOM   822  C CG  . HIS A 1 108 ? -1.445  -9.993  -2.688  1.00 15.02 ? 108 HIS A CG  1 
ATOM   823  N ND1 . HIS A 1 108 ? -1.326  -9.563  -3.993  1.00 16.19 ? 108 HIS A ND1 1 
ATOM   824  C CD2 . HIS A 1 108 ? -1.759  -11.310 -2.753  1.00 15.63 ? 108 HIS A CD2 1 
ATOM   825  C CE1 . HIS A 1 108 ? -1.559  -10.574 -4.811  1.00 15.41 ? 108 HIS A CE1 1 
ATOM   826  N NE2 . HIS A 1 108 ? -1.818  -11.646 -4.083  1.00 16.92 ? 108 HIS A NE2 1 
ATOM   827  N N   . PRO A 1 109 ? -4.616  -9.089  -1.575  1.00 13.52 ? 109 PRO A N   1 
ATOM   828  C CA  . PRO A 1 109 ? -5.866  -9.714  -1.136  1.00 13.30 ? 109 PRO A CA  1 
ATOM   829  C C   . PRO A 1 109 ? -5.778  -11.238 -0.953  1.00 12.69 ? 109 PRO A C   1 
ATOM   830  O O   . PRO A 1 109 ? -6.631  -11.989 -1.432  1.00 12.61 ? 109 PRO A O   1 
ATOM   831  C CB  . PRO A 1 109 ? -6.840  -9.320  -2.255  1.00 13.80 ? 109 PRO A CB  1 
ATOM   832  C CG  . PRO A 1 109 ? -5.962  -9.404  -3.478  1.00 14.76 ? 109 PRO A CG  1 
ATOM   833  C CD  . PRO A 1 109 ? -4.652  -8.766  -3.017  1.00 13.55 ? 109 PRO A CD  1 
ATOM   834  N N   . SER A 1 110 ? -4.737  -11.668 -0.252  1.00 12.30 ? 110 SER A N   1 
ATOM   835  C CA  . SER A 1 110 ? -4.587  -13.064 0.152   1.00 11.82 ? 110 SER A CA  1 
ATOM   836  C C   . SER A 1 110 ? -3.738  -13.109 1.399   1.00 11.67 ? 110 SER A C   1 
ATOM   837  O O   . SER A 1 110 ? -3.164  -12.087 1.813   1.00 11.38 ? 110 SER A O   1 
ATOM   838  C CB  . SER A 1 110 ? -3.895  -13.887 -0.932  1.00 11.90 ? 110 SER A CB  1 
ATOM   839  O OG  . SER A 1 110 ? -2.506  -13.607 -0.955  1.00 14.60 ? 110 SER A OG  1 
ATOM   840  N N   . LEU A 1 111 ? -3.692  -14.291 2.018   1.00 11.36 ? 111 LEU A N   1 
ATOM   841  C CA  . LEU A 1 111 ? -2.762  -14.535 3.103   1.00 11.27 ? 111 LEU A CA  1 
ATOM   842  C C   . LEU A 1 111 ? -1.498  -15.027 2.412   1.00 11.69 ? 111 LEU A C   1 
ATOM   843  O O   . LEU A 1 111 ? -1.348  -16.220 2.154   1.00 11.37 ? 111 LEU A O   1 
ATOM   844  C CB  . LEU A 1 111 ? -3.301  -15.596 4.075   1.00 11.31 ? 111 LEU A CB  1 
ATOM   845  C CG  . LEU A 1 111 ? -4.510  -15.189 4.946   1.00 10.85 ? 111 LEU A CG  1 
ATOM   846  C CD1 . LEU A 1 111 ? -5.000  -16.358 5.833   1.00 11.51 ? 111 LEU A CD1 1 
ATOM   847  C CD2 . LEU A 1 111 ? -4.223  -13.971 5.815   1.00 12.05 ? 111 LEU A CD2 1 
ATOM   848  N N   . LEU A 1 112 ? -0.590  -14.113 2.077   1.00 12.21 ? 112 LEU A N   1 
ATOM   849  C CA  . LEU A 1 112 ? 0.664   -14.531 1.458   1.00 12.79 ? 112 LEU A CA  1 
ATOM   850  C C   . LEU A 1 112 ? 1.338   -15.520 2.405   1.00 13.36 ? 112 LEU A C   1 
ATOM   851  O O   . LEU A 1 112 ? 1.234   -15.373 3.633   1.00 13.70 ? 112 LEU A O   1 
ATOM   852  C CB  . LEU A 1 112 ? 1.565   -13.323 1.193   1.00 12.74 ? 112 LEU A CB  1 
ATOM   853  C CG  . LEU A 1 112 ? 1.007   -12.386 0.123   1.00 13.50 ? 112 LEU A CG  1 
ATOM   854  C CD1 . LEU A 1 112 ? 1.760   -11.032 0.094   1.00 14.02 ? 112 LEU A CD1 1 
ATOM   855  C CD2 . LEU A 1 112 ? 1.038   -13.073 -1.238  1.00 13.75 ? 112 LEU A CD2 1 
ATOM   856  N N   . PRO A 1 113 ? 2.088   -16.482 1.872   1.00 14.05 ? 113 PRO A N   1 
ATOM   857  C CA  . PRO A 1 113 ? 2.426   -16.585 0.449   1.00 14.08 ? 113 PRO A CA  1 
ATOM   858  C C   . PRO A 1 113 ? 1.417   -17.267 -0.488  1.00 14.53 ? 113 PRO A C   1 
ATOM   859  O O   . PRO A 1 113 ? 1.794   -17.558 -1.617  1.00 15.08 ? 113 PRO A O   1 
ATOM   860  C CB  . PRO A 1 113 ? 3.721   -17.402 0.499   1.00 14.56 ? 113 PRO A CB  1 
ATOM   861  C CG  . PRO A 1 113 ? 3.402   -18.414 1.583   1.00 14.62 ? 113 PRO A CG  1 
ATOM   862  C CD  . PRO A 1 113 ? 2.742   -17.550 2.660   1.00 13.85 ? 113 PRO A CD  1 
ATOM   863  N N   . SER A 1 114 ? 0.188   -17.522 -0.058  1.00 14.32 ? 114 SER A N   1 
ATOM   864  C CA  . SER A 1 114 ? -0.794  -18.121 -0.968  1.00 14.49 ? 114 SER A CA  1 
ATOM   865  C C   . SER A 1 114 ? -1.269  -17.112 -2.001  1.00 14.49 ? 114 SER A C   1 
ATOM   866  O O   . SER A 1 114 ? -1.312  -15.921 -1.729  1.00 14.52 ? 114 SER A O   1 
ATOM   867  C CB  . SER A 1 114 ? -2.025  -18.609 -0.202  1.00 14.33 ? 114 SER A CB  1 
ATOM   868  O OG  . SER A 1 114 ? -1.745  -19.776 0.557   1.00 15.82 ? 114 SER A OG  1 
ATOM   869  N N   . PHE A 1 115 ? -1.634  -17.617 -3.177  1.00 15.15 ? 115 PHE A N   1 
ATOM   870  C CA  . PHE A 1 115 ? -2.295  -16.814 -4.205  1.00 15.65 ? 115 PHE A CA  1 
ATOM   871  C C   . PHE A 1 115 ? -1.577  -15.524 -4.575  1.00 16.54 ? 115 PHE A C   1 
ATOM   872  O O   . PHE A 1 115 ? -2.160  -14.439 -4.527  1.00 16.11 ? 115 PHE A O   1 
ATOM   873  C CB  . PHE A 1 115 ? -3.736  -16.531 -3.778  1.00 14.89 ? 115 PHE A CB  1 
ATOM   874  C CG  . PHE A 1 115 ? -4.477  -17.766 -3.346  1.00 13.85 ? 115 PHE A CG  1 
ATOM   875  C CD1 . PHE A 1 115 ? -4.456  -18.902 -4.130  1.00 13.29 ? 115 PHE A CD1 1 
ATOM   876  C CD2 . PHE A 1 115 ? -5.170  -17.797 -2.146  1.00 13.36 ? 115 PHE A CD2 1 
ATOM   877  C CE1 . PHE A 1 115 ? -5.126  -20.060 -3.732  1.00 13.51 ? 115 PHE A CE1 1 
ATOM   878  C CE2 . PHE A 1 115 ? -5.841  -18.948 -1.743  1.00 12.36 ? 115 PHE A CE2 1 
ATOM   879  C CZ  . PHE A 1 115 ? -5.817  -20.077 -2.537  1.00 12.83 ? 115 PHE A CZ  1 
ATOM   880  N N   . LYS A 1 116 ? -0.314  -15.659 -4.951  1.00 18.22 ? 116 LYS A N   1 
ATOM   881  C CA  . LYS A 1 116 ? 0.462   -14.522 -5.418  1.00 20.01 ? 116 LYS A CA  1 
ATOM   882  C C   . LYS A 1 116 ? -0.072  -14.101 -6.780  1.00 20.40 ? 116 LYS A C   1 
ATOM   883  O O   . LYS A 1 116 ? -0.721  -14.884 -7.480  1.00 20.97 ? 116 LYS A O   1 
ATOM   884  C CB  . LYS A 1 116 ? 1.940   -14.893 -5.540  1.00 20.52 ? 116 LYS A CB  1 
ATOM   885  C CG  . LYS A 1 116 ? 2.568   -15.422 -4.258  1.00 21.94 ? 116 LYS A CG  1 
ATOM   886  C CD  . LYS A 1 116 ? 4.024   -15.824 -4.470  1.00 24.31 ? 116 LYS A CD  1 
ATOM   887  C CE  . LYS A 1 116 ? 4.602   -16.514 -3.239  1.00 25.78 ? 116 LYS A CE  1 
ATOM   888  N NZ  . LYS A 1 116 ? 4.086   -17.903 -3.065  1.00 26.83 ? 116 LYS A NZ  1 
ATOM   889  N N   . GLY A 1 117 ? 0.202   -12.865 -7.161  1.00 21.24 ? 117 GLY A N   1 
ATOM   890  C CA  . GLY A 1 117 ? -0.226  -12.380 -8.459  1.00 21.57 ? 117 GLY A CA  1 
ATOM   891  C C   . GLY A 1 117 ? -1.655  -11.878 -8.514  1.00 21.73 ? 117 GLY A C   1 
ATOM   892  O O   . GLY A 1 117 ? -2.328  -11.704 -7.501  1.00 21.43 ? 117 GLY A O   1 
ATOM   893  N N   . SER A 1 118 ? -2.132  -11.646 -9.728  1.00 22.15 ? 118 SER A N   1 
ATOM   894  C CA  . SER A 1 118 ? -3.468  -11.102 -9.908  1.00 22.33 ? 118 SER A CA  1 
ATOM   895  C C   . SER A 1 118 ? -4.558  -12.142 -9.673  1.00 21.74 ? 118 SER A C   1 
ATOM   896  O O   . SER A 1 118 ? -4.291  -13.340 -9.604  1.00 21.84 ? 118 SER A O   1 
ATOM   897  C CB  . SER A 1 118 ? -3.594  -10.519 -11.314 1.00 22.91 ? 118 SER A CB  1 
ATOM   898  O OG  . SER A 1 118 ? -3.200  -11.488 -12.266 1.00 24.76 ? 118 SER A OG  1 
ATOM   899  N N   . ASN A 1 119 ? -5.784  -11.655 -9.527  1.00 21.51 ? 119 ASN A N   1 
ATOM   900  C CA  . ASN A 1 119 ? -6.962  -12.500 -9.364  1.00 21.03 ? 119 ASN A CA  1 
ATOM   901  C C   . ASN A 1 119 ? -6.909  -13.431 -8.158  1.00 19.94 ? 119 ASN A C   1 
ATOM   902  O O   . ASN A 1 119 ? -7.362  -14.569 -8.232  1.00 19.72 ? 119 ASN A O   1 
ATOM   903  C CB  . ASN A 1 119 ? -7.229  -13.301 -10.645 1.00 21.48 ? 119 ASN A CB  1 
ATOM   904  C CG  . ASN A 1 119 ? -7.275  -12.414 -11.889 1.00 23.76 ? 119 ASN A CG  1 
ATOM   905  O OD1 . ASN A 1 119 ? -8.068  -11.468 -11.965 1.00 25.70 ? 119 ASN A OD1 1 
ATOM   906  N ND2 . ASN A 1 119 ? -6.418  -12.715 -12.864 1.00 25.12 ? 119 ASN A ND2 1 
ATOM   907  N N   . ALA A 1 120 ? -6.388  -12.941 -7.038  1.00 19.22 ? 120 ALA A N   1 
ATOM   908  C CA  . ALA A 1 120 ? -6.272  -13.778 -5.836  1.00 18.47 ? 120 ALA A CA  1 
ATOM   909  C C   . ALA A 1 120 ? -7.620  -14.306 -5.336  1.00 18.32 ? 120 ALA A C   1 
ATOM   910  O O   . ALA A 1 120 ? -7.697  -15.405 -4.794  1.00 17.14 ? 120 ALA A O   1 
ATOM   911  C CB  . ALA A 1 120 ? -5.545  -13.027 -4.726  1.00 18.60 ? 120 ALA A CB  1 
ATOM   912  N N   . HIS A 1 121 ? -8.685  -13.524 -5.514  1.00 18.29 ? 121 HIS A N   1 
ATOM   913  C CA  . HIS A 1 121 ? -10.011 -13.972 -5.086  1.00 18.67 ? 121 HIS A CA  1 
ATOM   914  C C   . HIS A 1 121 ? -10.465 -15.165 -5.921  1.00 18.62 ? 121 HIS A C   1 
ATOM   915  O O   . HIS A 1 121 ? -10.930 -16.174 -5.383  1.00 18.14 ? 121 HIS A O   1 
ATOM   916  C CB  . HIS A 1 121 ? -11.036 -12.845 -5.188  1.00 19.05 ? 121 HIS A CB  1 
ATOM   917  C CG  . HIS A 1 121 ? -10.629 -11.589 -4.486  1.00 20.58 ? 121 HIS A CG  1 
ATOM   918  N ND1 . HIS A 1 121 ? -10.533 -11.500 -3.114  1.00 23.56 ? 121 HIS A ND1 1 
ATOM   919  C CD2 . HIS A 1 121 ? -10.294 -10.369 -4.966  1.00 21.52 ? 121 HIS A CD2 1 
ATOM   920  C CE1 . HIS A 1 121 ? -10.165 -10.277 -2.778  1.00 21.80 ? 121 HIS A CE1 1 
ATOM   921  N NE2 . HIS A 1 121 ? -10.009 -9.572  -3.883  1.00 24.01 ? 121 HIS A NE2 1 
ATOM   922  N N   . GLU A 1 122 ? -10.343 -15.043 -7.239  1.00 18.15 ? 122 GLU A N   1 
ATOM   923  C CA  . GLU A 1 122 ? -10.681 -16.140 -8.133  1.00 18.50 ? 122 GLU A CA  1 
ATOM   924  C C   . GLU A 1 122 ? -9.823  -17.363 -7.805  1.00 17.69 ? 122 GLU A C   1 
ATOM   925  O O   . GLU A 1 122 ? -10.294 -18.501 -7.861  1.00 17.51 ? 122 GLU A O   1 
ATOM   926  C CB  . GLU A 1 122 ? -10.475 -15.715 -9.586  1.00 18.78 ? 122 GLU A CB  1 
ATOM   927  C CG  . GLU A 1 122 ? -10.837 -16.781 -10.605 1.00 22.66 ? 122 GLU A CG  1 
ATOM   928  C CD  . GLU A 1 122 ? -12.327 -17.073 -10.648 1.00 27.91 ? 122 GLU A CD  1 
ATOM   929  O OE1 . GLU A 1 122 ? -13.108 -16.133 -10.910 1.00 31.14 ? 122 GLU A OE1 1 
ATOM   930  O OE2 . GLU A 1 122 ? -12.719 -18.245 -10.437 1.00 30.27 ? 122 GLU A OE2 1 
ATOM   931  N N   . GLN A 1 123 ? -8.560  -17.128 -7.453  1.00 17.08 ? 123 GLN A N   1 
ATOM   932  C CA  . GLN A 1 123 ? -7.669  -18.234 -7.114  1.00 16.53 ? 123 GLN A CA  1 
ATOM   933  C C   . GLN A 1 123 ? -8.173  -18.958 -5.875  1.00 15.94 ? 123 GLN A C   1 
ATOM   934  O O   . GLN A 1 123 ? -8.210  -20.186 -5.834  1.00 16.06 ? 123 GLN A O   1 
ATOM   935  C CB  . GLN A 1 123 ? -6.247  -17.730 -6.860  1.00 17.15 ? 123 GLN A CB  1 
ATOM   936  C CG  . GLN A 1 123 ? -5.470  -17.326 -8.105  1.00 17.82 ? 123 GLN A CG  1 
ATOM   937  C CD  . GLN A 1 123 ? -4.047  -16.929 -7.771  1.00 18.73 ? 123 GLN A CD  1 
ATOM   938  O OE1 . GLN A 1 123 ? -3.224  -17.779 -7.398  1.00 19.01 ? 123 GLN A OE1 1 
ATOM   939  N NE2 . GLN A 1 123 ? -3.756  -15.641 -7.875  1.00 19.32 ? 123 GLN A NE2 1 
ATOM   940  N N   . ALA A 1 124 ? -8.560  -18.190 -4.862  1.00 15.15 ? 124 ALA A N   1 
ATOM   941  C CA  . ALA A 1 124 ? -9.063  -18.765 -3.621  1.00 14.49 ? 124 ALA A CA  1 
ATOM   942  C C   . ALA A 1 124 ? -10.303 -19.612 -3.879  1.00 14.32 ? 124 ALA A C   1 
ATOM   943  O O   . ALA A 1 124 ? -10.431 -20.730 -3.378  1.00 13.10 ? 124 ALA A O   1 
ATOM   944  C CB  . ALA A 1 124 ? -9.369  -17.657 -2.618  1.00 14.58 ? 124 ALA A CB  1 
ATOM   945  N N   . LEU A 1 125 ? -11.216 -19.075 -4.681  1.00 14.30 ? 125 LEU A N   1 
ATOM   946  C CA  . LEU A 1 125 ? -12.461 -19.779 -4.978  1.00 14.77 ? 125 LEU A CA  1 
ATOM   947  C C   . LEU A 1 125 ? -12.222 -21.054 -5.775  1.00 15.21 ? 125 LEU A C   1 
ATOM   948  O O   . LEU A 1 125 ? -12.805 -22.097 -5.486  1.00 15.25 ? 125 LEU A O   1 
ATOM   949  C CB  . LEU A 1 125 ? -13.421 -18.854 -5.741  1.00 14.72 ? 125 LEU A CB  1 
ATOM   950  C CG  . LEU A 1 125 ? -13.968 -17.673 -4.933  1.00 15.39 ? 125 LEU A CG  1 
ATOM   951  C CD1 . LEU A 1 125 ? -14.735 -16.670 -5.811  1.00 17.25 ? 125 LEU A CD1 1 
ATOM   952  C CD2 . LEU A 1 125 ? -14.848 -18.176 -3.808  1.00 16.89 ? 125 LEU A CD2 1 
ATOM   953  N N   . GLU A 1 126 ? -11.358 -20.967 -6.779  1.00 15.71 ? 126 GLU A N   1 
ATOM   954  C CA  . GLU A 1 126 ? -11.063 -22.113 -7.624  1.00 16.79 ? 126 GLU A CA  1 
ATOM   955  C C   . GLU A 1 126 ? -10.374 -23.214 -6.824  1.00 16.11 ? 126 GLU A C   1 
ATOM   956  O O   . GLU A 1 126 ? -10.603 -24.401 -7.057  1.00 16.58 ? 126 GLU A O   1 
ATOM   957  C CB  . GLU A 1 126 ? -10.200 -21.681 -8.812  1.00 17.52 ? 126 GLU A CB  1 
ATOM   958  C CG  . GLU A 1 126 ? -10.963 -20.845 -9.833  1.00 22.09 ? 126 GLU A CG  1 
ATOM   959  C CD  . GLU A 1 126 ? -10.136 -20.471 -11.052 1.00 27.46 ? 126 GLU A CD  1 
ATOM   960  O OE1 . GLU A 1 126 ? -8.902  -20.681 -11.027 1.00 30.66 ? 126 GLU A OE1 1 
ATOM   961  O OE2 . GLU A 1 126 ? -10.721 -19.963 -12.037 1.00 30.00 ? 126 GLU A OE2 1 
ATOM   962  N N   . THR A 1 127 ? -9.544  -22.804 -5.868  1.00 15.59 ? 127 THR A N   1 
ATOM   963  C CA  . THR A 1 127 ? -8.808  -23.742 -5.023  1.00 15.10 ? 127 THR A CA  1 
ATOM   964  C C   . THR A 1 127 ? -9.694  -24.391 -3.963  1.00 14.37 ? 127 THR A C   1 
ATOM   965  O O   . THR A 1 127 ? -9.448  -25.526 -3.549  1.00 14.76 ? 127 THR A O   1 
ATOM   966  C CB  . THR A 1 127 ? -7.623  -23.023 -4.366  1.00 15.22 ? 127 THR A CB  1 
ATOM   967  O OG1 . THR A 1 127 ? -6.664  -22.696 -5.378  1.00 16.68 ? 127 THR A OG1 1 
ATOM   968  C CG2 . THR A 1 127 ? -6.857  -23.963 -3.443  1.00 15.78 ? 127 THR A CG2 1 
ATOM   969  N N   . GLY A 1 128 ? -10.722 -23.675 -3.523  1.00 12.95 ? 128 GLY A N   1 
ATOM   970  C CA  . GLY A 1 128 ? -11.659 -24.204 -2.550  1.00 12.15 ? 128 GLY A CA  1 
ATOM   971  C C   . GLY A 1 128 ? -11.272 -24.036 -1.089  1.00 11.62 ? 128 GLY A C   1 
ATOM   972  O O   . GLY A 1 128 ? -11.749 -24.792 -0.231  1.00 11.26 ? 128 GLY A O   1 
ATOM   973  N N   . VAL A 1 129 ? -10.401 -23.071 -0.797  1.00 10.65 ? 129 VAL A N   1 
ATOM   974  C CA  . VAL A 1 129 ? -10.033 -22.770 0.586   1.00 10.37 ? 129 VAL A CA  1 
ATOM   975  C C   . VAL A 1 129 ? -11.272 -22.274 1.326   1.00 10.26 ? 129 VAL A C   1 
ATOM   976  O O   . VAL A 1 129 ? -12.214 -21.770 0.698   1.00 10.76 ? 129 VAL A O   1 
ATOM   977  C CB  . VAL A 1 129 ? -8.922  -21.665 0.691   1.00 10.15 ? 129 VAL A CB  1 
ATOM   978  C CG1 . VAL A 1 129 ? -7.624  -22.128 0.040   1.00 10.53 ? 129 VAL A CG1 1 
ATOM   979  C CG2 . VAL A 1 129 ? -9.383  -20.340 0.077   1.00 11.19 ? 129 VAL A CG2 1 
ATOM   980  N N   . THR A 1 130 ? -11.285 -22.419 2.647   1.00 9.87  ? 130 THR A N   1 
ATOM   981  C CA  . THR A 1 130 ? -12.379 -21.885 3.455   1.00 10.44 ? 130 THR A CA  1 
ATOM   982  C C   . THR A 1 130 ? -11.906 -20.651 4.195   1.00 10.46 ? 130 THR A C   1 
ATOM   983  O O   . THR A 1 130 ? -12.703 -19.944 4.811   1.00 10.95 ? 130 THR A O   1 
ATOM   984  C CB  . THR A 1 130 ? -12.884 -22.918 4.486   1.00 9.96  ? 130 THR A CB  1 
ATOM   985  O OG1 . THR A 1 130 ? -11.845 -23.170 5.444   1.00 12.28 ? 130 THR A OG1 1 
ATOM   986  C CG2 . THR A 1 130 ? -13.141 -24.267 3.821   1.00 10.54 ? 130 THR A CG2 1 
ATOM   987  N N   . VAL A 1 131 ? -10.597 -20.411 4.162   1.00 10.75 ? 131 VAL A N   1 
ATOM   988  C CA  . VAL A 1 131 ? -10.018 -19.231 4.797   1.00 11.59 ? 131 VAL A CA  1 
ATOM   989  C C   . VAL A 1 131 ? -9.083  -18.543 3.829   1.00 11.26 ? 131 VAL A C   1 
ATOM   990  O O   . VAL A 1 131 ? -8.195  -19.183 3.260   1.00 11.46 ? 131 VAL A O   1 
ATOM   991  C CB  . VAL A 1 131 ? -9.191  -19.609 6.050   1.00 11.30 ? 131 VAL A CB  1 
ATOM   992  C CG1 . VAL A 1 131 ? -8.452  -18.382 6.608   1.00 12.98 ? 131 VAL A CG1 1 
ATOM   993  C CG2 . VAL A 1 131 ? -10.095 -20.244 7.113   1.00 11.26 ? 131 VAL A CG2 1 
ATOM   994  N N   . THR A 1 132 ? -9.302  -17.249 3.609   1.00 11.69 ? 132 THR A N   1 
ATOM   995  C CA  . THR A 1 132 ? -8.343  -16.464 2.848   1.00 11.72 ? 132 THR A CA  1 
ATOM   996  C C   . THR A 1 132 ? -8.084  -15.209 3.675   1.00 11.70 ? 132 THR A C   1 
ATOM   997  O O   . THR A 1 132 ? -8.183  -15.263 4.904   1.00 11.25 ? 132 THR A O   1 
ATOM   998  C CB  . THR A 1 132 ? -8.854  -16.188 1.421   1.00 12.04 ? 132 THR A CB  1 
ATOM   999  O OG1 . THR A 1 132 ? -7.876  -15.434 0.687   1.00 13.14 ? 132 THR A OG1 1 
ATOM   1000 C CG2 . THR A 1 132 ? -10.115 -15.311 1.428   1.00 12.07 ? 132 THR A CG2 1 
ATOM   1001 N N   . GLY A 1 133 ? -7.753  -14.086 3.043   1.00 11.14 ? 133 GLY A N   1 
ATOM   1002 C CA  . GLY A 1 133 ? -7.534  -12.874 3.818   1.00 11.82 ? 133 GLY A CA  1 
ATOM   1003 C C   . GLY A 1 133 ? -6.728  -11.840 3.061   1.00 11.82 ? 133 GLY A C   1 
ATOM   1004 O O   . GLY A 1 133 ? -6.684  -11.877 1.834   1.00 11.85 ? 133 GLY A O   1 
ATOM   1005 N N   . CYS A 1 134 ? -6.097  -10.924 3.794   1.00 11.82 ? 134 CYS A N   1 
ATOM   1006 C CA  . CYS A 1 134 ? -5.251  -9.914  3.174   1.00 11.95 ? 134 CYS A CA  1 
ATOM   1007 C C   . CYS A 1 134 ? -3.955  -9.740  3.961   1.00 11.64 ? 134 CYS A C   1 
ATOM   1008 O O   . CYS A 1 134 ? -3.881  -10.082 5.154   1.00 11.79 ? 134 CYS A O   1 
ATOM   1009 C CB  . CYS A 1 134 ? -5.996  -8.584  3.022   1.00 11.40 ? 134 CYS A CB  1 
ATOM   1010 S SG  . CYS A 1 134 ? -6.717  -7.942  4.544   1.00 15.47 ? 134 CYS A SG  1 
ATOM   1011 N N   . THR A 1 135 ? -2.931  -9.227  3.277   1.00 10.69 ? 135 THR A N   1 
ATOM   1012 C CA  . THR A 1 135 ? -1.598  -9.084  3.852   1.00 10.32 ? 135 THR A CA  1 
ATOM   1013 C C   . THR A 1 135 ? -1.024  -7.718  3.507   1.00 10.97 ? 135 THR A C   1 
ATOM   1014 O O   . THR A 1 135 ? -1.001  -7.358  2.340   1.00 11.29 ? 135 THR A O   1 
ATOM   1015 C CB  . THR A 1 135 ? -0.667  -10.119 3.211   1.00 10.43 ? 135 THR A CB  1 
ATOM   1016 O OG1 . THR A 1 135 ? -1.158  -11.448 3.468   1.00 11.25 ? 135 THR A OG1 1 
ATOM   1017 C CG2 . THR A 1 135 ? 0.753   -10.065 3.838   1.00 9.63  ? 135 THR A CG2 1 
ATOM   1018 N N   . VAL A 1 136 ? -0.558  -6.984  4.517   1.00 11.38 ? 136 VAL A N   1 
ATOM   1019 C CA  . VAL A 1 136 ? 0.169   -5.740  4.268   1.00 11.56 ? 136 VAL A CA  1 
ATOM   1020 C C   . VAL A 1 136 ? 1.632   -6.076  4.532   1.00 11.79 ? 136 VAL A C   1 
ATOM   1021 O O   . VAL A 1 136 ? 1.963   -6.709  5.539   1.00 11.46 ? 136 VAL A O   1 
ATOM   1022 C CB  . VAL A 1 136 ? -0.264  -4.595  5.183   1.00 11.86 ? 136 VAL A CB  1 
ATOM   1023 C CG1 . VAL A 1 136 ? 0.588   -3.344  4.882   1.00 11.57 ? 136 VAL A CG1 1 
ATOM   1024 C CG2 . VAL A 1 136 ? -1.720  -4.264  4.960   1.00 12.49 ? 136 VAL A CG2 1 
ATOM   1025 N N   . HIS A 1 137 ? 2.505   -5.678  3.614   1.00 11.93 ? 137 HIS A N   1 
ATOM   1026 C CA  . HIS A 1 137 ? 3.922   -5.995  3.730   1.00 12.28 ? 137 HIS A CA  1 
ATOM   1027 C C   . HIS A 1 137 ? 4.793   -4.873  3.175   1.00 12.61 ? 137 HIS A C   1 
ATOM   1028 O O   . HIS A 1 137 ? 4.336   -4.052  2.381   1.00 12.08 ? 137 HIS A O   1 
ATOM   1029 C CB  . HIS A 1 137 ? 4.217   -7.280  2.944   1.00 12.54 ? 137 HIS A CB  1 
ATOM   1030 C CG  . HIS A 1 137 ? 3.875   -7.188  1.486   1.00 13.97 ? 137 HIS A CG  1 
ATOM   1031 N ND1 . HIS A 1 137 ? 4.809   -6.881  0.516   1.00 15.89 ? 137 HIS A ND1 1 
ATOM   1032 C CD2 . HIS A 1 137 ? 2.700   -7.359  0.834   1.00 13.98 ? 137 HIS A CD2 1 
ATOM   1033 C CE1 . HIS A 1 137 ? 4.225   -6.865  -0.668  1.00 16.42 ? 137 HIS A CE1 1 
ATOM   1034 N NE2 . HIS A 1 137 ? 2.943   -7.144  -0.504  1.00 15.98 ? 137 HIS A NE2 1 
ATOM   1035 N N   . PHE A 1 138 ? 6.048   -4.839  3.618   1.00 12.90 ? 138 PHE A N   1 
ATOM   1036 C CA  . PHE A 1 138 ? 7.030   -3.950  3.044   1.00 13.74 ? 138 PHE A CA  1 
ATOM   1037 C C   . PHE A 1 138 ? 7.314   -4.447  1.638   1.00 14.62 ? 138 PHE A C   1 
ATOM   1038 O O   . PHE A 1 138 ? 7.211   -5.640  1.359   1.00 14.76 ? 138 PHE A O   1 
ATOM   1039 C CB  . PHE A 1 138 ? 8.319   -3.965  3.876   1.00 13.08 ? 138 PHE A CB  1 
ATOM   1040 C CG  . PHE A 1 138 ? 8.225   -3.162  5.137   1.00 14.10 ? 138 PHE A CG  1 
ATOM   1041 C CD1 . PHE A 1 138 ? 7.927   -1.802  5.090   1.00 15.09 ? 138 PHE A CD1 1 
ATOM   1042 C CD2 . PHE A 1 138 ? 8.431   -3.756  6.375   1.00 14.81 ? 138 PHE A CD2 1 
ATOM   1043 C CE1 . PHE A 1 138 ? 7.846   -1.052  6.255   1.00 14.51 ? 138 PHE A CE1 1 
ATOM   1044 C CE2 . PHE A 1 138 ? 8.352   -3.010  7.544   1.00 14.07 ? 138 PHE A CE2 1 
ATOM   1045 C CZ  . PHE A 1 138 ? 8.066   -1.646  7.479   1.00 14.80 ? 138 PHE A CZ  1 
ATOM   1046 N N   . VAL A 1 139 ? 7.677   -3.532  0.751   1.00 15.49 ? 139 VAL A N   1 
ATOM   1047 C CA  . VAL A 1 139 ? 7.961   -3.887  -0.622  1.00 16.74 ? 139 VAL A CA  1 
ATOM   1048 C C   . VAL A 1 139 ? 9.428   -4.239  -0.816  1.00 18.54 ? 139 VAL A C   1 
ATOM   1049 O O   . VAL A 1 139 ? 10.325  -3.503  -0.388  1.00 17.78 ? 139 VAL A O   1 
ATOM   1050 C CB  . VAL A 1 139 ? 7.584   -2.741  -1.573  1.00 16.31 ? 139 VAL A CB  1 
ATOM   1051 C CG1 . VAL A 1 139 ? 8.056   -3.048  -2.991  1.00 15.73 ? 139 VAL A CG1 1 
ATOM   1052 C CG2 . VAL A 1 139 ? 6.076   -2.493  -1.529  1.00 16.04 ? 139 VAL A CG2 1 
ATOM   1053 N N   . ALA A 1 140 ? 9.662   -5.381  -1.457  1.00 20.89 ? 140 ALA A N   1 
ATOM   1054 C CA  . ALA A 1 140 ? 11.012  -5.817  -1.785  1.00 23.88 ? 140 ALA A CA  1 
ATOM   1055 C C   . ALA A 1 140 ? 11.104  -6.090  -3.283  1.00 25.84 ? 140 ALA A C   1 
ATOM   1056 O O   . ALA A 1 140 ? 10.131  -5.903  -4.015  1.00 27.12 ? 140 ALA A O   1 
ATOM   1057 C CB  . ALA A 1 140 ? 11.374  -7.066  -0.995  1.00 23.72 ? 140 ALA A CB  1 
ATOM   1058 N N   . GLU A 1 141 ? 12.275  -6.538  -3.721  1.00 28.24 ? 141 GLU A N   1 
ATOM   1059 C CA  . GLU A 1 141 ? 12.529  -6.912  -5.114  1.00 30.21 ? 141 GLU A CA  1 
ATOM   1060 C C   . GLU A 1 141 ? 11.294  -7.492  -5.806  1.00 30.58 ? 141 GLU A C   1 
ATOM   1061 O O   . GLU A 1 141 ? 10.899  -7.039  -6.887  1.00 31.46 ? 141 GLU A O   1 
ATOM   1062 C CB  . GLU A 1 141 ? 13.660  -7.942  -5.161  1.00 30.59 ? 141 GLU A CB  1 
ATOM   1063 C CG  . GLU A 1 141 ? 14.873  -7.554  -4.328  1.00 33.43 ? 141 GLU A CG  1 
ATOM   1064 C CD  . GLU A 1 141 ? 15.761  -8.737  -3.977  1.00 36.91 ? 141 GLU A CD  1 
ATOM   1065 O OE1 . GLU A 1 141 ? 15.324  -9.903  -4.147  1.00 38.56 ? 141 GLU A OE1 1 
ATOM   1066 O OE2 . GLU A 1 141 ? 16.900  -8.495  -3.520  1.00 38.62 ? 141 GLU A OE2 1 
ATOM   1067 N N   . ALA A 1 145 ? 6.351   -10.206 -2.324  1.00 25.29 ? 145 ALA A N   1 
ATOM   1068 C CA  . ALA A 1 145 ? 7.639   -10.333 -1.643  1.00 24.46 ? 145 ALA A CA  1 
ATOM   1069 C C   . ALA A 1 145 ? 7.863   -9.139  -0.721  1.00 23.71 ? 145 ALA A C   1 
ATOM   1070 O O   . ALA A 1 145 ? 7.350   -8.046  -0.971  1.00 24.85 ? 145 ALA A O   1 
ATOM   1071 C CB  . ALA A 1 145 ? 8.773   -10.460 -2.649  1.00 25.02 ? 145 ALA A CB  1 
ATOM   1072 N N   . GLY A 1 146 ? 8.644   -9.344  0.333   1.00 22.01 ? 146 GLY A N   1 
ATOM   1073 C CA  . GLY A 1 146 ? 8.854   -8.303  1.319   1.00 19.60 ? 146 GLY A CA  1 
ATOM   1074 C C   . GLY A 1 146 ? 8.295   -8.752  2.652   1.00 18.13 ? 146 GLY A C   1 
ATOM   1075 O O   . GLY A 1 146 ? 7.364   -9.565  2.703   1.00 17.94 ? 146 GLY A O   1 
ATOM   1076 N N   . GLN A 1 147 ? 8.853   -8.219  3.732   1.00 16.36 ? 147 GLN A N   1 
ATOM   1077 C CA  . GLN A 1 147 ? 8.484   -8.647  5.077   1.00 15.30 ? 147 GLN A CA  1 
ATOM   1078 C C   . GLN A 1 147 ? 7.066   -8.274  5.476   1.00 14.23 ? 147 GLN A C   1 
ATOM   1079 O O   . GLN A 1 147 ? 6.631   -7.137  5.321   1.00 13.45 ? 147 GLN A O   1 
ATOM   1080 C CB  . GLN A 1 147 ? 9.503   -8.141  6.098   1.00 15.84 ? 147 GLN A CB  1 
ATOM   1081 C CG  . GLN A 1 147 ? 10.878  -8.747  5.888   1.00 17.03 ? 147 GLN A CG  1 
ATOM   1082 C CD  . GLN A 1 147 ? 10.865  -10.277 5.916   1.00 18.45 ? 147 GLN A CD  1 
ATOM   1083 O OE1 . GLN A 1 147 ? 10.596  -10.883 6.954   1.00 19.67 ? 147 GLN A OE1 1 
ATOM   1084 N NE2 . GLN A 1 147 ? 11.163  -10.899 4.773   1.00 20.69 ? 147 GLN A NE2 1 
ATOM   1085 N N   . ILE A 1 148 ? 6.352   -9.256  6.013   1.00 12.62 ? 148 ILE A N   1 
ATOM   1086 C CA  . ILE A 1 148 ? 4.954   -9.072  6.356   1.00 12.39 ? 148 ILE A CA  1 
ATOM   1087 C C   . ILE A 1 148 ? 4.772   -8.261  7.632   1.00 12.35 ? 148 ILE A C   1 
ATOM   1088 O O   . ILE A 1 148 ? 5.440   -8.506  8.641   1.00 11.82 ? 148 ILE A O   1 
ATOM   1089 C CB  . ILE A 1 148 ? 4.272   -10.454 6.478   1.00 11.84 ? 148 ILE A CB  1 
ATOM   1090 C CG1 . ILE A 1 148 ? 4.154   -11.095 5.089   1.00 12.33 ? 148 ILE A CG1 1 
ATOM   1091 C CG2 . ILE A 1 148 ? 2.923   -10.309 7.151   1.00 12.84 ? 148 ILE A CG2 1 
ATOM   1092 C CD1 . ILE A 1 148 ? 3.839   -12.627 5.147   1.00 13.17 ? 148 ILE A CD1 1 
ATOM   1093 N N   . ILE A 1 149 ? 3.882   -7.271  7.578   1.00 12.23 ? 149 ILE A N   1 
ATOM   1094 C CA  . ILE A 1 149 ? 3.608   -6.421  8.735   1.00 12.20 ? 149 ILE A CA  1 
ATOM   1095 C C   . ILE A 1 149 ? 2.361   -6.883  9.483   1.00 12.29 ? 149 ILE A C   1 
ATOM   1096 O O   . ILE A 1 149 ? 2.405   -7.132  10.698  1.00 12.32 ? 149 ILE A O   1 
ATOM   1097 C CB  . ILE A 1 149 ? 3.467   -4.955  8.294   1.00 12.09 ? 149 ILE A CB  1 
ATOM   1098 C CG1 . ILE A 1 149 ? 4.766   -4.479  7.647   1.00 11.94 ? 149 ILE A CG1 1 
ATOM   1099 C CG2 . ILE A 1 149 ? 3.155   -4.060  9.497   1.00 13.62 ? 149 ILE A CG2 1 
ATOM   1100 C CD1 . ILE A 1 149 ? 4.608   -3.165  6.847   1.00 11.45 ? 149 ILE A CD1 1 
ATOM   1101 N N   . LEU A 1 150 ? 1.252   -6.994  8.755   1.00 12.06 ? 150 LEU A N   1 
ATOM   1102 C CA  . LEU A 1 150 ? -0.004  -7.480  9.319   1.00 12.25 ? 150 LEU A CA  1 
ATOM   1103 C C   . LEU A 1 150 ? -0.731  -8.373  8.328   1.00 12.42 ? 150 LEU A C   1 
ATOM   1104 O O   . LEU A 1 150 ? -0.546  -8.255  7.111   1.00 12.30 ? 150 LEU A O   1 
ATOM   1105 C CB  . LEU A 1 150 ? -0.934  -6.323  9.691   1.00 12.46 ? 150 LEU A CB  1 
ATOM   1106 C CG  . LEU A 1 150 ? -0.604  -5.400  10.870  1.00 13.24 ? 150 LEU A CG  1 
ATOM   1107 C CD1 . LEU A 1 150 ? -1.674  -4.293  10.941  1.00 12.69 ? 150 LEU A CD1 1 
ATOM   1108 C CD2 . LEU A 1 150 ? -0.525  -6.163  12.197  1.00 12.99 ? 150 LEU A CD2 1 
ATOM   1109 N N   . GLN A 1 151 ? -1.533  -9.297  8.862   1.00 12.69 ? 151 GLN A N   1 
ATOM   1110 C CA  . GLN A 1 151 ? -2.404  -10.131 8.040   1.00 12.79 ? 151 GLN A CA  1 
ATOM   1111 C C   . GLN A 1 151 ? -3.724  -10.287 8.776   1.00 13.14 ? 151 GLN A C   1 
ATOM   1112 O O   . GLN A 1 151 ? -3.758  -10.275 10.011  1.00 12.84 ? 151 GLN A O   1 
ATOM   1113 C CB  . GLN A 1 151 ? -1.791  -11.522 7.800   1.00 12.92 ? 151 GLN A CB  1 
ATOM   1114 C CG  . GLN A 1 151 ? -0.544  -11.499 6.934   1.00 13.41 ? 151 GLN A CG  1 
ATOM   1115 C CD  . GLN A 1 151 ? 0.042   -12.879 6.685   1.00 13.60 ? 151 GLN A CD  1 
ATOM   1116 O OE1 . GLN A 1 151 ? 0.524   -13.544 7.612   1.00 13.07 ? 151 GLN A OE1 1 
ATOM   1117 N NE2 . GLN A 1 151 ? 0.014   -13.309 5.429   1.00 13.14 ? 151 GLN A NE2 1 
ATOM   1118 N N   . GLU A 1 152 ? -4.814  -10.432 8.032   1.00 12.87 ? 152 GLU A N   1 
ATOM   1119 C CA  . GLU A 1 152 ? -6.104  -10.663 8.674   1.00 13.33 ? 152 GLU A CA  1 
ATOM   1120 C C   . GLU A 1 152 ? -6.814  -11.760 7.919   1.00 12.37 ? 152 GLU A C   1 
ATOM   1121 O O   . GLU A 1 152 ? -6.998  -11.662 6.717   1.00 11.89 ? 152 GLU A O   1 
ATOM   1122 C CB  . GLU A 1 152 ? -6.976  -9.404  8.674   1.00 14.27 ? 152 GLU A CB  1 
ATOM   1123 C CG  . GLU A 1 152 ? -8.218  -9.594  9.540   1.00 18.72 ? 152 GLU A CG  1 
ATOM   1124 C CD  . GLU A 1 152 ? -9.259  -8.507  9.373   1.00 23.77 ? 152 GLU A CD  1 
ATOM   1125 O OE1 . GLU A 1 152 ? -8.893  -7.313  9.336   1.00 27.05 ? 152 GLU A OE1 1 
ATOM   1126 O OE2 . GLU A 1 152 ? -10.458 -8.851  9.298   1.00 27.01 ? 152 GLU A OE2 1 
ATOM   1127 N N   . ALA A 1 153 ? -7.204  -12.814 8.632   1.00 11.79 ? 153 ALA A N   1 
ATOM   1128 C CA  . ALA A 1 153 ? -7.910  -13.920 8.012   1.00 11.92 ? 153 ALA A CA  1 
ATOM   1129 C C   . ALA A 1 153 ? -9.363  -13.538 7.727   1.00 11.87 ? 153 ALA A C   1 
ATOM   1130 O O   . ALA A 1 153 ? -10.004 -12.848 8.528   1.00 12.53 ? 153 ALA A O   1 
ATOM   1131 C CB  . ALA A 1 153 ? -7.850  -15.144 8.931   1.00 11.51 ? 153 ALA A CB  1 
ATOM   1132 N N   . VAL A 1 154 ? -9.878  -14.001 6.592   1.00 11.76 ? 154 VAL A N   1 
ATOM   1133 C CA  . VAL A 1 154 ? -11.249 -13.736 6.169   1.00 11.85 ? 154 VAL A CA  1 
ATOM   1134 C C   . VAL A 1 154 ? -11.878 -15.043 5.695   1.00 12.20 ? 154 VAL A C   1 
ATOM   1135 O O   . VAL A 1 154 ? -11.274 -15.758 4.904   1.00 12.10 ? 154 VAL A O   1 
ATOM   1136 C CB  . VAL A 1 154 ? -11.270 -12.726 4.998   1.00 11.35 ? 154 VAL A CB  1 
ATOM   1137 C CG1 . VAL A 1 154 ? -12.662 -12.559 4.456   1.00 12.07 ? 154 VAL A CG1 1 
ATOM   1138 C CG2 . VAL A 1 154 ? -10.695 -11.373 5.440   1.00 12.41 ? 154 VAL A CG2 1 
ATOM   1139 N N   . PRO A 1 155 ? -13.066 -15.383 6.188   1.00 12.79 ? 155 PRO A N   1 
ATOM   1140 C CA  . PRO A 1 155 ? -13.703 -16.639 5.782   1.00 13.02 ? 155 PRO A CA  1 
ATOM   1141 C C   . PRO A 1 155 ? -14.201 -16.584 4.343   1.00 13.23 ? 155 PRO A C   1 
ATOM   1142 O O   . PRO A 1 155 ? -14.546 -15.507 3.822   1.00 12.41 ? 155 PRO A O   1 
ATOM   1143 C CB  . PRO A 1 155 ? -14.910 -16.731 6.727   1.00 13.41 ? 155 PRO A CB  1 
ATOM   1144 C CG  . PRO A 1 155 ? -15.245 -15.275 6.981   1.00 13.70 ? 155 PRO A CG  1 
ATOM   1145 C CD  . PRO A 1 155 ? -13.877 -14.651 7.178   1.00 12.85 ? 155 PRO A CD  1 
ATOM   1146 N N   . VAL A 1 156 ? -14.181 -17.735 3.683   1.00 13.12 ? 156 VAL A N   1 
ATOM   1147 C CA  . VAL A 1 156 ? -14.825 -17.873 2.389   1.00 13.88 ? 156 VAL A CA  1 
ATOM   1148 C C   . VAL A 1 156 ? -16.132 -18.535 2.748   1.00 14.66 ? 156 VAL A C   1 
ATOM   1149 O O   . VAL A 1 156 ? -16.142 -19.551 3.454   1.00 14.07 ? 156 VAL A O   1 
ATOM   1150 C CB  . VAL A 1 156 ? -14.054 -18.791 1.433   1.00 13.65 ? 156 VAL A CB  1 
ATOM   1151 C CG1 . VAL A 1 156 ? -14.814 -18.946 0.124   1.00 13.68 ? 156 VAL A CG1 1 
ATOM   1152 C CG2 . VAL A 1 156 ? -12.659 -18.248 1.179   1.00 13.88 ? 156 VAL A CG2 1 
ATOM   1153 N N   . LYS A 1 157 ? -17.235 -17.953 2.292   1.00 15.88 ? 157 LYS A N   1 
ATOM   1154 C CA  . LYS A 1 157 ? -18.547 -18.497 2.620   1.00 17.43 ? 157 LYS A CA  1 
ATOM   1155 C C   . LYS A 1 157 ? -19.129 -19.327 1.485   1.00 17.72 ? 157 LYS A C   1 
ATOM   1156 O O   . LYS A 1 157 ? -18.855 -19.085 0.315   1.00 17.20 ? 157 LYS A O   1 
ATOM   1157 C CB  . LYS A 1 157 ? -19.513 -17.377 3.028   1.00 17.70 ? 157 LYS A CB  1 
ATOM   1158 C CG  . LYS A 1 157 ? -19.006 -16.558 4.224   1.00 20.33 ? 157 LYS A CG  1 
ATOM   1159 C CD  . LYS A 1 157 ? -20.053 -15.582 4.755   1.00 24.29 ? 157 LYS A CD  1 
ATOM   1160 C CE  . LYS A 1 157 ? -19.540 -14.881 6.014   1.00 26.02 ? 157 LYS A CE  1 
ATOM   1161 N NZ  . LYS A 1 157 ? -20.610 -14.104 6.720   1.00 28.33 ? 157 LYS A NZ  1 
ATOM   1162 N N   . ARG A 1 158 ? -19.907 -20.337 1.842   1.00 18.49 ? 158 ARG A N   1 
ATOM   1163 C CA  . ARG A 1 158 ? -20.581 -21.140 0.838   1.00 19.75 ? 158 ARG A CA  1 
ATOM   1164 C C   . ARG A 1 158 ? -21.397 -20.235 -0.077  1.00 19.52 ? 158 ARG A C   1 
ATOM   1165 O O   . ARG A 1 158 ? -22.130 -19.358 0.388   1.00 20.15 ? 158 ARG A O   1 
ATOM   1166 C CB  . ARG A 1 158 ? -21.484 -22.174 1.517   1.00 20.06 ? 158 ARG A CB  1 
ATOM   1167 C CG  . ARG A 1 158 ? -20.728 -23.366 2.074   1.00 23.15 ? 158 ARG A CG  1 
ATOM   1168 C CD  . ARG A 1 158 ? -21.484 -24.174 3.138   1.00 27.42 ? 158 ARG A CD  1 
ATOM   1169 N NE  . ARG A 1 158 ? -22.920 -24.333 2.885   1.00 31.55 ? 158 ARG A NE  1 
ATOM   1170 C CZ  . ARG A 1 158 ? -23.459 -24.822 1.769   1.00 33.46 ? 158 ARG A CZ  1 
ATOM   1171 N NH1 . ARG A 1 158 ? -22.692 -25.201 0.752   1.00 34.25 ? 158 ARG A NH1 1 
ATOM   1172 N NH2 . ARG A 1 158 ? -24.780 -24.929 1.668   1.00 34.80 ? 158 ARG A NH2 1 
ATOM   1173 N N   . GLY A 1 159 ? -21.240 -20.416 -1.383  1.00 19.52 ? 159 GLY A N   1 
ATOM   1174 C CA  . GLY A 1 159 ? -21.993 -19.635 -2.345  1.00 18.90 ? 159 GLY A CA  1 
ATOM   1175 C C   . GLY A 1 159 ? -21.337 -18.329 -2.742  1.00 18.60 ? 159 GLY A C   1 
ATOM   1176 O O   . GLY A 1 159 ? -21.862 -17.610 -3.593  1.00 18.30 ? 159 GLY A O   1 
ATOM   1177 N N   . ASP A 1 160 ? -20.193 -18.019 -2.136  1.00 18.08 ? 160 ASP A N   1 
ATOM   1178 C CA  . ASP A 1 160 ? -19.474 -16.793 -2.460  1.00 17.92 ? 160 ASP A CA  1 
ATOM   1179 C C   . ASP A 1 160 ? -19.194 -16.706 -3.951  1.00 17.87 ? 160 ASP A C   1 
ATOM   1180 O O   . ASP A 1 160 ? -18.957 -17.725 -4.610  1.00 17.57 ? 160 ASP A O   1 
ATOM   1181 C CB  . ASP A 1 160 ? -18.113 -16.756 -1.751  1.00 17.80 ? 160 ASP A CB  1 
ATOM   1182 C CG  . ASP A 1 160 ? -18.126 -15.962 -0.454  1.00 17.64 ? 160 ASP A CG  1 
ATOM   1183 O OD1 . ASP A 1 160 ? -19.083 -15.196 -0.205  1.00 18.79 ? 160 ASP A OD1 1 
ATOM   1184 O OD2 . ASP A 1 160 ? -17.182 -16.026 0.370   1.00 17.03 ? 160 ASP A OD2 1 
ATOM   1185 N N   . THR A 1 161 ? -19.221 -15.486 -4.471  1.00 18.16 ? 161 THR A N   1 
ATOM   1186 C CA  . THR A 1 161 ? -18.800 -15.218 -5.832  1.00 18.56 ? 161 THR A CA  1 
ATOM   1187 C C   . THR A 1 161 ? -17.541 -14.387 -5.689  1.00 18.74 ? 161 THR A C   1 
ATOM   1188 O O   . THR A 1 161 ? -17.188 -13.983 -4.582  1.00 19.20 ? 161 THR A O   1 
ATOM   1189 C CB  . THR A 1 161 ? -19.852 -14.387 -6.583  1.00 18.86 ? 161 THR A CB  1 
ATOM   1190 O OG1 . THR A 1 161 ? -20.023 -13.127 -5.922  1.00 18.97 ? 161 THR A OG1 1 
ATOM   1191 C CG2 . THR A 1 161 ? -21.223 -15.040 -6.498  1.00 18.87 ? 161 THR A CG2 1 
ATOM   1192 N N   . VAL A 1 162 ? -16.858 -14.128 -6.796  1.00 18.84 ? 162 VAL A N   1 
ATOM   1193 C CA  . VAL A 1 162 ? -15.689 -13.271 -6.762  1.00 19.12 ? 162 VAL A CA  1 
ATOM   1194 C C   . VAL A 1 162 ? -16.083 -11.936 -6.139  1.00 18.64 ? 162 VAL A C   1 
ATOM   1195 O O   . VAL A 1 162 ? -15.349 -11.384 -5.323  1.00 18.29 ? 162 VAL A O   1 
ATOM   1196 C CB  . VAL A 1 162 ? -15.102 -13.051 -8.173  1.00 19.11 ? 162 VAL A CB  1 
ATOM   1197 C CG1 . VAL A 1 162 ? -14.061 -11.952 -8.168  1.00 20.78 ? 162 VAL A CG1 1 
ATOM   1198 C CG2 . VAL A 1 162 ? -14.514 -14.355 -8.714  1.00 20.59 ? 162 VAL A CG2 1 
ATOM   1199 N N   . ALA A 1 163 ? -17.263 -11.433 -6.490  1.00 18.03 ? 163 ALA A N   1 
ATOM   1200 C CA  . ALA A 1 163 ? -17.707 -10.146 -5.962  1.00 17.79 ? 163 ALA A CA  1 
ATOM   1201 C C   . ALA A 1 163 ? -17.924 -10.154 -4.449  1.00 17.35 ? 163 ALA A C   1 
ATOM   1202 O O   . ALA A 1 163 ? -17.428 -9.279  -3.754  1.00 17.14 ? 163 ALA A O   1 
ATOM   1203 C CB  . ALA A 1 163 ? -18.977 -9.660  -6.687  1.00 17.81 ? 163 ALA A CB  1 
ATOM   1204 N N   . THR A 1 164 ? -18.650 -11.142 -3.932  1.00 16.89 ? 164 THR A N   1 
ATOM   1205 C CA  . THR A 1 164 ? -18.935 -11.162 -2.499  1.00 16.69 ? 164 THR A CA  1 
ATOM   1206 C C   . THR A 1 164 ? -17.687 -11.397 -1.654  1.00 16.23 ? 164 THR A C   1 
ATOM   1207 O O   . THR A 1 164 ? -17.525 -10.782 -0.603  1.00 16.02 ? 164 THR A O   1 
ATOM   1208 C CB  . THR A 1 164 ? -20.017 -12.191 -2.144  1.00 16.79 ? 164 THR A CB  1 
ATOM   1209 O OG1 . THR A 1 164 ? -19.631 -13.487 -2.615  1.00 17.50 ? 164 THR A OG1 1 
ATOM   1210 C CG2 . THR A 1 164 ? -21.312 -11.889 -2.905  1.00 17.39 ? 164 THR A CG2 1 
ATOM   1211 N N   . LEU A 1 165 ? -16.817 -12.292 -2.105  1.00 15.71 ? 165 LEU A N   1 
ATOM   1212 C CA  . LEU A 1 165 ? -15.571 -12.541 -1.382  1.00 15.30 ? 165 LEU A CA  1 
ATOM   1213 C C   . LEU A 1 165 ? -14.676 -11.296 -1.462  1.00 15.68 ? 165 LEU A C   1 
ATOM   1214 O O   . LEU A 1 165 ? -14.048 -10.904 -0.480  1.00 15.18 ? 165 LEU A O   1 
ATOM   1215 C CB  . LEU A 1 165 ? -14.842 -13.751 -1.966  1.00 15.15 ? 165 LEU A CB  1 
ATOM   1216 C CG  . LEU A 1 165 ? -13.494 -14.095 -1.320  1.00 14.73 ? 165 LEU A CG  1 
ATOM   1217 C CD1 . LEU A 1 165 ? -13.687 -14.390 0.162   1.00 14.90 ? 165 LEU A CD1 1 
ATOM   1218 C CD2 . LEU A 1 165 ? -12.863 -15.286 -2.038  1.00 14.81 ? 165 LEU A CD2 1 
ATOM   1219 N N   . SER A 1 166 ? -14.621 -10.680 -2.638  1.00 15.95 ? 166 SER A N   1 
ATOM   1220 C CA  . SER A 1 166 ? -13.809 -9.484  -2.825  1.00 16.62 ? 166 SER A CA  1 
ATOM   1221 C C   . SER A 1 166 ? -14.247 -8.368  -1.879  1.00 16.42 ? 166 SER A C   1 
ATOM   1222 O O   . SER A 1 166 ? -13.413 -7.703  -1.253  1.00 15.86 ? 166 SER A O   1 
ATOM   1223 C CB  . SER A 1 166 ? -13.873 -9.009  -4.279  1.00 17.12 ? 166 SER A CB  1 
ATOM   1224 O OG  . SER A 1 166 ? -13.083 -7.845  -4.449  1.00 20.93 ? 166 SER A OG  1 
ATOM   1225 N N   . GLU A 1 167 ? -15.553 -8.175  -1.755  1.00 16.70 ? 167 GLU A N   1 
ATOM   1226 C CA  . GLU A 1 167 ? -16.072 -7.140  -0.870  1.00 17.50 ? 167 GLU A CA  1 
ATOM   1227 C C   . GLU A 1 167 ? -15.719 -7.435  0.587   1.00 16.66 ? 167 GLU A C   1 
ATOM   1228 O O   . GLU A 1 167 ? -15.377 -6.532  1.350   1.00 16.58 ? 167 GLU A O   1 
ATOM   1229 C CB  . GLU A 1 167 ? -17.591 -6.995  -1.026  1.00 18.16 ? 167 GLU A CB  1 
ATOM   1230 C CG  . GLU A 1 167 ? -18.040 -6.548  -2.413  1.00 22.53 ? 167 GLU A CG  1 
ATOM   1231 C CD  . GLU A 1 167 ? -19.545 -6.658  -2.631  1.00 27.37 ? 167 GLU A CD  1 
ATOM   1232 O OE1 . GLU A 1 167 ? -20.157 -7.667  -2.203  1.00 29.77 ? 167 GLU A OE1 1 
ATOM   1233 O OE2 . GLU A 1 167 ? -20.122 -5.732  -3.253  1.00 30.80 ? 167 GLU A OE2 1 
ATOM   1234 N N   . ARG A 1 168 ? -15.782 -8.703  0.979   1.00 15.54 ? 168 ARG A N   1 
ATOM   1235 C CA  . ARG A 1 168 ? -15.471 -9.053  2.358   1.00 14.66 ? 168 ARG A CA  1 
ATOM   1236 C C   . ARG A 1 168 ? -13.982 -8.838  2.652   1.00 14.32 ? 168 ARG A C   1 
ATOM   1237 O O   . ARG A 1 168 ? -13.615 -8.359  3.726   1.00 14.72 ? 168 ARG A O   1 
ATOM   1238 C CB  . ARG A 1 168 ? -15.877 -10.503 2.663   1.00 14.60 ? 168 ARG A CB  1 
ATOM   1239 C CG  . ARG A 1 168 ? -15.851 -10.886 4.151   1.00 13.57 ? 168 ARG A CG  1 
ATOM   1240 C CD  . ARG A 1 168 ? -16.288 -12.359 4.432   1.00 13.47 ? 168 ARG A CD  1 
ATOM   1241 N NE  . ARG A 1 168 ? -17.550 -12.645 3.756   1.00 13.18 ? 168 ARG A NE  1 
ATOM   1242 C CZ  . ARG A 1 168 ? -17.698 -13.474 2.726   1.00 14.82 ? 168 ARG A CZ  1 
ATOM   1243 N NH1 . ARG A 1 168 ? -16.674 -14.181 2.260   1.00 13.45 ? 168 ARG A NH1 1 
ATOM   1244 N NH2 . ARG A 1 168 ? -18.893 -13.606 2.167   1.00 14.89 ? 168 ARG A NH2 1 
ATOM   1245 N N   . VAL A 1 169 ? -13.127 -9.196  1.702   1.00 13.52 ? 169 VAL A N   1 
ATOM   1246 C CA  . VAL A 1 169 ? -11.696 -9.013  1.889   1.00 13.40 ? 169 VAL A CA  1 
ATOM   1247 C C   . VAL A 1 169 ? -11.389 -7.512  1.906   1.00 13.54 ? 169 VAL A C   1 
ATOM   1248 O O   . VAL A 1 169 ? -10.565 -7.046  2.682   1.00 13.32 ? 169 VAL A O   1 
ATOM   1249 C CB  . VAL A 1 169 ? -10.875 -9.747  0.801   1.00 13.36 ? 169 VAL A CB  1 
ATOM   1250 C CG1 . VAL A 1 169 ? -9.398  -9.375  0.879   1.00 13.04 ? 169 VAL A CG1 1 
ATOM   1251 C CG2 . VAL A 1 169 ? -11.040 -11.266 0.954   1.00 12.90 ? 169 VAL A CG2 1 
ATOM   1252 N N   . LYS A 1 170 ? -12.096 -6.752  1.086   1.00 14.21 ? 170 LYS A N   1 
ATOM   1253 C CA  . LYS A 1 170 ? -11.865 -5.307  1.050   1.00 15.03 ? 170 LYS A CA  1 
ATOM   1254 C C   . LYS A 1 170 ? -12.150 -4.652  2.407   1.00 15.16 ? 170 LYS A C   1 
ATOM   1255 O O   . LYS A 1 170 ? -11.419 -3.740  2.832   1.00 14.98 ? 170 LYS A O   1 
ATOM   1256 C CB  . LYS A 1 170 ? -12.664 -4.650  -0.084  1.00 15.09 ? 170 LYS A CB  1 
ATOM   1257 C CG  . LYS A 1 170 ? -12.330 -3.148  -0.309  1.00 17.49 ? 170 LYS A CG  1 
ATOM   1258 C CD  . LYS A 1 170 ? -10.890 -2.914  -0.811  1.00 20.99 ? 170 LYS A CD  1 
ATOM   1259 C CE  . LYS A 1 170 ? -10.600 -3.686  -2.111  1.00 23.01 ? 170 LYS A CE  1 
ATOM   1260 N NZ  . LYS A 1 170 ? -9.196  -3.476  -2.612  1.00 22.15 ? 170 LYS A NZ  1 
ATOM   1261 N N   . LEU A 1 171 ? -13.193 -5.112  3.093   1.00 15.06 ? 171 LEU A N   1 
ATOM   1262 C CA  . LEU A 1 171 ? -13.502 -4.588  4.422   1.00 15.42 ? 171 LEU A CA  1 
ATOM   1263 C C   . LEU A 1 171 ? -12.345 -4.860  5.377   1.00 15.47 ? 171 LEU A C   1 
ATOM   1264 O O   . LEU A 1 171 ? -12.037 -4.037  6.245   1.00 15.90 ? 171 LEU A O   1 
ATOM   1265 C CB  . LEU A 1 171 ? -14.799 -5.190  4.973   1.00 16.29 ? 171 LEU A CB  1 
ATOM   1266 C CG  . LEU A 1 171 ? -16.113 -4.722  4.338   1.00 17.23 ? 171 LEU A CG  1 
ATOM   1267 C CD1 . LEU A 1 171 ? -17.299 -5.389  5.017   1.00 19.58 ? 171 LEU A CD1 1 
ATOM   1268 C CD2 . LEU A 1 171 ? -16.252 -3.191  4.394   1.00 18.52 ? 171 LEU A CD2 1 
ATOM   1269 N N   . ALA A 1 172 ? -11.714 -6.024  5.236   1.00 14.61 ? 172 ALA A N   1 
ATOM   1270 C CA  . ALA A 1 172 ? -10.550 -6.330  6.061   1.00 14.54 ? 172 ALA A CA  1 
ATOM   1271 C C   . ALA A 1 172 ? -9.378  -5.416  5.685   1.00 14.40 ? 172 ALA A C   1 
ATOM   1272 O O   . ALA A 1 172 ? -8.643  -4.950  6.558   1.00 14.17 ? 172 ALA A O   1 
ATOM   1273 C CB  . ALA A 1 172 ? -10.153 -7.800  5.929   1.00 14.84 ? 172 ALA A CB  1 
ATOM   1274 N N   . GLU A 1 173 ? -9.193  -5.187  4.387   1.00 14.60 ? 173 GLU A N   1 
ATOM   1275 C CA  . GLU A 1 173 ? -8.117  -4.308  3.917   1.00 15.17 ? 173 GLU A CA  1 
ATOM   1276 C C   . GLU A 1 173 ? -8.297  -2.904  4.480   1.00 15.52 ? 173 GLU A C   1 
ATOM   1277 O O   . GLU A 1 173 ? -7.325  -2.274  4.905   1.00 15.65 ? 173 GLU A O   1 
ATOM   1278 C CB  . GLU A 1 173 ? -8.073  -4.248  2.389   1.00 15.34 ? 173 GLU A CB  1 
ATOM   1279 C CG  . GLU A 1 173 ? -7.611  -5.534  1.727   1.00 15.94 ? 173 GLU A CG  1 
ATOM   1280 C CD  . GLU A 1 173 ? -7.328  -5.364  0.249   1.00 17.99 ? 173 GLU A CD  1 
ATOM   1281 O OE1 . GLU A 1 173 ? -7.679  -4.298  -0.308  1.00 18.17 ? 173 GLU A OE1 1 
ATOM   1282 O OE2 . GLU A 1 173 ? -6.759  -6.304  -0.351  1.00 19.15 ? 173 GLU A OE2 1 
ATOM   1283 N N   . HIS A 1 174 ? -9.535  -2.422  4.478   1.00 15.89 ? 174 HIS A N   1 
ATOM   1284 C CA  . HIS A 1 174 ? -9.844  -1.096  5.011   1.00 16.94 ? 174 HIS A CA  1 
ATOM   1285 C C   . HIS A 1 174 ? -9.382  -0.977  6.464   1.00 17.16 ? 174 HIS A C   1 
ATOM   1286 O O   . HIS A 1 174 ? -9.076  0.114   6.935   1.00 17.25 ? 174 HIS A O   1 
ATOM   1287 C CB  . HIS A 1 174 ? -11.344 -0.789  4.893   1.00 17.32 ? 174 HIS A CB  1 
ATOM   1288 C CG  . HIS A 1 174 ? -11.792 -0.454  3.502   1.00 19.61 ? 174 HIS A CG  1 
ATOM   1289 N ND1 . HIS A 1 174 ? -10.919 -0.347  2.438   1.00 21.88 ? 174 HIS A ND1 1 
ATOM   1290 C CD2 . HIS A 1 174 ? -13.024 -0.188  3.003   1.00 22.26 ? 174 HIS A CD2 1 
ATOM   1291 C CE1 . HIS A 1 174 ? -11.596 -0.039  1.344   1.00 22.38 ? 174 HIS A CE1 1 
ATOM   1292 N NE2 . HIS A 1 174 ? -12.874 0.064   1.659   1.00 22.82 ? 174 HIS A NE2 1 
ATOM   1293 N N   . LYS A 1 175 ? -9.340  -2.108  7.169   1.00 16.93 ? 175 LYS A N   1 
ATOM   1294 C CA  . LYS A 1 175 ? -8.878  -2.128  8.548   1.00 17.03 ? 175 LYS A CA  1 
ATOM   1295 C C   . LYS A 1 175 ? -7.354  -2.248  8.673   1.00 16.63 ? 175 LYS A C   1 
ATOM   1296 O O   . LYS A 1 175 ? -6.717  -1.449  9.372   1.00 16.36 ? 175 LYS A O   1 
ATOM   1297 C CB  . LYS A 1 175 ? -9.549  -3.278  9.312   1.00 17.93 ? 175 LYS A CB  1 
ATOM   1298 C CG  . LYS A 1 175 ? -9.051  -3.455  10.733  1.00 20.77 ? 175 LYS A CG  1 
ATOM   1299 C CD  . LYS A 1 175 ? -9.533  -4.775  11.337  1.00 26.21 ? 175 LYS A CD  1 
ATOM   1300 C CE  . LYS A 1 175 ? -11.012 -4.723  11.720  1.00 28.71 ? 175 LYS A CE  1 
ATOM   1301 N NZ  . LYS A 1 175 ? -11.473 -5.997  12.371  1.00 32.19 ? 175 LYS A NZ  1 
ATOM   1302 N N   . ILE A 1 176 ? -6.756  -3.220  7.990   1.00 15.56 ? 176 ILE A N   1 
ATOM   1303 C CA  . ILE A 1 176 ? -5.329  -3.452  8.193   1.00 15.31 ? 176 ILE A CA  1 
ATOM   1304 C C   . ILE A 1 176 ? -4.363  -2.533  7.475   1.00 14.84 ? 176 ILE A C   1 
ATOM   1305 O O   . ILE A 1 176 ? -3.249  -2.355  7.945   1.00 13.83 ? 176 ILE A O   1 
ATOM   1306 C CB  . ILE A 1 176 ? -4.917  -4.949  8.024   1.00 15.55 ? 176 ILE A CB  1 
ATOM   1307 C CG1 . ILE A 1 176 ? -4.913  -5.379  6.557   1.00 16.26 ? 176 ILE A CG1 1 
ATOM   1308 C CG2 . ILE A 1 176 ? -5.805  -5.865  8.888   1.00 16.57 ? 176 ILE A CG2 1 
ATOM   1309 C CD1 . ILE A 1 176 ? -4.183  -6.715  6.335   1.00 16.98 ? 176 ILE A CD1 1 
ATOM   1310 N N   . PHE A 1 177 ? -4.757  -1.945  6.346   1.00 14.64 ? 177 PHE A N   1 
ATOM   1311 C CA  . PHE A 1 177 ? -3.820  -1.044  5.658   1.00 14.39 ? 177 PHE A CA  1 
ATOM   1312 C C   . PHE A 1 177 ? -3.533  0.169   6.556   1.00 14.50 ? 177 PHE A C   1 
ATOM   1313 O O   . PHE A 1 177 ? -2.365  0.462   6.836   1.00 15.03 ? 177 PHE A O   1 
ATOM   1314 C CB  . PHE A 1 177 ? -4.313  -0.637  4.256   1.00 14.17 ? 177 PHE A CB  1 
ATOM   1315 C CG  . PHE A 1 177 ? -3.199  -0.398  3.250   1.00 13.65 ? 177 PHE A CG  1 
ATOM   1316 C CD1 . PHE A 1 177 ? -1.899  -0.102  3.668   1.00 14.37 ? 177 PHE A CD1 1 
ATOM   1317 C CD2 . PHE A 1 177 ? -3.461  -0.449  1.885   1.00 14.87 ? 177 PHE A CD2 1 
ATOM   1318 C CE1 . PHE A 1 177 ? -0.887  0.129   2.733   1.00 14.75 ? 177 PHE A CE1 1 
ATOM   1319 C CE2 . PHE A 1 177 ? -2.454  -0.232  0.948   1.00 14.78 ? 177 PHE A CE2 1 
ATOM   1320 C CZ  . PHE A 1 177 ? -1.163  0.068   1.376   1.00 13.83 ? 177 PHE A CZ  1 
ATOM   1321 N N   . PRO A 1 178 ? -4.561  0.874   7.033   1.00 14.47 ? 178 PRO A N   1 
ATOM   1322 C CA  . PRO A 1 178 ? -4.309  2.001   7.945   1.00 14.24 ? 178 PRO A CA  1 
ATOM   1323 C C   . PRO A 1 178 ? -3.630  1.555   9.248   1.00 14.17 ? 178 PRO A C   1 
ATOM   1324 O O   . PRO A 1 178 ? -2.753  2.259   9.753   1.00 14.34 ? 178 PRO A O   1 
ATOM   1325 C CB  . PRO A 1 178 ? -5.705  2.544   8.245   1.00 14.80 ? 178 PRO A CB  1 
ATOM   1326 C CG  . PRO A 1 178 ? -6.578  2.032   7.139   1.00 15.36 ? 178 PRO A CG  1 
ATOM   1327 C CD  . PRO A 1 178 ? -5.992  0.705   6.733   1.00 14.55 ? 178 PRO A CD  1 
ATOM   1328 N N   . ALA A 1 179 ? -4.027  0.405   9.794   1.00 13.20 ? 179 ALA A N   1 
ATOM   1329 C CA  . ALA A 1 179 ? -3.390  -0.076  11.022  1.00 13.07 ? 179 ALA A CA  1 
ATOM   1330 C C   . ALA A 1 179 ? -1.889  -0.296  10.805  1.00 12.35 ? 179 ALA A C   1 
ATOM   1331 O O   . ALA A 1 179 ? -1.077  0.044   11.664  1.00 13.27 ? 179 ALA A O   1 
ATOM   1332 C CB  . ALA A 1 179 ? -4.065  -1.367  11.525  1.00 12.86 ? 179 ALA A CB  1 
ATOM   1333 N N   . ALA A 1 180 ? -1.519  -0.857  9.654   1.00 12.32 ? 180 ALA A N   1 
ATOM   1334 C CA  . ALA A 1 180 ? -0.107  -1.108  9.365   1.00 12.35 ? 180 ALA A CA  1 
ATOM   1335 C C   . ALA A 1 180 ? 0.624   0.215   9.152   1.00 12.21 ? 180 ALA A C   1 
ATOM   1336 O O   . ALA A 1 180 ? 1.769   0.402   9.592   1.00 11.82 ? 180 ALA A O   1 
ATOM   1337 C CB  . ALA A 1 180 ? 0.043   -1.983  8.141   1.00 12.38 ? 180 ALA A CB  1 
ATOM   1338 N N   . LEU A 1 181 ? -0.032  1.126   8.450   1.00 12.19 ? 181 LEU A N   1 
ATOM   1339 C CA  . LEU A 1 181 ? 0.575   2.438   8.238   1.00 11.99 ? 181 LEU A CA  1 
ATOM   1340 C C   . LEU A 1 181 ? 0.866   3.094   9.581   1.00 12.29 ? 181 LEU A C   1 
ATOM   1341 O O   . LEU A 1 181 ? 1.942   3.650   9.789   1.00 12.11 ? 181 LEU A O   1 
ATOM   1342 C CB  . LEU A 1 181 ? -0.311  3.335   7.368   1.00 12.10 ? 181 LEU A CB  1 
ATOM   1343 C CG  . LEU A 1 181 ? 0.235   4.768   7.166   1.00 12.23 ? 181 LEU A CG  1 
ATOM   1344 C CD1 . LEU A 1 181 ? 1.620   4.735   6.520   1.00 12.74 ? 181 LEU A CD1 1 
ATOM   1345 C CD2 . LEU A 1 181 ? -0.722  5.574   6.294   1.00 13.46 ? 181 LEU A CD2 1 
ATOM   1346 N N   . GLN A 1 182 ? -0.091  3.046   10.496  1.00 12.38 ? 182 GLN A N   1 
ATOM   1347 C CA  . GLN A 1 182 ? 0.112   3.653   11.801  1.00 13.33 ? 182 GLN A CA  1 
ATOM   1348 C C   . GLN A 1 182 ? 1.274   2.990   12.550  1.00 13.36 ? 182 GLN A C   1 
ATOM   1349 O O   . GLN A 1 182 ? 2.080   3.667   13.183  1.00 13.17 ? 182 GLN A O   1 
ATOM   1350 C CB  . GLN A 1 182 ? -1.183  3.614   12.608  1.00 13.76 ? 182 GLN A CB  1 
ATOM   1351 C CG  . GLN A 1 182 ? -1.039  4.056   14.049  1.00 16.49 ? 182 GLN A CG  1 
ATOM   1352 C CD  . GLN A 1 182 ? -0.678  5.528   14.201  1.00 19.40 ? 182 GLN A CD  1 
ATOM   1353 O OE1 . GLN A 1 182 ? -0.928  6.347   13.294  1.00 20.44 ? 182 GLN A OE1 1 
ATOM   1354 N NE2 . GLN A 1 182 ? -0.104  5.876   15.358  1.00 20.19 ? 182 GLN A NE2 1 
ATOM   1355 N N   . LEU A 1 183 ? 1.373   1.665   12.466  1.00 12.95 ? 183 LEU A N   1 
ATOM   1356 C CA  . LEU A 1 183 ? 2.485   0.979   13.114  1.00 12.64 ? 183 LEU A CA  1 
ATOM   1357 C C   . LEU A 1 183 ? 3.834   1.462   12.585  1.00 12.70 ? 183 LEU A C   1 
ATOM   1358 O O   . LEU A 1 183 ? 4.753   1.718   13.356  1.00 12.79 ? 183 LEU A O   1 
ATOM   1359 C CB  . LEU A 1 183 ? 2.367   -0.536  12.944  1.00 12.48 ? 183 LEU A CB  1 
ATOM   1360 C CG  . LEU A 1 183 ? 1.310   -1.216  13.809  1.00 12.35 ? 183 LEU A CG  1 
ATOM   1361 C CD1 . LEU A 1 183 ? 1.148   -2.657  13.341  1.00 12.61 ? 183 LEU A CD1 1 
ATOM   1362 C CD2 . LEU A 1 183 ? 1.690   -1.160  15.285  1.00 12.18 ? 183 LEU A CD2 1 
ATOM   1363 N N   . VAL A 1 184 ? 3.951   1.585   11.270  1.00 12.66 ? 184 VAL A N   1 
ATOM   1364 C CA  . VAL A 1 184 ? 5.199   2.023   10.662  1.00 12.65 ? 184 VAL A CA  1 
ATOM   1365 C C   . VAL A 1 184 ? 5.438   3.524   10.888  1.00 12.55 ? 184 VAL A C   1 
ATOM   1366 O O   . VAL A 1 184 ? 6.545   3.937   11.256  1.00 12.68 ? 184 VAL A O   1 
ATOM   1367 C CB  . VAL A 1 184 ? 5.225   1.684   9.148   1.00 12.79 ? 184 VAL A CB  1 
ATOM   1368 C CG1 . VAL A 1 184 ? 6.473   2.229   8.493   1.00 13.47 ? 184 VAL A CG1 1 
ATOM   1369 C CG2 . VAL A 1 184 ? 5.129   0.166   8.928   1.00 12.38 ? 184 VAL A CG2 1 
ATOM   1370 N N   . ALA A 1 185 ? 4.401   4.340   10.722  1.00 12.63 ? 185 ALA A N   1 
ATOM   1371 C CA  . ALA A 1 185 ? 4.550   5.786   10.909  1.00 12.50 ? 185 ALA A CA  1 
ATOM   1372 C C   . ALA A 1 185 ? 4.966   6.141   12.343  1.00 13.03 ? 185 ALA A C   1 
ATOM   1373 O O   . ALA A 1 185 ? 5.755   7.065   12.561  1.00 12.66 ? 185 ALA A O   1 
ATOM   1374 C CB  . ALA A 1 185 ? 3.261   6.501   10.538  1.00 12.73 ? 185 ALA A CB  1 
ATOM   1375 N N   . SER A 1 186 ? 4.432   5.409   13.317  1.00 12.92 ? 186 SER A N   1 
ATOM   1376 C CA  . SER A 1 186 ? 4.728   5.667   14.727  1.00 13.46 ? 186 SER A CA  1 
ATOM   1377 C C   . SER A 1 186 ? 6.115   5.179   15.122  1.00 13.81 ? 186 SER A C   1 
ATOM   1378 O O   . SER A 1 186 ? 6.660   5.577   16.158  1.00 13.87 ? 186 SER A O   1 
ATOM   1379 C CB  . SER A 1 186 ? 3.693   4.971   15.618  1.00 13.78 ? 186 SER A CB  1 
ATOM   1380 O OG  . SER A 1 186 ? 3.845   3.565   15.539  1.00 14.47 ? 186 SER A OG  1 
ATOM   1381 N N   . GLY A 1 187 ? 6.684   4.300   14.307  1.00 13.90 ? 187 GLY A N   1 
ATOM   1382 C CA  . GLY A 1 187 ? 7.973   3.719   14.624  1.00 14.38 ? 187 GLY A CA  1 
ATOM   1383 C C   . GLY A 1 187 ? 7.834   2.453   15.470  1.00 14.33 ? 187 GLY A C   1 
ATOM   1384 O O   . GLY A 1 187 ? 8.834   1.878   15.885  1.00 14.49 ? 187 GLY A O   1 
ATOM   1385 N N   . THR A 1 188 ? 6.597   2.036   15.730  1.00 14.59 ? 188 THR A N   1 
ATOM   1386 C CA  . THR A 1 188 ? 6.317   0.839   16.531  1.00 15.38 ? 188 THR A CA  1 
ATOM   1387 C C   . THR A 1 188 ? 6.793   -0.400  15.797  1.00 15.41 ? 188 THR A C   1 
ATOM   1388 O O   . THR A 1 188 ? 7.237   -1.380  16.406  1.00 15.64 ? 188 THR A O   1 
ATOM   1389 C CB  . THR A 1 188 ? 4.809   0.721   16.814  1.00 15.37 ? 188 THR A CB  1 
ATOM   1390 O OG1 . THR A 1 188 ? 4.406   1.784   17.683  1.00 17.68 ? 188 THR A OG1 1 
ATOM   1391 C CG2 . THR A 1 188 ? 4.502   -0.556  17.632  1.00 15.50 ? 188 THR A CG2 1 
ATOM   1392 N N   . VAL A 1 189 ? 6.669   -0.364  14.480  1.00 15.57 ? 189 VAL A N   1 
ATOM   1393 C CA  . VAL A 1 189 ? 7.153   -1.445  13.647  1.00 16.07 ? 189 VAL A CA  1 
ATOM   1394 C C   . VAL A 1 189 ? 8.182   -0.865  12.698  1.00 16.84 ? 189 VAL A C   1 
ATOM   1395 O O   . VAL A 1 189 ? 7.911   0.111   11.996  1.00 16.77 ? 189 VAL A O   1 
ATOM   1396 C CB  . VAL A 1 189 ? 6.024   -2.092  12.845  1.00 16.19 ? 189 VAL A CB  1 
ATOM   1397 C CG1 . VAL A 1 189 ? 6.597   -2.892  11.671  1.00 16.62 ? 189 VAL A CG1 1 
ATOM   1398 C CG2 . VAL A 1 189 ? 5.177   -2.971  13.763  1.00 15.53 ? 189 VAL A CG2 1 
ATOM   1399 N N   . GLN A 1 190 ? 9.373   -1.445  12.707  1.00 17.67 ? 190 GLN A N   1 
ATOM   1400 C CA  . GLN A 1 190 ? 10.458  -0.967  11.863  1.00 18.73 ? 190 GLN A CA  1 
ATOM   1401 C C   . GLN A 1 190 ? 11.111  -2.189  11.223  1.00 19.28 ? 190 GLN A C   1 
ATOM   1402 O O   . GLN A 1 190 ? 10.917  -3.317  11.682  1.00 19.86 ? 190 GLN A O   1 
ATOM   1403 C CB  . GLN A 1 190 ? 11.457  -0.137  12.697  1.00 18.94 ? 190 GLN A CB  1 
ATOM   1404 C CG  . GLN A 1 190 ? 10.800  1.077   13.406  1.00 19.50 ? 190 GLN A CG  1 
ATOM   1405 C CD  . GLN A 1 190 ? 11.777  1.979   14.167  1.00 21.27 ? 190 GLN A CD  1 
ATOM   1406 O OE1 . GLN A 1 190 ? 12.891  2.226   13.711  1.00 22.35 ? 190 GLN A OE1 1 
ATOM   1407 N NE2 . GLN A 1 190 ? 11.343  2.492   15.324  1.00 20.09 ? 190 GLN A NE2 1 
ATOM   1408 N N   . LEU A 1 191 ? 11.834  -1.985  10.130  1.00 19.56 ? 191 LEU A N   1 
ATOM   1409 C CA  . LEU A 1 191 ? 12.550  -3.086  9.500   1.00 19.49 ? 191 LEU A CA  1 
ATOM   1410 C C   . LEU A 1 191 ? 13.954  -3.120  10.108  1.00 19.51 ? 191 LEU A C   1 
ATOM   1411 O O   . LEU A 1 191 ? 14.681  -2.124  10.077  1.00 18.92 ? 191 LEU A O   1 
ATOM   1412 C CB  . LEU A 1 191 ? 12.580  -2.916  7.975   1.00 19.48 ? 191 LEU A CB  1 
ATOM   1413 C CG  . LEU A 1 191 ? 13.091  -4.095  7.144   1.00 20.52 ? 191 LEU A CG  1 
ATOM   1414 C CD1 . LEU A 1 191 ? 12.282  -5.372  7.434   1.00 21.84 ? 191 LEU A CD1 1 
ATOM   1415 C CD2 . LEU A 1 191 ? 13.103  -3.793  5.645   1.00 19.88 ? 191 LEU A CD2 1 
ATOM   1416 N N   . GLY A 1 192 ? 14.325  -4.256  10.695  1.00 19.20 ? 192 GLY A N   1 
ATOM   1417 C CA  . GLY A 1 192 ? 15.622  -4.378  11.339  1.00 19.68 ? 192 GLY A CA  1 
ATOM   1418 C C   . GLY A 1 192 ? 16.771  -4.415  10.350  1.00 19.93 ? 192 GLY A C   1 
ATOM   1419 O O   . GLY A 1 192 ? 16.556  -4.635  9.157   1.00 19.70 ? 192 GLY A O   1 
ATOM   1420 N N   . GLU A 1 193 ? 17.987  -4.196  10.841  1.00 20.54 ? 193 GLU A N   1 
ATOM   1421 C CA  . GLU A 1 193 ? 19.162  -4.246  9.974   1.00 21.13 ? 193 GLU A CA  1 
ATOM   1422 C C   . GLU A 1 193 ? 19.340  -5.655  9.409   1.00 21.09 ? 193 GLU A C   1 
ATOM   1423 O O   . GLU A 1 193 ? 19.965  -5.835  8.368   1.00 21.37 ? 193 GLU A O   1 
ATOM   1424 C CB  . GLU A 1 193 ? 20.428  -3.760  10.688  1.00 21.21 ? 193 GLU A CB  1 
ATOM   1425 C CG  . GLU A 1 193 ? 21.025  -4.725  11.689  1.00 22.22 ? 193 GLU A CG  1 
ATOM   1426 C CD  . GLU A 1 193 ? 22.387  -4.275  12.176  1.00 23.95 ? 193 GLU A CD  1 
ATOM   1427 O OE1 . GLU A 1 193 ? 22.523  -3.089  12.541  1.00 24.27 ? 193 GLU A OE1 1 
ATOM   1428 O OE2 . GLU A 1 193 ? 23.323  -5.104  12.190  1.00 25.03 ? 193 GLU A OE2 1 
ATOM   1429 N N   . ASN A 1 194 ? 18.754  -6.644  10.076  1.00 20.92 ? 194 ASN A N   1 
ATOM   1430 C CA  . ASN A 1 194 ? 18.816  -8.021  9.587   1.00 21.16 ? 194 ASN A CA  1 
ATOM   1431 C C   . ASN A 1 194 ? 17.724  -8.328  8.555   1.00 21.20 ? 194 ASN A C   1 
ATOM   1432 O O   . ASN A 1 194 ? 17.565  -9.467  8.118   1.00 21.20 ? 194 ASN A O   1 
ATOM   1433 C CB  . ASN A 1 194 ? 18.748  -9.015  10.746  1.00 21.18 ? 194 ASN A CB  1 
ATOM   1434 C CG  . ASN A 1 194 ? 17.374  -9.088  11.377  1.00 21.46 ? 194 ASN A CG  1 
ATOM   1435 O OD1 . ASN A 1 194 ? 16.513  -8.236  11.135  1.00 20.78 ? 194 ASN A OD1 1 
ATOM   1436 N ND2 . ASN A 1 194 ? 17.156  -10.116 12.190  1.00 22.01 ? 194 ASN A ND2 1 
ATOM   1437 N N   . GLY A 1 195 ? 16.960  -7.314  8.181   1.00 21.07 ? 195 GLY A N   1 
ATOM   1438 C CA  . GLY A 1 195 ? 15.935  -7.494  7.171   1.00 21.11 ? 195 GLY A CA  1 
ATOM   1439 C C   . GLY A 1 195 ? 14.649  -8.141  7.649   1.00 21.15 ? 195 GLY A C   1 
ATOM   1440 O O   . GLY A 1 195 ? 13.787  -8.462  6.836   1.00 21.43 ? 195 GLY A O   1 
ATOM   1441 N N   . LYS A 1 196 ? 14.512  -8.338  8.958   1.00 20.75 ? 196 LYS A N   1 
ATOM   1442 C CA  . LYS A 1 196 ? 13.265  -8.866  9.502   1.00 20.71 ? 196 LYS A CA  1 
ATOM   1443 C C   . LYS A 1 196 ? 12.517  -7.780  10.275  1.00 20.03 ? 196 LYS A C   1 
ATOM   1444 O O   . LYS A 1 196 ? 13.107  -6.793  10.729  1.00 19.20 ? 196 LYS A O   1 
ATOM   1445 C CB  . LYS A 1 196 ? 13.507  -10.078 10.415  1.00 21.05 ? 196 LYS A CB  1 
ATOM   1446 C CG  . LYS A 1 196 ? 14.433  -11.143 9.841   1.00 23.50 ? 196 LYS A CG  1 
ATOM   1447 C CD  . LYS A 1 196 ? 13.966  -11.653 8.484   1.00 26.43 ? 196 LYS A CD  1 
ATOM   1448 C CE  . LYS A 1 196 ? 14.839  -12.813 8.003   1.00 28.61 ? 196 LYS A CE  1 
ATOM   1449 N NZ  . LYS A 1 196 ? 14.472  -13.257 6.624   1.00 30.51 ? 196 LYS A NZ  1 
ATOM   1450 N N   . ILE A 1 197 ? 11.211  -7.975  10.413  1.00 19.59 ? 197 ILE A N   1 
ATOM   1451 C CA  . ILE A 1 197 ? 10.364  -7.064  11.167  1.00 19.88 ? 197 ILE A CA  1 
ATOM   1452 C C   . ILE A 1 197 ? 10.831  -6.943  12.607  1.00 19.97 ? 197 ILE A C   1 
ATOM   1453 O O   . ILE A 1 197 ? 11.139  -7.947  13.246  1.00 19.10 ? 197 ILE A O   1 
ATOM   1454 C CB  . ILE A 1 197 ? 8.926   -7.604  11.182  1.00 19.89 ? 197 ILE A CB  1 
ATOM   1455 C CG1 . ILE A 1 197 ? 8.326   -7.567  9.780   1.00 21.34 ? 197 ILE A CG1 1 
ATOM   1456 C CG2 . ILE A 1 197 ? 8.071   -6.812  12.153  1.00 20.93 ? 197 ILE A CG2 1 
ATOM   1457 C CD1 . ILE A 1 197 ? 8.331   -6.192  9.168   1.00 22.49 ? 197 ILE A CD1 1 
ATOM   1458 N N   . CYS A 1 198 ? 10.868  -5.718  13.118  1.00 20.37 ? 198 CYS A N   1 
ATOM   1459 C CA  . CYS A 1 198 ? 11.221  -5.482  14.508  1.00 21.46 ? 198 CYS A CA  1 
ATOM   1460 C C   . CYS A 1 198 ? 10.104  -4.695  15.204  1.00 20.52 ? 198 CYS A C   1 
ATOM   1461 O O   . CYS A 1 198 ? 9.704   -3.640  14.727  1.00 20.37 ? 198 CYS A O   1 
ATOM   1462 C CB  . CYS A 1 198 ? 12.559  -4.730  14.594  1.00 22.25 ? 198 CYS A CB  1 
ATOM   1463 S SG  . CYS A 1 198 ? 13.080  -4.398  16.282  1.00 29.91 ? 198 CYS A SG  1 
ATOM   1464 N N   . TRP A 1 199 ? 9.575   -5.216  16.311  1.00 19.69 ? 199 TRP A N   1 
ATOM   1465 C CA  . TRP A 1 199 ? 8.555   -4.489  17.072  1.00 19.38 ? 199 TRP A CA  1 
ATOM   1466 C C   . TRP A 1 199 ? 9.290   -3.736  18.179  1.00 19.14 ? 199 TRP A C   1 
ATOM   1467 O O   . TRP A 1 199 ? 9.865   -4.342  19.085  1.00 19.70 ? 199 TRP A O   1 
ATOM   1468 C CB  . TRP A 1 199 ? 7.473   -5.421  17.646  1.00 19.66 ? 199 TRP A CB  1 
ATOM   1469 C CG  . TRP A 1 199 ? 6.407   -5.842  16.642  1.00 19.69 ? 199 TRP A CG  1 
ATOM   1470 C CD1 . TRP A 1 199 ? 6.544   -6.756  15.636  1.00 20.44 ? 199 TRP A CD1 1 
ATOM   1471 C CD2 . TRP A 1 199 ? 5.049   -5.374  16.569  1.00 20.47 ? 199 TRP A CD2 1 
ATOM   1472 N NE1 . TRP A 1 199 ? 5.367   -6.872  14.936  1.00 20.61 ? 199 TRP A NE1 1 
ATOM   1473 C CE2 . TRP A 1 199 ? 4.431   -6.041  15.491  1.00 19.79 ? 199 TRP A CE2 1 
ATOM   1474 C CE3 . TRP A 1 199 ? 4.292   -4.457  17.308  1.00 20.97 ? 199 TRP A CE3 1 
ATOM   1475 C CZ2 . TRP A 1 199 ? 3.101   -5.818  15.132  1.00 20.64 ? 199 TRP A CZ2 1 
ATOM   1476 C CZ3 . TRP A 1 199 ? 2.970   -4.241  16.953  1.00 20.74 ? 199 TRP A CZ3 1 
ATOM   1477 C CH2 . TRP A 1 199 ? 2.388   -4.918  15.876  1.00 21.40 ? 199 TRP A CH2 1 
ATOM   1478 N N   . VAL A 1 200 ? 9.252   -2.410  18.089  1.00 18.21 ? 200 VAL A N   1 
ATOM   1479 C CA  . VAL A 1 200 ? 10.035  -1.522  18.935  1.00 18.28 ? 200 VAL A CA  1 
ATOM   1480 C C   . VAL A 1 200 ? 9.273   -0.907  20.100  1.00 18.65 ? 200 VAL A C   1 
ATOM   1481 O O   . VAL A 1 200 ? 8.135   -0.469  19.951  1.00 17.64 ? 200 VAL A O   1 
ATOM   1482 C CB  . VAL A 1 200 ? 10.558  -0.337  18.072  1.00 18.22 ? 200 VAL A CB  1 
ATOM   1483 C CG1 . VAL A 1 200 ? 11.407  0.624   18.899  1.00 17.68 ? 200 VAL A CG1 1 
ATOM   1484 C CG2 . VAL A 1 200 ? 11.325  -0.857  16.856  1.00 18.32 ? 200 VAL A CG2 1 
ATOM   1485 N N   . LYS A 1 201 ? 9.918   -0.864  21.261  1.00 20.08 ? 201 LYS A N   1 
ATOM   1486 C CA  . LYS A 1 201 ? 9.362   -0.164  22.407  1.00 21.51 ? 201 LYS A CA  1 
ATOM   1487 C C   . LYS A 1 201 ? 9.938   1.248   22.361  1.00 21.21 ? 201 LYS A C   1 
ATOM   1488 O O   . LYS A 1 201 ? 11.144  1.441   22.532  1.00 21.09 ? 201 LYS A O   1 
ATOM   1489 C CB  . LYS A 1 201 ? 9.758   -0.861  23.712  1.00 22.29 ? 201 LYS A CB  1 
ATOM   1490 C CG  . LYS A 1 201 ? 9.091   -0.273  24.944  1.00 25.08 ? 201 LYS A CG  1 
ATOM   1491 C CD  . LYS A 1 201 ? 9.512   -1.066  26.184  1.00 29.13 ? 201 LYS A CD  1 
ATOM   1492 C CE  . LYS A 1 201 ? 8.899   -0.501  27.448  1.00 32.04 ? 201 LYS A CE  1 
ATOM   1493 N NZ  . LYS A 1 201 ? 7.409   -0.538  27.366  1.00 34.66 ? 201 LYS A NZ  1 
ATOM   1494 N N   . GLU A 1 202 ? 9.084   2.238   22.138  1.00 21.66 ? 202 GLU A N   1 
ATOM   1495 C CA  . GLU A 1 202 ? 9.544   3.610   21.963  1.00 22.12 ? 202 GLU A CA  1 
ATOM   1496 C C   . GLU A 1 202 ? 9.883   4.325   23.263  1.00 22.37 ? 202 GLU A C   1 
ATOM   1497 O O   . GLU A 1 202 ? 9.172   4.202   24.264  1.00 21.89 ? 202 GLU A O   1 
ATOM   1498 C CB  . GLU A 1 202 ? 8.518   4.418   21.179  1.00 22.94 ? 202 GLU A CB  1 
ATOM   1499 C CG  . GLU A 1 202 ? 8.296   3.892   19.768  1.00 26.43 ? 202 GLU A CG  1 
ATOM   1500 C CD  . GLU A 1 202 ? 7.188   4.629   19.057  1.00 31.09 ? 202 GLU A CD  1 
ATOM   1501 O OE1 . GLU A 1 202 ? 6.963   5.818   19.379  1.00 36.81 ? 202 GLU A OE1 1 
ATOM   1502 O OE2 . GLU A 1 202 ? 6.523   4.029   18.198  1.00 36.54 ? 202 GLU A OE2 1 
ATOM   1503 N N   . GLU A 1 203 ? 10.968  5.092   23.223  1.00 22.18 ? 203 GLU A N   1 
ATOM   1504 C CA  . GLU A 1 203 ? 11.418  5.837   24.384  1.00 23.32 ? 203 GLU A CA  1 
ATOM   1505 C C   . GLU A 1 203 ? 10.382  6.848   24.851  1.00 24.73 ? 203 GLU A C   1 
ATOM   1506 O O   . GLU A 1 203 ? 10.165  7.019   26.057  1.00 24.68 ? 203 GLU A O   1 
ATOM   1507 C CB  . GLU A 1 203 ? 12.711  6.583   24.063  1.00 22.46 ? 203 GLU A CB  1 
ATOM   1508 C CG  . GLU A 1 203 ? 13.424  7.128   25.291  1.00 21.73 ? 203 GLU A CG  1 
ATOM   1509 C CD  . GLU A 1 203 ? 14.184  6.054   26.035  1.00 20.32 ? 203 GLU A CD  1 
ATOM   1510 O OE1 . GLU A 1 203 ? 14.166  4.895   25.581  1.00 20.47 ? 203 GLU A OE1 1 
ATOM   1511 O OE2 . GLU A 1 203 ? 14.832  6.371   27.064  1.00 21.59 ? 203 GLU A OE2 1 
ATOM   1512 N N   . HIS A 1 204 ? 9.746   7.526   23.904  1.00 26.55 ? 204 HIS A N   1 
ATOM   1513 C CA  . HIS A 1 204 ? 8.789   8.563   24.252  1.00 28.87 ? 204 HIS A CA  1 
ATOM   1514 C C   . HIS A 1 204 ? 7.475   7.990   24.780  1.00 30.19 ? 204 HIS A C   1 
ATOM   1515 O O   . HIS A 1 204 ? 6.825   7.174   24.112  1.00 30.56 ? 204 HIS A O   1 
ATOM   1516 C CB  . HIS A 1 204 ? 8.515   9.481   23.058  1.00 29.73 ? 204 HIS A CB  1 
ATOM   1517 C CG  . HIS A 1 204 ? 7.474   10.519  23.334  1.00 31.23 ? 204 HIS A CG  1 
ATOM   1518 N ND1 . HIS A 1 204 ? 7.732   11.650  24.077  1.00 33.12 ? 204 HIS A ND1 1 
ATOM   1519 C CD2 . HIS A 1 204 ? 6.166   10.584  22.990  1.00 33.73 ? 204 HIS A CD2 1 
ATOM   1520 C CE1 . HIS A 1 204 ? 6.631   12.376  24.168  1.00 34.06 ? 204 HIS A CE1 1 
ATOM   1521 N NE2 . HIS A 1 204 ? 5.664   11.750  23.520  1.00 34.26 ? 204 HIS A NE2 1 
ATOM   1522 N N   . HIS A 1 205 ? 7.089   8.439   25.971  1.00 31.13 ? 205 HIS A N   1 
ATOM   1523 C CA  . HIS A 1 205 ? 5.846   8.004   26.607  1.00 32.39 ? 205 HIS A CA  1 
ATOM   1524 C C   . HIS A 1 205 ? 4.856   9.156   26.733  1.00 32.91 ? 205 HIS A C   1 
ATOM   1525 O O   . HIS A 1 205 ? 5.241   10.323  26.799  1.00 33.19 ? 205 HIS A O   1 
ATOM   1526 C CB  . HIS A 1 205 ? 6.137   7.409   27.987  1.00 32.06 ? 205 HIS A CB  1 
ATOM   1527 C CG  . HIS A 1 205 ? 6.747   6.043   27.937  1.00 32.39 ? 205 HIS A CG  1 
ATOM   1528 N ND1 . HIS A 1 205 ? 6.021   4.895   28.175  1.00 31.57 ? 205 HIS A ND1 1 
ATOM   1529 C CD2 . HIS A 1 205 ? 8.014   5.640   27.676  1.00 31.30 ? 205 HIS A CD2 1 
ATOM   1530 C CE1 . HIS A 1 205 ? 6.815   3.845   28.066  1.00 32.22 ? 205 HIS A CE1 1 
ATOM   1531 N NE2 . HIS A 1 205 ? 8.029   4.269   27.759  1.00 32.53 ? 205 HIS A NE2 1 
HETATM 1532 P P   . PO4 B 2 .   ? -11.394 3.390   -0.389  1.00 22.64 ? 210 PO4 A P   1 
HETATM 1533 O O1  . PO4 B 2 .   ? -12.874 3.639   -0.377  1.00 23.10 ? 210 PO4 A O1  1 
HETATM 1534 O O2  . PO4 B 2 .   ? -11.109 2.122   -1.152  1.00 22.97 ? 210 PO4 A O2  1 
HETATM 1535 O O3  . PO4 B 2 .   ? -10.890 3.334   1.018   1.00 22.85 ? 210 PO4 A O3  1 
HETATM 1536 O O4  . PO4 B 2 .   ? -10.733 4.522   -1.161  1.00 22.12 ? 210 PO4 A O4  1 
HETATM 1537 S S   . SO4 C 3 .   ? -21.225 -11.261 3.713   1.00 47.54 ? 211 SO4 A S   1 
HETATM 1538 O O1  . SO4 C 3 .   ? -19.985 -11.231 4.490   1.00 47.55 ? 211 SO4 A O1  1 
HETATM 1539 O O2  . SO4 C 3 .   ? -22.146 -12.211 4.336   1.00 47.96 ? 211 SO4 A O2  1 
HETATM 1540 O O3  . SO4 C 3 .   ? -21.833 -9.933  3.711   1.00 47.53 ? 211 SO4 A O3  1 
HETATM 1541 O O4  . SO4 C 3 .   ? -20.947 -11.656 2.336   1.00 45.42 ? 211 SO4 A O4  1 
HETATM 1542 O O   . HOH D 4 .   ? 15.979  3.240   26.711  1.00 18.13 ? 212 HOH A O   1 
HETATM 1543 O O   . HOH D 4 .   ? -5.228  -16.544 1.118   1.00 19.97 ? 213 HOH A O   1 
HETATM 1544 O O   . HOH D 4 .   ? -6.907  0.595   -6.934  1.00 21.38 ? 214 HOH A O   1 
HETATM 1545 O O   . HOH D 4 .   ? -13.256 -23.991 7.638   1.00 21.78 ? 215 HOH A O   1 
HETATM 1546 O O   . HOH D 4 .   ? -2.425  -1.760  -3.257  1.00 22.50 ? 216 HOH A O   1 
HETATM 1547 O O   . HOH D 4 .   ? -6.677  -12.923 11.433  1.00 24.61 ? 217 HOH A O   1 
HETATM 1548 O O   . HOH D 4 .   ? -4.983  2.635   -8.027  1.00 20.52 ? 218 HOH A O   1 
HETATM 1549 O O   . HOH D 4 .   ? -5.179  18.219  -4.865  1.00 22.90 ? 219 HOH A O   1 
HETATM 1550 O O   . HOH D 4 .   ? -4.883  -1.004  -2.027  1.00 24.33 ? 220 HOH A O   1 
HETATM 1551 O O   . HOH D 4 .   ? 1.979   16.812  -12.073 0.50 19.51 ? 221 HOH A O   1 
HETATM 1552 O O   . HOH D 4 .   ? 0.006   -1.675  -5.458  1.00 24.38 ? 222 HOH A O   1 
HETATM 1553 O O   . HOH D 4 .   ? 11.069  -0.807  -0.669  1.00 23.46 ? 223 HOH A O   1 
HETATM 1554 O O   . HOH D 4 .   ? -0.741  -20.192 -4.046  1.00 28.41 ? 224 HOH A O   1 
HETATM 1555 O O   . HOH D 4 .   ? 7.117   -10.534 9.313   1.00 23.40 ? 225 HOH A O   1 
HETATM 1556 O O   . HOH D 4 .   ? 1.385   18.276  1.091   1.00 23.48 ? 226 HOH A O   1 
HETATM 1557 O O   . HOH D 4 .   ? 4.296   -8.269  12.518  1.00 26.18 ? 227 HOH A O   1 
HETATM 1558 O O   . HOH D 4 .   ? 10.932  -6.328  3.356   1.00 25.11 ? 228 HOH A O   1 
HETATM 1559 O O   . HOH D 4 .   ? 9.745   14.581  -11.068 1.00 26.22 ? 229 HOH A O   1 
HETATM 1560 O O   . HOH D 4 .   ? -3.184  -19.921 2.774   1.00 26.63 ? 230 HOH A O   1 
HETATM 1561 O O   . HOH D 4 .   ? -3.689  13.129  6.039   1.00 26.43 ? 231 HOH A O   1 
HETATM 1562 O O   . HOH D 4 .   ? 9.911   -1.112  1.794   1.00 24.63 ? 232 HOH A O   1 
HETATM 1563 O O   . HOH D 4 .   ? 9.755   -10.531 9.550   1.00 30.18 ? 233 HOH A O   1 
HETATM 1564 O O   . HOH D 4 .   ? -2.552  6.723   11.404  1.00 29.23 ? 234 HOH A O   1 
HETATM 1565 O O   . HOH D 4 .   ? 8.749   20.167  1.201   1.00 29.79 ? 235 HOH A O   1 
HETATM 1566 O O   . HOH D 4 .   ? -8.264  -14.205 -1.639  1.00 23.92 ? 236 HOH A O   1 
HETATM 1567 O O   . HOH D 4 .   ? 8.820   2.518   11.148  1.00 26.40 ? 237 HOH A O   1 
HETATM 1568 O O   . HOH D 4 .   ? -0.289  1.331   -15.013 1.00 25.59 ? 238 HOH A O   1 
HETATM 1569 O O   . HOH D 4 .   ? 13.906  12.896  -12.520 1.00 41.85 ? 239 HOH A O   1 
HETATM 1570 O O   . HOH D 4 .   ? -2.998  5.104   9.279   1.00 27.13 ? 240 HOH A O   1 
HETATM 1571 O O   . HOH D 4 .   ? 9.758   17.233  -10.098 1.00 27.53 ? 241 HOH A O   1 
HETATM 1572 O O   . HOH D 4 .   ? 15.125  2.862   3.262   1.00 29.52 ? 242 HOH A O   1 
HETATM 1573 O O   . HOH D 4 .   ? -14.239 -8.648  6.452   1.00 28.51 ? 243 HOH A O   1 
HETATM 1574 O O   . HOH D 4 .   ? -5.081  0.127   -10.125 1.00 26.99 ? 244 HOH A O   1 
HETATM 1575 O O   . HOH D 4 .   ? -14.879 -22.921 0.592   1.00 28.83 ? 245 HOH A O   1 
HETATM 1576 O O   . HOH D 4 .   ? -13.467 8.266   -1.426  1.00 30.54 ? 246 HOH A O   1 
HETATM 1577 O O   . HOH D 4 .   ? -16.445 -22.258 2.687   1.00 30.84 ? 247 HOH A O   1 
HETATM 1578 O O   . HOH D 4 .   ? -3.207  18.436  -7.167  1.00 46.34 ? 248 HOH A O   1 
HETATM 1579 O O   . HOH D 4 .   ? -7.905  0.564   -10.161 1.00 27.64 ? 249 HOH A O   1 
HETATM 1580 O O   . HOH D 4 .   ? -9.827  4.179   8.254   1.00 28.84 ? 250 HOH A O   1 
HETATM 1581 O O   . HOH D 4 .   ? 5.151   -10.396 1.366   1.00 26.95 ? 251 HOH A O   1 
HETATM 1582 O O   . HOH D 4 .   ? 11.483  -3.718  2.192   1.00 30.72 ? 252 HOH A O   1 
HETATM 1583 O O   . HOH D 4 .   ? -12.136 11.880  -0.913  1.00 26.60 ? 253 HOH A O   1 
HETATM 1584 O O   . HOH D 4 .   ? -10.336 -7.491  -1.918  1.00 32.79 ? 254 HOH A O   1 
HETATM 1585 O O   . HOH D 4 .   ? 14.207  10.997  -14.413 1.00 32.19 ? 255 HOH A O   1 
HETATM 1586 O O   . HOH D 4 .   ? -10.476 16.486  -8.811  1.00 24.19 ? 256 HOH A O   1 
HETATM 1587 O O   . HOH D 4 .   ? 11.946  7.645   5.367   1.00 28.99 ? 257 HOH A O   1 
HETATM 1588 O O   . HOH D 4 .   ? -4.151  20.652  -1.746  1.00 33.42 ? 258 HOH A O   1 
HETATM 1589 O O   . HOH D 4 .   ? -6.016  2.983   -14.448 1.00 34.03 ? 259 HOH A O   1 
HETATM 1590 O O   . HOH D 4 .   ? -19.519 -9.727  0.724   1.00 28.23 ? 260 HOH A O   1 
HETATM 1591 O O   . HOH D 4 .   ? -12.950 3.291   2.802   1.00 33.71 ? 261 HOH A O   1 
HETATM 1592 O O   . HOH D 4 .   ? 4.371   15.813  -12.192 1.00 35.13 ? 262 HOH A O   1 
HETATM 1593 O O   . HOH D 4 .   ? -6.329  -5.741  -2.810  1.00 30.44 ? 263 HOH A O   1 
HETATM 1594 O O   . HOH D 4 .   ? 10.662  14.138  6.043   1.00 30.23 ? 264 HOH A O   1 
HETATM 1595 O O   . HOH D 4 .   ? -18.488 -12.311 -9.160  1.00 39.08 ? 265 HOH A O   1 
HETATM 1596 O O   . HOH D 4 .   ? -13.486 -19.954 7.497   1.00 30.05 ? 266 HOH A O   1 
HETATM 1597 O O   . HOH D 4 .   ? -5.511  7.637   -17.691 1.00 30.63 ? 267 HOH A O   1 
HETATM 1598 O O   . HOH D 4 .   ? -4.676  -10.575 -6.484  1.00 30.86 ? 268 HOH A O   1 
HETATM 1599 O O   . HOH D 4 .   ? -1.918  0.238   14.355  1.00 29.10 ? 269 HOH A O   1 
HETATM 1600 O O   . HOH D 4 .   ? -9.950  -12.061 -8.247  1.00 38.99 ? 270 HOH A O   1 
HETATM 1601 O O   . HOH D 4 .   ? 8.541   1.647   -12.378 1.00 31.75 ? 271 HOH A O   1 
HETATM 1602 O O   . HOH D 4 .   ? 6.055   19.877  1.807   1.00 32.35 ? 272 HOH A O   1 
HETATM 1603 O O   . HOH D 4 .   ? -12.815 -21.207 -1.951  1.00 31.18 ? 273 HOH A O   1 
HETATM 1604 O O   . HOH D 4 .   ? 0.634   -18.414 -5.607  1.00 30.83 ? 274 HOH A O   1 
HETATM 1605 O O   . HOH D 4 .   ? 8.499   13.996  9.068   1.00 30.09 ? 275 HOH A O   1 
HETATM 1606 O O   . HOH D 4 .   ? -13.679 -2.119  7.386   1.00 34.26 ? 276 HOH A O   1 
HETATM 1607 O O   . HOH D 4 .   ? 15.251  -2.936  -12.505 1.00 40.84 ? 277 HOH A O   1 
HETATM 1608 O O   . HOH D 4 .   ? 7.582   1.365   -15.061 1.00 29.31 ? 278 HOH A O   1 
HETATM 1609 O O   . HOH D 4 .   ? -5.922  -18.870 1.923   1.00 31.64 ? 279 HOH A O   1 
HETATM 1610 O O   . HOH D 4 .   ? 14.329  1.693   11.808  1.00 36.39 ? 280 HOH A O   1 
HETATM 1611 O O   . HOH D 4 .   ? -16.768 -6.722  -5.512  1.00 47.18 ? 281 HOH A O   1 
HETATM 1612 O O   . HOH D 4 .   ? -6.993  -27.797 -2.646  1.00 38.23 ? 282 HOH A O   1 
HETATM 1613 O O   . HOH D 4 .   ? -0.797  -6.840  -4.629  1.00 42.57 ? 283 HOH A O   1 
HETATM 1614 O O   . HOH D 4 .   ? 12.475  9.944   6.353   1.00 37.24 ? 284 HOH A O   1 
HETATM 1615 O O   . HOH D 4 .   ? -17.537 -19.800 6.051   1.00 36.43 ? 285 HOH A O   1 
HETATM 1616 O O   . HOH D 4 .   ? -1.913  9.574   -18.510 1.00 35.98 ? 286 HOH A O   1 
HETATM 1617 O O   . HOH D 4 .   ? 5.079   17.715  8.379   1.00 41.63 ? 287 HOH A O   1 
HETATM 1618 O O   . HOH D 4 .   ? 6.371   1.162   21.440  1.00 34.23 ? 288 HOH A O   1 
HETATM 1619 O O   . HOH D 4 .   ? 3.191   -20.459 -1.796  1.00 36.06 ? 289 HOH A O   1 
HETATM 1620 O O   . HOH D 4 .   ? -3.632  -20.580 -7.668  1.00 36.95 ? 290 HOH A O   1 
HETATM 1621 O O   . HOH D 4 .   ? -9.767  1.788   9.128   1.00 36.02 ? 291 HOH A O   1 
HETATM 1622 O O   . HOH D 4 .   ? 19.090  2.852   -4.387  1.00 33.36 ? 292 HOH A O   1 
HETATM 1623 O O   . HOH D 4 .   ? 4.092   14.139  10.398  1.00 41.04 ? 293 HOH A O   1 
HETATM 1624 O O   . HOH D 4 .   ? 16.348  -5.386  4.455   1.00 39.61 ? 294 HOH A O   1 
HETATM 1625 O O   . HOH D 4 .   ? 1.527   -7.675  -2.818  1.00 30.03 ? 295 HOH A O   1 
HETATM 1626 O O   . HOH D 4 .   ? 3.523   9.496   16.824  1.00 43.26 ? 296 HOH A O   1 
HETATM 1627 O O   . HOH D 4 .   ? -2.387  -4.185  -4.229  1.00 31.16 ? 297 HOH A O   1 
HETATM 1628 O O   . HOH D 4 .   ? -22.214 -11.685 -6.952  1.00 34.51 ? 298 HOH A O   1 
HETATM 1629 O O   . HOH D 4 .   ? -14.965 9.130   4.433   1.00 44.03 ? 299 HOH A O   1 
HETATM 1630 O O   . HOH D 4 .   ? -22.917 -19.107 2.696   1.00 49.11 ? 300 HOH A O   1 
HETATM 1631 O O   . HOH D 4 .   ? -7.663  0.163   11.210  1.00 38.74 ? 301 HOH A O   1 
HETATM 1632 O O   . HOH D 4 .   ? 18.240  8.120   -11.080 1.00 46.96 ? 302 HOH A O   1 
HETATM 1633 O O   . HOH D 4 .   ? -11.812 13.134  3.096   1.00 36.24 ? 303 HOH A O   1 
HETATM 1634 O O   . HOH D 4 .   ? 8.738   8.545   19.323  1.00 33.36 ? 304 HOH A O   1 
HETATM 1635 O O   . HOH D 4 .   ? -13.214 13.920  0.547   1.00 42.04 ? 305 HOH A O   1 
HETATM 1636 O O   . HOH D 4 .   ? 11.522  -13.490 7.112   1.00 47.80 ? 306 HOH A O   1 
HETATM 1637 O O   . HOH D 4 .   ? 5.734   13.261  -16.141 1.00 40.96 ? 307 HOH A O   1 
HETATM 1638 O O   . HOH D 4 .   ? -14.177 5.822   -1.200  1.00 31.77 ? 308 HOH A O   1 
HETATM 1639 O O   . HOH D 4 .   ? -13.689 -24.725 -6.080  1.00 43.49 ? 309 HOH A O   1 
HETATM 1640 O O   . HOH D 4 .   ? -2.277  13.363  11.150  1.00 40.91 ? 310 HOH A O   1 
HETATM 1641 O O   . HOH D 4 .   ? 12.675  0.701   9.662   1.00 43.42 ? 311 HOH A O   1 
HETATM 1642 O O   . HOH D 4 .   ? 12.445  -2.175  21.765  1.00 38.82 ? 312 HOH A O   1 
HETATM 1643 O O   . HOH D 4 .   ? 11.720  5.848   27.943  1.00 35.49 ? 313 HOH A O   1 
HETATM 1644 O O   . HOH D 4 .   ? 13.505  -7.314  4.280   1.00 36.66 ? 314 HOH A O   1 
HETATM 1645 O O   . HOH D 4 .   ? 11.656  11.791  0.590   1.00 36.90 ? 315 HOH A O   1 
HETATM 1646 O O   . HOH D 4 .   ? -2.310  16.848  3.097   1.00 44.96 ? 316 HOH A O   1 
HETATM 1647 O O   . HOH D 4 .   ? 6.124   9.816   12.878  1.00 38.64 ? 317 HOH A O   1 
HETATM 1648 O O   . HOH D 4 .   ? 11.022  12.281  9.053   1.00 55.39 ? 318 HOH A O   1 
HETATM 1649 O O   . HOH D 4 .   ? -4.690  13.776  13.420  1.00 43.89 ? 319 HOH A O   1 
HETATM 1650 O O   . HOH D 4 .   ? 11.476  18.603  -11.871 1.00 32.28 ? 320 HOH A O   1 
HETATM 1651 O O   . HOH D 4 .   ? 0.186   9.738   -22.766 1.00 41.82 ? 321 HOH A O   1 
HETATM 1652 O O   . HOH D 4 .   ? -13.354 9.028   -7.163  1.00 39.15 ? 322 HOH A O   1 
HETATM 1653 O O   . HOH D 4 .   ? -18.965 -20.536 -3.903  1.00 40.60 ? 323 HOH A O   1 
HETATM 1654 O O   . HOH D 4 .   ? 18.197  -6.625  13.136  1.00 34.74 ? 324 HOH A O   1 
HETATM 1655 O O   . HOH D 4 .   ? 11.016  -13.862 4.314   1.00 45.07 ? 325 HOH A O   1 
HETATM 1656 O O   . HOH D 4 .   ? -5.973  21.055  1.677   1.00 40.41 ? 326 HOH A O   1 
HETATM 1657 O O   . HOH D 4 .   ? -16.636 -4.037  0.611   1.00 40.25 ? 327 HOH A O   1 
HETATM 1658 O O   . HOH D 4 .   ? 4.914   -5.456  -3.748  1.00 26.93 ? 328 HOH A O   1 
HETATM 1659 O O   . HOH D 4 .   ? 6.794   3.252   24.876  1.00 34.82 ? 329 HOH A O   1 
HETATM 1660 O O   . HOH D 4 .   ? -0.140  -12.314 -12.034 1.00 54.28 ? 330 HOH A O   1 
HETATM 1661 O O   . HOH D 4 .   ? -6.294  -3.102  -3.465  1.00 34.96 ? 331 HOH A O   1 
HETATM 1662 O O   . HOH D 4 .   ? -9.374  -1.310  -9.175  1.00 39.75 ? 332 HOH A O   1 
HETATM 1663 O O   . HOH D 4 .   ? 1.196   -8.448  14.165  1.00 57.82 ? 333 HOH A O   1 
HETATM 1664 O O   . HOH D 4 .   ? 3.876   -19.245 -5.994  1.00 52.65 ? 334 HOH A O   1 
HETATM 1665 O O   . HOH D 4 .   ? -8.722  -6.594  -5.013  1.00 39.08 ? 335 HOH A O   1 
HETATM 1666 O O   . HOH D 4 .   ? -2.318  -21.858 -5.627  1.00 34.08 ? 336 HOH A O   1 
HETATM 1667 O O   . HOH D 4 .   ? 6.032   -10.409 12.007  1.00 29.19 ? 337 HOH A O   1 
HETATM 1668 O O   . HOH D 4 .   ? 2.789   -9.613  14.612  1.00 22.38 ? 338 HOH A O   1 
HETATM 1669 O O   . HOH D 4 .   ? -14.017 -11.126 7.358   1.00 28.33 ? 339 HOH A O   1 
HETATM 1670 O O   . HOH D 4 .   ? -13.057 -7.065  8.390   1.00 36.69 ? 340 HOH A O   1 
HETATM 1671 O O   . HOH D 4 .   ? -16.648 -12.122 8.183   1.00 40.61 ? 341 HOH A O   1 
HETATM 1672 O O   . HOH D 4 .   ? -17.361 -14.688 -11.284 1.00 56.88 ? 342 HOH A O   1 
HETATM 1673 O O   . HOH D 4 .   ? 8.601   2.545   -17.509 1.00 36.18 ? 343 HOH A O   1 
HETATM 1674 O O   . HOH D 4 .   ? -2.788  0.438   -14.907 1.00 35.28 ? 344 HOH A O   1 
HETATM 1675 O O   . HOH D 4 .   ? -2.317  -2.144  -15.548 1.00 40.78 ? 345 HOH A O   1 
HETATM 1676 O O   . HOH D 4 .   ? -5.013  0.438   -13.073 1.00 34.22 ? 346 HOH A O   1 
HETATM 1677 O O   . HOH D 4 .   ? -11.421 -0.847  -6.148  1.00 42.63 ? 347 HOH A O   1 
HETATM 1678 O O   . HOH D 4 .   ? -12.752 2.293   5.518   1.00 31.63 ? 348 HOH A O   1 
HETATM 1679 O O   . HOH D 4 .   ? 2.378   6.262   -17.181 1.00 35.17 ? 349 HOH A O   1 
HETATM 1680 O O   . HOH D 4 .   ? -10.131 5.031   -12.469 1.00 26.28 ? 350 HOH A O   1 
HETATM 1681 O O   . HOH D 4 .   ? 4.718   -13.958 -0.558  1.00 37.31 ? 351 HOH A O   1 
HETATM 1682 O O   . HOH D 4 .   ? 7.571   -11.801 6.071   1.00 35.31 ? 352 HOH A O   1 
HETATM 1683 O O   . HOH D 4 .   ? 10.260  -12.488 11.168  1.00 39.94 ? 353 HOH A O   1 
HETATM 1684 O O   . HOH D 4 .   ? -0.067  -9.482  14.094  1.00 31.67 ? 354 HOH A O   1 
HETATM 1685 O O   . HOH D 4 .   ? -1.065  -7.107  15.681  1.00 40.79 ? 355 HOH A O   1 
HETATM 1686 O O   . HOH D 4 .   ? -12.168 -11.341 9.235   1.00 40.82 ? 356 HOH A O   1 
HETATM 1687 O O   . HOH D 4 .   ? -16.971 -8.523  6.952   1.00 43.24 ? 357 HOH A O   1 
HETATM 1688 O O   . HOH D 4 .   ? 12.920  -0.246  -18.946 1.00 44.63 ? 358 HOH A O   1 
HETATM 1689 O O   . HOH D 4 .   ? 15.360  0.709   -16.622 1.00 38.46 ? 359 HOH A O   1 
# 
